data_6MUL
#
_entry.id   6MUL
#
_cell.length_a   63.030
_cell.length_b   219.110
_cell.length_c   78.240
_cell.angle_alpha   90.00
_cell.angle_beta   113.62
_cell.angle_gamma   90.00
#
_symmetry.space_group_name_H-M   'P 1 21 1'
#
loop_
_entity.id
_entity.type
_entity.pdbx_description
1 polymer 'Phosphatidylinositol 4,5-bisphosphate 3-kinase catalytic subunit delta isoform'
2 non-polymer 1-{1-[8-(1-ethyl-5-methyl-1H-pyrazol-4-yl)-9-methyl-9H-purin-6-yl]piperidin-4-yl}-1,3-dihydro-2H-imidazo[4,5-b]pyridin-2-one
#
_entity_poly.entity_id   1
_entity_poly.type   'polypeptide(L)'
_entity_poly.pdbx_seq_one_letter_code
;GGDRVKKLINSQISLLIGKGLHEFDSLRDPEVNDFRTKMRQFCEEAAAHRQQLGWVEWLQYSFPLQLEPSARGWRAGLLR
VSNRALLVNVKFEGSEESFTFQVSTKDMPLALMACALRKKATVFRQPLVEQPEEYALQVNGRHEYLYGNYPLCHFQYICS
CLHSGLTPHLTMVHSSSILAMRDEQSNPAPQVQKPRAKPPPIPAKKPSSVSLWSLEQPFSIELIEGRKVNADERMKLVVQ
AGLFHGNEMLCKTVSSSEVNVCSEPVWKQRLEFDISVCDLPRMARLCFALYAVVEKAKKARSTKKKSKKADCPIAWANLM
LFDYKDQLKTGERCLYMWPSVPDEKGELLNPAGTVRGNPNTESAAALVIYLPEVAPHPVYFPALEKILELGRHGERGRIT
EEEQLQLREILERRGSGELYEHEKDLVWKMRHEVQEHFPEALARLLLVTKWNKHEDVAQMLYLLCSWPELPVLSALELLD
FSFPDCYVGSFAIKSLRKLTDDELFQYLLQLVQVLKYESYLDCELTKFLLGRALANRKIGHFLFWHLRSEMHVPSVALRF
GLIMEAYCRGSTHHMKVLMKQGEALSKLKALNDFVKVSSQKTTKPQTKEMMHMCMRQETYMEALSHLQSPLDPSTLLEEV
CVEQCTFMDSKMKPLWIMYSSEEAGSAGNVGIIFKNGDDLRQDMLTLQMIQLMDVLWKQEGLDLRMTPYGCLPTGDRTGL
IEVVLHSDTIANIQLNKSNMAATAAFNKDALLNWLKSKNPGEALDRAIEEFTLSCAGYCVATYVLGIGDRHSDNIMIRES
GQLFHIDFGHFLGNFKTKFGINRERVPFILTYDFVHVIQQGKTNNSEKFERFRGYCERAYTILRRHGLLFLHLFALMRAA
GLPELSCSKDIQYLKDSLALGKTEEEALKHFRVKFNEALRESWKTKVNWLAHNVSKDNRQ
;
_entity_poly.pdbx_strand_id   A,B
#
# COMPACT_ATOMS: atom_id res chain seq x y z
N VAL A 5 1.22 -43.36 -13.06
CA VAL A 5 2.09 -44.12 -12.17
C VAL A 5 3.26 -43.22 -11.75
N LYS A 6 4.17 -42.89 -12.68
CA LYS A 6 5.32 -41.99 -12.43
C LYS A 6 4.79 -40.55 -12.32
N LYS A 7 3.98 -40.10 -13.30
CA LYS A 7 3.37 -38.75 -13.30
C LYS A 7 2.47 -38.63 -12.08
N LEU A 8 1.70 -39.70 -11.78
CA LEU A 8 0.79 -39.71 -10.64
C LEU A 8 1.57 -39.44 -9.35
N ILE A 9 2.70 -40.13 -9.15
CA ILE A 9 3.56 -39.89 -8.00
C ILE A 9 4.12 -38.46 -8.02
N ASN A 10 4.59 -37.97 -9.19
CA ASN A 10 5.11 -36.60 -9.28
C ASN A 10 4.04 -35.56 -8.97
N SER A 11 2.87 -35.69 -9.58
CA SER A 11 1.74 -34.78 -9.32
C SER A 11 1.17 -34.94 -7.89
N GLN A 12 1.35 -36.14 -7.28
CA GLN A 12 0.96 -36.39 -5.89
C GLN A 12 1.93 -35.64 -4.98
N ILE A 13 3.23 -35.77 -5.20
CA ILE A 13 4.24 -35.09 -4.40
C ILE A 13 4.03 -33.55 -4.41
N SER A 14 3.66 -32.98 -5.57
CA SER A 14 3.44 -31.54 -5.71
C SER A 14 2.21 -31.17 -4.90
N LEU A 15 1.17 -32.00 -5.03
CA LEU A 15 -0.08 -31.86 -4.30
C LEU A 15 0.19 -31.85 -2.77
N LEU A 16 1.12 -32.73 -2.35
CA LEU A 16 1.54 -32.87 -0.97
C LEU A 16 2.45 -31.74 -0.49
N ILE A 17 3.55 -31.44 -1.17
CA ILE A 17 4.42 -30.35 -0.69
C ILE A 17 3.70 -28.99 -0.82
N GLY A 18 2.71 -28.86 -1.72
CA GLY A 18 2.03 -27.58 -1.93
C GLY A 18 2.88 -26.66 -2.79
N LYS A 19 3.56 -27.24 -3.80
CA LYS A 19 4.44 -26.52 -4.73
C LYS A 19 4.67 -27.43 -5.93
N GLY A 20 4.63 -26.85 -7.15
CA GLY A 20 4.84 -27.62 -8.38
C GLY A 20 6.30 -28.00 -8.56
N LEU A 21 6.59 -29.30 -8.83
CA LEU A 21 7.96 -29.78 -9.05
C LEU A 21 8.68 -29.07 -10.22
N HIS A 22 7.90 -28.65 -11.22
CA HIS A 22 8.38 -27.92 -12.39
C HIS A 22 9.01 -26.60 -12.00
N GLU A 23 8.56 -26.00 -10.87
CA GLU A 23 9.08 -24.72 -10.37
C GLU A 23 10.56 -24.82 -10.00
N PHE A 24 11.05 -26.04 -9.67
CA PHE A 24 12.45 -26.27 -9.36
C PHE A 24 13.27 -26.27 -10.65
N ASP A 25 12.73 -26.90 -11.73
CA ASP A 25 13.40 -26.96 -13.04
C ASP A 25 13.55 -25.57 -13.67
N SER A 26 12.45 -24.80 -13.65
CA SER A 26 12.39 -23.43 -14.19
C SER A 26 13.43 -22.44 -13.59
N LEU A 27 14.04 -22.75 -12.43
CA LEU A 27 15.11 -21.93 -11.84
C LEU A 27 16.41 -22.10 -12.68
N ARG A 28 16.68 -23.35 -13.11
CA ARG A 28 17.87 -23.76 -13.87
C ARG A 28 19.16 -23.59 -13.04
N ASP A 29 19.04 -23.62 -11.68
CA ASP A 29 20.18 -23.52 -10.78
C ASP A 29 20.74 -24.93 -10.71
N PRO A 30 22.04 -25.16 -11.05
CA PRO A 30 22.56 -26.54 -10.96
C PRO A 30 22.71 -27.01 -9.51
N GLU A 31 22.78 -26.08 -8.51
CA GLU A 31 22.82 -26.46 -7.09
C GLU A 31 21.53 -27.21 -6.76
N VAL A 32 20.38 -26.65 -7.21
CA VAL A 32 19.05 -27.23 -7.04
C VAL A 32 19.00 -28.56 -7.79
N ASN A 33 19.42 -28.56 -9.06
CA ASN A 33 19.41 -29.79 -9.87
C ASN A 33 20.26 -30.87 -9.21
N ASP A 34 21.40 -30.46 -8.62
CA ASP A 34 22.33 -31.35 -7.91
C ASP A 34 21.74 -31.88 -6.60
N PHE A 35 21.00 -30.99 -5.88
CA PHE A 35 20.35 -31.37 -4.63
C PHE A 35 19.29 -32.45 -4.87
N ARG A 36 18.43 -32.26 -5.88
CA ARG A 36 17.37 -33.22 -6.21
C ARG A 36 17.90 -34.59 -6.59
N THR A 37 19.08 -34.66 -7.23
CA THR A 37 19.66 -35.91 -7.72
C THR A 37 20.42 -36.70 -6.65
N LYS A 38 21.26 -35.99 -5.87
CA LYS A 38 22.06 -36.60 -4.82
C LYS A 38 21.15 -37.19 -3.77
N MET A 39 20.19 -36.36 -3.30
CA MET A 39 19.23 -36.72 -2.27
C MET A 39 18.29 -37.82 -2.70
N ARG A 40 17.72 -37.71 -3.90
CA ARG A 40 16.84 -38.74 -4.38
C ARG A 40 17.52 -40.10 -4.24
N GLN A 41 18.80 -40.22 -4.66
CA GLN A 41 19.55 -41.48 -4.61
C GLN A 41 19.75 -41.91 -3.16
N PHE A 42 20.14 -40.94 -2.32
CA PHE A 42 20.33 -41.16 -0.89
C PHE A 42 19.07 -41.74 -0.28
N CYS A 43 17.95 -41.04 -0.51
CA CYS A 43 16.63 -41.42 -0.01
C CYS A 43 16.14 -42.72 -0.59
N GLU A 44 16.40 -42.95 -1.86
CA GLU A 44 15.97 -44.19 -2.51
C GLU A 44 16.67 -45.41 -1.93
N GLU A 45 17.96 -45.24 -1.62
CA GLU A 45 18.79 -46.31 -1.07
C GLU A 45 18.30 -46.70 0.33
N ALA A 46 17.91 -45.69 1.13
CA ALA A 46 17.35 -45.91 2.47
C ALA A 46 16.06 -46.78 2.43
N ALA A 47 15.23 -46.57 1.40
CA ALA A 47 14.01 -47.37 1.23
C ALA A 47 14.34 -48.81 0.85
N ALA A 48 15.41 -49.00 0.03
CA ALA A 48 15.81 -50.32 -0.43
C ALA A 48 16.24 -51.18 0.74
N HIS A 49 17.06 -50.62 1.64
CA HIS A 49 17.54 -51.31 2.85
C HIS A 49 16.37 -51.67 3.74
N ARG A 50 15.49 -50.69 3.91
CA ARG A 50 14.29 -50.80 4.72
C ARG A 50 13.37 -51.95 4.28
N GLN A 51 13.37 -52.33 3.00
CA GLN A 51 12.53 -53.44 2.52
C GLN A 51 13.10 -54.83 2.86
N GLN A 52 14.40 -54.94 3.29
CA GLN A 52 14.98 -56.23 3.65
C GLN A 52 15.04 -56.47 5.17
N LEU A 53 14.53 -55.53 6.00
CA LEU A 53 14.52 -55.65 7.47
C LEU A 53 13.57 -56.76 7.94
N GLY A 54 13.83 -57.35 9.10
CA GLY A 54 12.96 -58.41 9.66
C GLY A 54 11.65 -57.80 10.18
N TRP A 55 10.55 -58.58 10.18
CA TRP A 55 9.23 -58.11 10.64
C TRP A 55 9.26 -57.34 11.97
N VAL A 56 10.04 -57.80 12.96
CA VAL A 56 10.17 -57.06 14.21
C VAL A 56 10.95 -55.75 13.95
N GLU A 57 12.03 -55.79 13.13
CA GLU A 57 12.76 -54.56 12.80
C GLU A 57 11.91 -53.61 11.95
N TRP A 58 10.98 -54.15 11.17
CA TRP A 58 10.07 -53.35 10.35
C TRP A 58 9.11 -52.66 11.27
N LEU A 59 8.63 -53.38 12.32
CA LEU A 59 7.69 -52.82 13.29
C LEU A 59 8.35 -51.66 13.99
N GLN A 60 9.67 -51.70 14.23
CA GLN A 60 10.36 -50.58 14.87
C GLN A 60 10.45 -49.30 13.97
N TYR A 61 10.20 -49.42 12.64
CA TYR A 61 10.19 -48.30 11.68
C TYR A 61 8.80 -47.73 11.61
N SER A 62 7.85 -48.62 11.25
CA SER A 62 6.45 -48.29 11.01
C SER A 62 5.61 -48.15 12.29
N PHE A 63 5.96 -48.89 13.37
CA PHE A 63 5.27 -48.88 14.66
C PHE A 63 6.26 -48.70 15.82
N PRO A 64 6.88 -47.51 15.95
CA PRO A 64 7.79 -47.26 17.07
C PRO A 64 7.06 -47.43 18.41
N LEU A 65 7.63 -48.27 19.32
CA LEU A 65 7.02 -48.52 20.62
C LEU A 65 6.89 -47.24 21.44
N GLN A 66 5.68 -47.00 21.94
CA GLN A 66 5.40 -45.84 22.77
C GLN A 66 5.38 -46.30 24.21
N LEU A 67 6.55 -46.20 24.83
CA LEU A 67 6.76 -46.59 26.21
C LEU A 67 6.48 -45.40 27.14
N GLU A 68 6.56 -45.62 28.46
CA GLU A 68 6.39 -44.58 29.45
C GLU A 68 7.77 -44.15 30.00
N PRO A 69 7.99 -42.84 30.29
CA PRO A 69 9.29 -42.41 30.83
C PRO A 69 9.40 -42.65 32.35
N ASN A 83 4.04 -55.63 42.58
CA ASN A 83 3.37 -56.84 42.10
C ASN A 83 1.85 -56.61 42.09
N ARG A 84 1.22 -56.63 40.90
CA ARG A 84 -0.22 -56.40 40.75
C ARG A 84 -0.76 -57.02 39.46
N ALA A 85 -1.90 -57.71 39.53
CA ALA A 85 -2.51 -58.35 38.35
C ALA A 85 -3.52 -57.44 37.65
N LEU A 86 -4.02 -57.84 36.45
CA LEU A 86 -4.99 -57.07 35.67
C LEU A 86 -5.69 -57.84 34.53
N LEU A 87 -6.94 -57.46 34.20
CA LEU A 87 -7.71 -58.08 33.12
C LEU A 87 -7.24 -57.54 31.78
N VAL A 88 -7.21 -58.39 30.75
CA VAL A 88 -6.76 -58.01 29.40
C VAL A 88 -7.51 -58.81 28.32
N ASN A 89 -8.13 -58.13 27.32
CA ASN A 89 -8.82 -58.81 26.21
C ASN A 89 -7.86 -59.05 25.03
N VAL A 90 -7.97 -60.20 24.36
CA VAL A 90 -7.08 -60.55 23.24
C VAL A 90 -7.87 -61.29 22.15
N LYS A 91 -7.43 -61.21 20.88
CA LYS A 91 -8.06 -61.93 19.76
C LYS A 91 -7.09 -62.11 18.58
N PHE A 92 -7.54 -62.75 17.49
CA PHE A 92 -6.71 -63.02 16.30
C PHE A 92 -7.21 -62.23 15.10
N GLU A 93 -6.45 -62.28 13.98
CA GLU A 93 -6.79 -61.52 12.79
C GLU A 93 -7.98 -62.06 12.01
N GLY A 94 -7.90 -63.30 11.50
CA GLY A 94 -8.97 -63.91 10.71
C GLY A 94 -10.31 -63.99 11.49
N SER A 95 -10.29 -64.62 12.67
CA SER A 95 -11.45 -64.77 13.54
C SER A 95 -11.79 -63.45 14.27
N GLU A 96 -13.02 -63.40 14.83
CA GLU A 96 -13.52 -62.25 15.59
C GLU A 96 -13.78 -62.57 17.07
N GLU A 97 -13.61 -63.84 17.50
CA GLU A 97 -13.85 -64.20 18.90
C GLU A 97 -12.71 -63.71 19.77
N SER A 98 -13.02 -63.33 21.03
CA SER A 98 -12.02 -62.83 21.96
C SER A 98 -12.10 -63.48 23.35
N PHE A 99 -11.01 -63.35 24.14
CA PHE A 99 -10.88 -63.96 25.48
C PHE A 99 -10.19 -63.00 26.44
N THR A 100 -10.37 -63.20 27.76
CA THR A 100 -9.78 -62.35 28.81
C THR A 100 -8.80 -63.16 29.69
N PHE A 101 -7.80 -62.46 30.28
CA PHE A 101 -6.77 -63.07 31.12
C PHE A 101 -6.39 -62.27 32.32
N GLN A 102 -5.74 -62.94 33.28
CA GLN A 102 -5.15 -62.33 34.47
C GLN A 102 -3.64 -62.34 34.21
N VAL A 103 -3.02 -61.16 34.12
CA VAL A 103 -1.58 -61.06 33.85
C VAL A 103 -0.97 -59.97 34.75
N SER A 104 0.31 -60.13 35.11
CA SER A 104 0.98 -59.16 35.97
C SER A 104 1.37 -57.90 35.21
N THR A 105 1.58 -56.80 35.92
CA THR A 105 2.05 -55.55 35.30
C THR A 105 3.50 -55.74 34.82
N LYS A 106 4.28 -56.58 35.55
CA LYS A 106 5.65 -56.89 35.21
C LYS A 106 5.78 -57.97 34.10
N ASP A 107 4.68 -58.66 33.71
CA ASP A 107 4.73 -59.71 32.67
C ASP A 107 5.06 -59.12 31.30
N MET A 108 5.72 -59.92 30.46
CA MET A 108 6.15 -59.51 29.13
C MET A 108 5.01 -59.68 28.12
N PRO A 109 5.21 -59.21 26.87
CA PRO A 109 4.23 -59.45 25.82
C PRO A 109 4.16 -60.93 25.50
N LEU A 110 5.33 -61.60 25.42
CA LEU A 110 5.41 -63.04 25.13
C LEU A 110 4.58 -63.88 26.13
N ALA A 111 4.68 -63.56 27.43
CA ALA A 111 3.92 -64.24 28.49
C ALA A 111 2.42 -64.14 28.21
N LEU A 112 1.98 -62.93 27.81
CA LEU A 112 0.59 -62.66 27.46
C LEU A 112 0.24 -63.41 26.17
N MET A 113 1.13 -63.35 25.17
CA MET A 113 0.89 -64.03 23.89
C MET A 113 0.80 -65.56 24.06
N ALA A 114 1.52 -66.12 25.07
CA ALA A 114 1.51 -67.55 25.33
C ALA A 114 0.15 -68.01 25.79
N CYS A 115 -0.44 -67.34 26.82
CA CYS A 115 -1.78 -67.66 27.32
C CYS A 115 -2.81 -67.49 26.19
N ALA A 116 -2.63 -66.44 25.34
CA ALA A 116 -3.48 -66.18 24.18
C ALA A 116 -3.35 -67.32 23.17
N LEU A 117 -2.12 -67.85 22.99
CA LEU A 117 -1.91 -69.01 22.12
C LEU A 117 -2.52 -70.27 22.72
N ARG A 118 -2.36 -70.48 24.05
CA ARG A 118 -2.93 -71.63 24.75
C ARG A 118 -4.46 -71.59 24.67
N LYS A 119 -5.08 -70.40 24.85
CA LYS A 119 -6.55 -70.28 24.78
C LYS A 119 -7.05 -70.56 23.37
N LYS A 120 -6.31 -70.17 22.32
CA LYS A 120 -6.71 -70.50 20.96
C LYS A 120 -6.45 -72.01 20.75
N ALA A 121 -5.36 -72.56 21.33
CA ALA A 121 -5.03 -73.99 21.23
C ALA A 121 -6.05 -74.90 21.95
N THR A 122 -6.83 -74.36 22.91
CA THR A 122 -7.89 -75.11 23.60
C THR A 122 -9.25 -74.93 22.87
N VAL A 123 -9.54 -73.75 22.30
CA VAL A 123 -10.80 -73.51 21.56
C VAL A 123 -10.67 -74.15 20.16
N PHE A 124 -9.55 -73.92 19.47
CA PHE A 124 -9.25 -74.51 18.15
C PHE A 124 -8.90 -76.00 18.30
N ARG A 125 -8.42 -76.40 19.51
CA ARG A 125 -8.08 -77.78 19.89
C ARG A 125 -6.84 -78.32 19.14
N GLN A 126 -5.76 -77.52 19.14
CA GLN A 126 -4.46 -77.85 18.53
C GLN A 126 -4.59 -78.30 17.07
N GLN A 131 3.76 -71.07 18.99
CA GLN A 131 5.04 -70.37 18.86
C GLN A 131 4.87 -68.84 19.11
N PRO A 132 4.84 -68.41 20.41
CA PRO A 132 4.66 -66.98 20.78
C PRO A 132 5.66 -66.00 20.16
N GLU A 133 6.87 -66.46 19.86
CA GLU A 133 7.89 -65.62 19.23
C GLU A 133 7.49 -65.20 17.80
N GLU A 134 6.52 -65.89 17.16
CA GLU A 134 6.06 -65.56 15.81
C GLU A 134 4.78 -64.72 15.77
N TYR A 135 4.48 -63.99 16.85
CA TYR A 135 3.30 -63.12 16.91
C TYR A 135 3.66 -61.76 17.47
N ALA A 136 2.77 -60.79 17.24
CA ALA A 136 2.89 -59.44 17.75
C ALA A 136 1.50 -59.02 18.21
N LEU A 137 1.42 -58.22 19.28
CA LEU A 137 0.13 -57.75 19.80
C LEU A 137 -0.20 -56.38 19.22
N GLN A 138 -1.12 -56.34 18.23
CA GLN A 138 -1.58 -55.08 17.64
C GLN A 138 -2.66 -54.50 18.52
N VAL A 139 -2.58 -53.20 18.86
CA VAL A 139 -3.64 -52.53 19.63
C VAL A 139 -4.78 -52.30 18.62
N ASN A 140 -6.00 -52.78 18.96
CA ASN A 140 -7.15 -52.70 18.07
C ASN A 140 -7.63 -51.27 17.91
N GLY A 141 -7.85 -50.83 16.66
CA GLY A 141 -8.29 -49.47 16.35
C GLY A 141 -7.24 -48.39 16.64
N ARG A 142 -5.94 -48.77 16.66
CA ARG A 142 -4.80 -47.84 16.86
C ARG A 142 -3.62 -48.26 15.97
N HIS A 143 -2.66 -47.34 15.79
CA HIS A 143 -1.46 -47.60 14.98
C HIS A 143 -0.32 -47.87 15.97
N GLU A 144 -0.53 -48.90 16.81
CA GLU A 144 0.39 -49.26 17.88
C GLU A 144 0.47 -50.78 18.01
N TYR A 145 1.68 -51.27 18.37
CA TYR A 145 1.94 -52.68 18.62
C TYR A 145 2.63 -52.84 19.97
N LEU A 146 2.51 -54.05 20.54
CA LEU A 146 3.07 -54.41 21.84
C LEU A 146 4.03 -55.60 21.67
N TYR A 147 5.33 -55.35 21.84
CA TYR A 147 6.36 -56.38 21.72
C TYR A 147 7.66 -55.94 22.38
N GLY A 148 8.63 -56.87 22.52
CA GLY A 148 9.96 -56.60 23.08
C GLY A 148 10.14 -57.08 24.52
N ASN A 149 11.29 -56.73 25.11
CA ASN A 149 11.67 -57.10 26.49
C ASN A 149 11.31 -55.93 27.41
N TYR A 150 10.01 -55.64 27.49
CA TYR A 150 9.47 -54.57 28.31
C TYR A 150 8.29 -55.14 29.10
N PRO A 151 8.17 -54.80 30.40
CA PRO A 151 7.04 -55.30 31.19
C PRO A 151 5.78 -54.57 30.76
N LEU A 152 4.63 -55.27 30.71
CA LEU A 152 3.36 -54.70 30.28
C LEU A 152 3.06 -53.29 30.82
N CYS A 153 3.54 -52.95 32.02
CA CYS A 153 3.37 -51.64 32.64
C CYS A 153 4.03 -50.53 31.82
N HIS A 154 5.21 -50.76 31.23
CA HIS A 154 5.93 -49.73 30.46
C HIS A 154 5.16 -49.22 29.21
N PHE A 155 4.26 -50.01 28.62
CA PHE A 155 3.52 -49.58 27.44
C PHE A 155 2.45 -48.54 27.78
N GLN A 156 2.40 -47.42 27.02
CA GLN A 156 1.43 -46.33 27.22
C GLN A 156 0.01 -46.82 27.17
N TYR A 157 -0.33 -47.68 26.20
CA TYR A 157 -1.68 -48.22 26.05
C TYR A 157 -2.15 -48.98 27.27
N ILE A 158 -1.23 -49.72 27.92
CA ILE A 158 -1.56 -50.49 29.14
C ILE A 158 -1.57 -49.54 30.32
N CYS A 159 -0.55 -48.68 30.43
CA CYS A 159 -0.48 -47.66 31.48
C CYS A 159 -1.73 -46.72 31.42
N SER A 160 -2.28 -46.50 30.21
CA SER A 160 -3.50 -45.72 29.97
C SER A 160 -4.69 -46.47 30.54
N CYS A 161 -4.84 -47.76 30.17
CA CYS A 161 -5.90 -48.65 30.67
C CYS A 161 -5.96 -48.70 32.23
N LEU A 162 -4.84 -48.40 32.94
CA LEU A 162 -4.79 -48.40 34.41
C LEU A 162 -5.62 -47.24 34.98
N HIS A 163 -5.24 -46.00 34.65
CA HIS A 163 -5.92 -44.81 35.17
C HIS A 163 -7.36 -44.67 34.69
N SER A 164 -7.66 -45.17 33.48
CA SER A 164 -9.02 -45.13 32.92
C SER A 164 -9.84 -46.38 33.29
N GLY A 165 -9.18 -47.47 33.71
CA GLY A 165 -9.87 -48.71 34.09
C GLY A 165 -10.45 -49.45 32.87
N LEU A 166 -9.78 -49.34 31.72
CA LEU A 166 -10.25 -49.98 30.49
C LEU A 166 -9.76 -51.41 30.39
N THR A 167 -10.30 -52.14 29.42
CA THR A 167 -9.94 -53.52 29.06
C THR A 167 -9.07 -53.46 27.78
N PRO A 168 -7.74 -53.75 27.84
CA PRO A 168 -6.91 -53.71 26.63
C PRO A 168 -7.36 -54.75 25.60
N HIS A 169 -7.59 -54.32 24.35
CA HIS A 169 -8.04 -55.18 23.24
C HIS A 169 -6.91 -55.28 22.25
N LEU A 170 -6.36 -56.48 22.09
CA LEU A 170 -5.20 -56.72 21.23
C LEU A 170 -5.46 -57.81 20.19
N THR A 171 -4.80 -57.67 19.01
CA THR A 171 -4.91 -58.64 17.91
C THR A 171 -3.57 -59.36 17.76
N MET A 172 -3.61 -60.70 17.71
CA MET A 172 -2.42 -61.53 17.51
C MET A 172 -2.16 -61.61 16.01
N VAL A 173 -1.12 -60.92 15.55
CA VAL A 173 -0.77 -60.83 14.13
C VAL A 173 0.48 -61.69 13.91
N HIS A 174 0.38 -62.70 13.03
CA HIS A 174 1.51 -63.59 12.75
C HIS A 174 2.57 -62.89 11.89
N SER A 175 3.83 -63.37 12.02
CA SER A 175 4.99 -62.87 11.28
C SER A 175 4.76 -62.80 9.77
N SER A 176 4.01 -63.78 9.22
CA SER A 176 3.69 -63.82 7.79
C SER A 176 2.83 -62.63 7.38
N SER A 177 1.77 -62.37 8.16
CA SER A 177 0.86 -61.27 7.93
C SER A 177 1.58 -59.91 8.04
N ILE A 178 2.57 -59.79 8.94
CA ILE A 178 3.32 -58.53 9.10
C ILE A 178 4.24 -58.28 7.92
N LEU A 179 4.90 -59.34 7.40
CA LEU A 179 5.78 -59.22 6.23
C LEU A 179 4.99 -58.92 4.98
N ALA A 180 3.72 -59.39 4.89
CA ALA A 180 2.85 -59.10 3.75
C ALA A 180 2.61 -57.59 3.65
N MET A 181 2.54 -56.89 4.81
CA MET A 181 2.38 -55.44 4.85
C MET A 181 3.65 -54.76 4.40
N ARG A 182 4.83 -55.23 4.86
CA ARG A 182 6.11 -54.65 4.41
C ARG A 182 6.20 -54.73 2.87
N ASP A 183 5.86 -55.91 2.29
CA ASP A 183 5.89 -56.15 0.83
C ASP A 183 4.94 -55.22 0.10
N GLU A 184 3.68 -55.08 0.58
CA GLU A 184 2.67 -54.23 -0.08
C GLU A 184 2.92 -52.70 0.13
N GLN A 185 3.92 -52.30 0.94
CA GLN A 185 4.29 -50.89 1.13
C GLN A 185 5.62 -50.57 0.44
N SER A 186 6.07 -51.47 -0.47
CA SER A 186 7.32 -51.30 -1.23
C SER A 186 7.12 -50.25 -2.32
N ASN A 187 8.16 -49.44 -2.56
CA ASN A 187 8.12 -48.37 -3.56
C ASN A 187 8.25 -48.93 -4.99
N LEU A 212 42.96 -18.37 -3.50
CA LEU A 212 43.98 -18.99 -2.68
C LEU A 212 44.90 -17.93 -2.03
N TRP A 213 45.90 -18.40 -1.27
CA TRP A 213 46.88 -17.58 -0.57
C TRP A 213 47.74 -16.65 -1.47
N SER A 214 47.97 -17.02 -2.75
CA SER A 214 48.77 -16.22 -3.70
C SER A 214 48.13 -14.85 -3.97
N LEU A 215 46.80 -14.79 -3.97
CA LEU A 215 46.04 -13.56 -4.22
C LEU A 215 46.08 -12.69 -2.98
N GLU A 216 47.07 -11.78 -2.90
CA GLU A 216 47.27 -10.92 -1.72
C GLU A 216 46.76 -9.48 -1.90
N GLN A 217 45.77 -9.28 -2.80
CA GLN A 217 45.21 -7.96 -3.06
C GLN A 217 44.04 -7.64 -2.11
N PRO A 218 43.83 -6.35 -1.73
CA PRO A 218 42.68 -6.01 -0.86
C PRO A 218 41.37 -6.25 -1.61
N PHE A 219 40.55 -7.20 -1.11
CA PHE A 219 39.27 -7.60 -1.70
C PHE A 219 38.34 -6.41 -2.00
N SER A 220 37.86 -6.36 -3.26
CA SER A 220 36.96 -5.31 -3.73
C SER A 220 35.89 -5.85 -4.67
N ILE A 221 34.81 -5.07 -4.83
CA ILE A 221 33.69 -5.37 -5.73
C ILE A 221 33.19 -4.05 -6.37
N GLU A 222 32.62 -4.08 -7.59
CA GLU A 222 32.10 -2.86 -8.20
C GLU A 222 30.59 -2.74 -8.00
N LEU A 223 30.12 -1.54 -7.60
CA LEU A 223 28.71 -1.23 -7.37
C LEU A 223 28.14 -0.47 -8.58
N ILE A 224 27.46 -1.18 -9.50
CA ILE A 224 26.93 -0.64 -10.76
C ILE A 224 25.65 0.24 -10.59
N GLU A 225 24.42 -0.31 -10.77
CA GLU A 225 23.12 0.40 -10.71
C GLU A 225 22.05 -0.28 -9.81
N GLY A 226 20.84 0.35 -9.68
CA GLY A 226 19.72 -0.18 -8.91
C GLY A 226 18.39 -0.11 -9.67
N ARG A 227 17.25 -0.34 -8.97
CA ARG A 227 15.86 -0.30 -9.48
C ARG A 227 14.82 -0.39 -8.31
N LYS A 228 14.83 0.67 -7.47
CA LYS A 228 14.05 0.81 -6.22
C LYS A 228 13.14 2.07 -6.11
N VAL A 229 12.53 2.30 -4.92
CA VAL A 229 11.60 3.41 -4.62
C VAL A 229 11.89 3.99 -3.22
N ASN A 230 12.05 5.33 -3.09
CA ASN A 230 12.13 6.02 -1.78
C ASN A 230 12.28 7.54 -1.89
N ALA A 231 11.76 8.30 -0.88
CA ALA A 231 11.90 9.77 -0.75
C ALA A 231 11.21 10.33 0.51
N MET A 235 16.08 14.05 0.17
CA MET A 235 16.86 12.94 0.74
C MET A 235 17.87 12.36 -0.27
N LYS A 236 18.71 11.40 0.18
CA LYS A 236 19.76 10.76 -0.63
C LYS A 236 19.90 9.25 -0.30
N LEU A 237 20.36 8.44 -1.26
CA LEU A 237 20.53 7.00 -1.12
C LEU A 237 21.99 6.59 -0.92
N VAL A 238 22.23 5.59 -0.03
CA VAL A 238 23.57 5.02 0.26
C VAL A 238 23.46 3.48 0.26
N VAL A 239 24.60 2.76 0.09
CA VAL A 239 24.66 1.30 0.11
C VAL A 239 25.84 0.84 0.99
N GLN A 240 25.52 0.36 2.20
CA GLN A 240 26.53 -0.20 3.09
C GLN A 240 26.83 -1.63 2.63
N ALA A 241 27.96 -2.15 3.06
CA ALA A 241 28.35 -3.51 2.78
C ALA A 241 29.33 -3.95 3.88
N GLY A 242 29.64 -5.25 3.93
CA GLY A 242 30.54 -5.75 4.96
C GLY A 242 30.72 -7.24 4.81
N LEU A 243 31.80 -7.77 5.37
CA LEU A 243 32.07 -9.20 5.31
C LEU A 243 31.89 -9.82 6.66
N PHE A 244 31.33 -11.05 6.70
CA PHE A 244 31.06 -11.74 7.94
C PHE A 244 31.38 -13.22 7.89
N HIS A 245 31.72 -13.74 9.09
CA HIS A 245 31.87 -15.16 9.39
C HIS A 245 31.07 -15.34 10.68
N GLY A 246 29.82 -15.85 10.58
CA GLY A 246 28.94 -15.98 11.73
C GLY A 246 28.43 -14.58 12.05
N ASN A 247 28.27 -14.27 13.35
CA ASN A 247 27.81 -12.94 13.78
C ASN A 247 28.87 -11.85 13.62
N GLU A 248 30.17 -12.20 13.81
CA GLU A 248 31.30 -11.25 13.76
C GLU A 248 31.68 -10.81 12.36
N MET A 249 32.15 -9.56 12.26
CA MET A 249 32.56 -8.96 11.00
C MET A 249 33.99 -9.39 10.68
N LEU A 250 34.28 -9.83 9.44
CA LEU A 250 35.64 -10.18 9.00
C LEU A 250 36.50 -8.92 8.77
N CYS A 251 35.88 -7.73 8.61
CA CYS A 251 36.60 -6.46 8.38
C CYS A 251 35.64 -5.29 8.73
N LYS A 252 35.91 -4.07 8.24
CA LYS A 252 35.06 -2.92 8.53
C LYS A 252 33.95 -2.71 7.48
N THR A 253 32.92 -1.93 7.86
CA THR A 253 31.75 -1.62 7.02
C THR A 253 32.03 -0.46 6.06
N VAL A 254 32.10 -0.74 4.74
CA VAL A 254 32.39 0.30 3.74
C VAL A 254 31.08 0.80 3.05
N SER A 255 30.67 2.05 3.38
CA SER A 255 29.51 2.69 2.75
C SER A 255 29.92 3.35 1.44
N SER A 256 28.93 3.62 0.59
CA SER A 256 29.10 4.30 -0.71
C SER A 256 28.79 5.81 -0.55
N SER A 257 28.66 6.55 -1.67
CA SER A 257 28.35 7.98 -1.65
C SER A 257 26.84 8.23 -1.61
N GLU A 258 26.46 9.44 -1.19
CA GLU A 258 25.06 9.83 -1.08
C GLU A 258 24.43 10.28 -2.43
N VAL A 259 24.13 9.32 -3.32
CA VAL A 259 23.47 9.62 -4.62
C VAL A 259 22.05 10.11 -4.28
N ASN A 260 21.49 11.10 -5.01
CA ASN A 260 20.15 11.63 -4.70
C ASN A 260 19.03 10.55 -4.85
N VAL A 261 17.96 10.73 -4.05
CA VAL A 261 16.82 9.83 -3.80
C VAL A 261 16.00 9.23 -4.97
N CYS A 262 16.13 9.72 -6.20
CA CYS A 262 15.12 9.56 -7.23
C CYS A 262 15.13 8.43 -8.29
N SER A 263 16.00 7.41 -8.38
CA SER A 263 15.82 6.61 -9.61
C SER A 263 15.83 5.07 -9.46
N GLU A 264 16.70 4.53 -10.28
CA GLU A 264 17.15 3.21 -10.59
C GLU A 264 18.65 3.68 -10.67
N PRO A 265 19.20 4.18 -9.51
CA PRO A 265 20.50 4.88 -9.42
C PRO A 265 21.67 4.14 -9.97
N VAL A 266 22.73 4.90 -10.31
CA VAL A 266 23.99 4.38 -10.85
C VAL A 266 25.11 4.97 -9.99
N TRP A 267 26.01 4.11 -9.51
CA TRP A 267 27.14 4.51 -8.67
C TRP A 267 28.45 4.26 -9.43
N LYS A 268 28.65 3.01 -9.87
CA LYS A 268 29.84 2.52 -10.58
C LYS A 268 31.11 2.81 -9.79
N GLN A 269 31.05 2.46 -8.48
CA GLN A 269 32.12 2.65 -7.53
C GLN A 269 32.75 1.35 -7.18
N ARG A 270 34.08 1.28 -7.25
CA ARG A 270 34.84 0.10 -6.81
C ARG A 270 34.94 0.14 -5.28
N LEU A 271 34.14 -0.71 -4.58
CA LEU A 271 34.18 -0.78 -3.13
C LEU A 271 35.29 -1.73 -2.72
N GLU A 272 36.39 -1.19 -2.15
CA GLU A 272 37.55 -1.97 -1.69
C GLU A 272 37.50 -2.11 -0.16
N PHE A 273 37.42 -3.37 0.31
CA PHE A 273 37.34 -3.67 1.73
C PHE A 273 38.71 -3.70 2.38
N ASP A 274 38.72 -3.68 3.72
CA ASP A 274 39.92 -3.69 4.55
C ASP A 274 40.37 -5.14 4.90
N ILE A 275 40.39 -6.02 3.88
CA ILE A 275 40.76 -7.43 4.05
C ILE A 275 41.25 -7.97 2.71
N SER A 276 42.23 -8.85 2.75
CA SER A 276 42.83 -9.44 1.57
C SER A 276 42.02 -10.63 1.03
N VAL A 277 42.15 -10.94 -0.28
CA VAL A 277 41.47 -12.07 -0.93
C VAL A 277 41.93 -13.39 -0.31
N CYS A 278 43.20 -13.47 0.09
CA CYS A 278 43.77 -14.67 0.73
C CYS A 278 43.12 -14.92 2.13
N ASP A 279 42.77 -13.83 2.85
CA ASP A 279 42.16 -13.88 4.19
C ASP A 279 40.63 -14.16 4.21
N LEU A 280 40.00 -14.46 3.07
CA LEU A 280 38.57 -14.78 3.00
C LEU A 280 38.37 -16.27 3.33
N PRO A 281 37.44 -16.61 4.29
CA PRO A 281 37.19 -18.03 4.62
C PRO A 281 36.21 -18.70 3.66
N ARG A 282 36.26 -20.04 3.60
CA ARG A 282 35.38 -20.86 2.73
C ARG A 282 33.89 -20.45 2.82
N MET A 283 33.43 -20.07 4.04
CA MET A 283 32.06 -19.64 4.33
C MET A 283 32.06 -18.11 4.57
N ALA A 284 32.62 -17.37 3.61
CA ALA A 284 32.61 -15.92 3.71
C ALA A 284 31.24 -15.44 3.20
N ARG A 285 30.67 -14.47 3.92
CA ARG A 285 29.36 -13.92 3.63
C ARG A 285 29.54 -12.46 3.32
N LEU A 286 28.85 -11.95 2.28
CA LEU A 286 28.89 -10.54 1.91
C LEU A 286 27.47 -9.97 1.93
N CYS A 287 27.23 -9.03 2.85
CA CYS A 287 25.96 -8.36 3.05
C CYS A 287 25.89 -7.07 2.31
N PHE A 288 24.67 -6.61 2.10
CA PHE A 288 24.38 -5.36 1.43
C PHE A 288 23.14 -4.80 2.12
N ALA A 289 23.13 -3.52 2.41
CA ALA A 289 22.01 -2.83 3.03
C ALA A 289 21.83 -1.48 2.34
N LEU A 290 20.73 -1.33 1.56
CA LEU A 290 20.38 -0.10 0.87
C LEU A 290 19.49 0.72 1.76
N TYR A 291 19.69 2.05 1.82
CA TYR A 291 18.90 2.93 2.69
C TYR A 291 19.01 4.41 2.28
N ALA A 292 18.05 5.24 2.75
CA ALA A 292 18.03 6.68 2.48
C ALA A 292 18.64 7.44 3.66
N VAL A 293 19.00 8.72 3.45
CA VAL A 293 19.61 9.55 4.51
C VAL A 293 19.51 11.05 4.17
N VAL A 294 19.34 11.90 5.19
CA VAL A 294 19.30 13.36 5.02
C VAL A 294 20.74 13.90 5.13
N ASP A 311 17.15 8.91 8.61
CA ASP A 311 17.48 7.51 8.91
C ASP A 311 16.34 6.62 8.41
N CYS A 312 16.57 5.77 7.36
CA CYS A 312 15.51 4.91 6.85
C CYS A 312 16.00 3.66 6.07
N PRO A 313 15.83 2.43 6.65
CA PRO A 313 16.20 1.23 5.90
C PRO A 313 15.18 0.94 4.79
N ILE A 314 15.62 0.41 3.67
CA ILE A 314 14.75 0.13 2.53
C ILE A 314 14.75 -1.36 2.24
N ALA A 315 15.92 -1.90 1.92
CA ALA A 315 16.05 -3.30 1.62
C ALA A 315 17.42 -3.83 2.03
N TRP A 316 17.52 -5.16 2.25
CA TRP A 316 18.74 -5.87 2.62
C TRP A 316 18.94 -7.05 1.66
N ALA A 317 20.18 -7.49 1.50
CA ALA A 317 20.51 -8.63 0.65
C ALA A 317 21.88 -9.16 1.07
N ASN A 318 22.05 -10.51 1.10
CA ASN A 318 23.30 -11.16 1.46
C ASN A 318 23.59 -12.21 0.42
N LEU A 319 24.88 -12.56 0.28
CA LEU A 319 25.30 -13.66 -0.59
C LEU A 319 26.66 -14.20 -0.17
N MET A 320 26.91 -15.47 -0.52
CA MET A 320 28.18 -16.13 -0.19
C MET A 320 29.21 -15.79 -1.25
N LEU A 321 30.44 -15.39 -0.86
CA LEU A 321 31.51 -15.07 -1.83
C LEU A 321 32.00 -16.31 -2.55
N PHE A 322 31.77 -17.49 -1.99
CA PHE A 322 32.14 -18.76 -2.59
C PHE A 322 30.87 -19.53 -2.96
N ASP A 323 30.97 -20.39 -3.97
CA ASP A 323 29.82 -21.18 -4.41
C ASP A 323 29.77 -22.50 -3.62
N TYR A 324 28.82 -23.39 -3.98
CA TYR A 324 28.65 -24.68 -3.32
C TYR A 324 29.78 -25.68 -3.72
N LYS A 325 30.31 -25.57 -4.97
CA LYS A 325 31.44 -26.39 -5.42
C LYS A 325 32.84 -25.85 -4.96
N ASP A 326 32.86 -24.88 -3.99
CA ASP A 326 34.03 -24.29 -3.32
C ASP A 326 34.75 -23.20 -4.10
N GLN A 327 34.31 -22.91 -5.33
CA GLN A 327 34.90 -21.91 -6.20
C GLN A 327 34.49 -20.50 -5.78
N LEU A 328 35.39 -19.51 -5.91
CA LEU A 328 35.05 -18.13 -5.58
C LEU A 328 34.06 -17.62 -6.66
N LYS A 329 33.07 -16.80 -6.25
CA LYS A 329 32.05 -16.28 -7.18
C LYS A 329 32.69 -15.21 -8.10
N THR A 330 32.57 -15.40 -9.43
CA THR A 330 33.20 -14.53 -10.40
C THR A 330 32.77 -13.14 -10.51
N GLY A 331 31.83 -12.84 -11.38
CA GLY A 331 31.68 -11.67 -12.13
C GLY A 331 30.50 -10.82 -11.89
N GLU A 332 29.52 -10.87 -12.78
CA GLU A 332 28.35 -10.01 -12.69
C GLU A 332 27.23 -10.73 -11.94
N ARG A 333 26.70 -10.07 -10.87
CA ARG A 333 25.64 -10.61 -10.02
C ARG A 333 24.55 -9.58 -9.73
N CYS A 334 23.28 -9.94 -10.03
CA CYS A 334 22.09 -9.13 -9.73
C CYS A 334 21.48 -9.73 -8.48
N LEU A 335 21.23 -8.91 -7.46
CA LEU A 335 20.72 -9.38 -6.18
C LEU A 335 19.32 -8.92 -5.93
N TYR A 336 18.33 -9.86 -5.85
CA TYR A 336 16.96 -9.44 -5.57
C TYR A 336 16.85 -9.31 -4.05
N MET A 337 16.66 -8.07 -3.58
CA MET A 337 16.63 -7.70 -2.17
C MET A 337 15.26 -7.89 -1.46
N TRP A 338 15.34 -8.12 -0.14
CA TRP A 338 14.18 -8.32 0.76
C TRP A 338 13.96 -7.00 1.52
N PRO A 339 12.72 -6.69 1.99
CA PRO A 339 12.47 -5.44 2.73
C PRO A 339 13.10 -5.39 4.13
N SER A 340 13.04 -4.18 4.75
CA SER A 340 13.65 -3.87 6.05
C SER A 340 12.69 -3.18 7.04
N VAL A 341 12.25 -3.92 8.10
CA VAL A 341 11.37 -3.41 9.15
N LEU A 348 20.82 -2.23 10.81
CA LEU A 348 20.53 -2.10 9.38
C LEU A 348 21.10 -3.29 8.57
N LEU A 349 22.38 -3.67 8.80
CA LEU A 349 23.01 -4.80 8.10
C LEU A 349 22.53 -6.08 8.78
N ASN A 350 22.22 -7.13 8.01
CA ASN A 350 21.69 -8.37 8.57
C ASN A 350 22.45 -9.63 8.11
N PRO A 351 23.47 -10.09 8.86
CA PRO A 351 24.22 -11.30 8.46
C PRO A 351 23.46 -12.58 8.63
N ALA A 352 22.49 -12.62 9.56
CA ALA A 352 21.66 -13.80 9.85
C ALA A 352 20.76 -14.20 8.68
N GLY A 353 20.17 -13.19 7.98
CA GLY A 353 19.26 -13.37 6.85
C GLY A 353 19.76 -14.33 5.76
N THR A 354 18.82 -14.94 5.02
CA THR A 354 19.10 -15.91 3.96
C THR A 354 20.03 -15.35 2.87
N VAL A 355 20.92 -16.21 2.36
CA VAL A 355 21.91 -15.84 1.33
C VAL A 355 21.38 -15.97 -0.08
N ARG A 356 20.15 -16.54 -0.28
CA ARG A 356 19.50 -16.64 -1.60
C ARG A 356 18.65 -15.36 -1.80
N GLY A 357 18.40 -14.98 -3.06
CA GLY A 357 17.67 -13.75 -3.38
C GLY A 357 16.15 -13.90 -3.30
N ASN A 358 15.45 -12.77 -3.18
CA ASN A 358 13.98 -12.72 -3.11
C ASN A 358 13.39 -13.37 -4.37
N PRO A 359 12.51 -14.39 -4.24
CA PRO A 359 11.92 -15.01 -5.43
C PRO A 359 10.82 -14.18 -6.11
N ASN A 360 10.34 -13.07 -5.49
CA ASN A 360 9.38 -12.16 -6.11
C ASN A 360 10.19 -11.18 -6.97
N THR A 361 10.74 -11.69 -8.08
CA THR A 361 11.59 -10.94 -9.01
C THR A 361 10.92 -9.66 -9.48
N GLU A 362 9.61 -9.70 -9.74
CA GLU A 362 8.86 -8.53 -10.25
C GLU A 362 8.92 -7.30 -9.31
N SER A 363 8.32 -7.36 -8.13
CA SER A 363 8.29 -6.23 -7.22
C SER A 363 9.62 -6.01 -6.47
N ALA A 364 10.47 -7.05 -6.34
CA ALA A 364 11.73 -6.92 -5.59
C ALA A 364 12.73 -5.98 -6.24
N ALA A 365 13.26 -5.01 -5.44
CA ALA A 365 14.29 -4.09 -5.91
C ALA A 365 15.60 -4.86 -6.04
N ALA A 366 16.61 -4.31 -6.71
CA ALA A 366 17.85 -5.06 -6.89
C ALA A 366 19.13 -4.23 -6.80
N LEU A 367 20.26 -4.95 -6.75
CA LEU A 367 21.60 -4.39 -6.77
C LEU A 367 22.43 -5.20 -7.73
N VAL A 368 22.89 -4.58 -8.85
CA VAL A 368 23.77 -5.27 -9.81
C VAL A 368 25.19 -4.93 -9.36
N ILE A 369 26.08 -5.92 -9.33
CA ILE A 369 27.45 -5.74 -8.88
C ILE A 369 28.39 -6.62 -9.68
N TYR A 370 29.72 -6.35 -9.59
CA TYR A 370 30.76 -7.13 -10.25
C TYR A 370 31.82 -7.65 -9.28
N LEU A 371 31.98 -8.97 -9.23
CA LEU A 371 32.94 -9.68 -8.40
C LEU A 371 34.20 -9.89 -9.30
N PRO A 372 35.22 -9.05 -9.20
CA PRO A 372 36.38 -9.18 -10.11
C PRO A 372 37.03 -10.57 -10.18
N GLU A 373 37.39 -11.04 -11.40
CA GLU A 373 38.06 -12.32 -11.60
C GLU A 373 39.55 -12.13 -11.31
N VAL A 374 40.28 -13.23 -11.10
CA VAL A 374 41.69 -13.19 -10.73
C VAL A 374 42.55 -14.30 -11.39
N ALA A 375 42.09 -14.91 -12.51
CA ALA A 375 42.82 -15.96 -13.22
C ALA A 375 42.25 -16.16 -14.63
N PRO A 378 40.30 -19.73 -12.93
CA PRO A 378 39.39 -20.59 -12.15
C PRO A 378 39.97 -20.94 -10.77
N VAL A 379 39.61 -20.15 -9.74
CA VAL A 379 40.10 -20.32 -8.36
C VAL A 379 39.12 -21.09 -7.46
N TYR A 380 39.62 -22.13 -6.79
CA TYR A 380 38.86 -22.98 -5.86
C TYR A 380 39.43 -22.80 -4.45
N PHE A 381 38.58 -23.01 -3.41
CA PHE A 381 39.05 -22.94 -2.03
C PHE A 381 39.90 -24.19 -1.75
N PRO A 382 41.06 -24.04 -1.04
CA PRO A 382 41.95 -25.17 -0.78
C PRO A 382 41.28 -26.42 -0.24
N ALA A 383 41.68 -27.60 -0.72
CA ALA A 383 41.14 -28.87 -0.23
C ALA A 383 41.64 -29.11 1.21
N LEU A 384 41.16 -30.18 1.85
CA LEU A 384 41.54 -30.46 3.23
C LEU A 384 43.05 -30.72 3.35
N GLU A 385 43.56 -31.66 2.50
CA GLU A 385 44.99 -32.00 2.44
C GLU A 385 45.89 -30.78 2.50
N LYS A 386 45.56 -29.70 1.76
CA LYS A 386 46.34 -28.46 1.73
C LYS A 386 46.29 -27.72 3.06
N ILE A 387 45.08 -27.58 3.63
CA ILE A 387 44.88 -26.89 4.92
C ILE A 387 45.56 -27.65 6.06
N LEU A 388 45.49 -29.00 6.05
CA LEU A 388 46.09 -29.86 7.07
C LEU A 388 47.61 -29.59 7.22
N GLU A 389 48.29 -29.38 6.10
CA GLU A 389 49.72 -29.09 6.13
C GLU A 389 50.01 -27.70 6.68
N LEU A 390 49.21 -26.68 6.34
CA LEU A 390 49.42 -25.35 6.93
C LEU A 390 48.94 -25.36 8.39
N LEU A 407 47.31 -19.42 35.18
CA LEU A 407 46.02 -18.72 35.20
C LEU A 407 45.18 -19.09 33.96
N ARG A 408 45.18 -20.38 33.57
CA ARG A 408 44.47 -20.80 32.37
C ARG A 408 43.05 -21.23 32.66
N GLU A 409 42.87 -22.10 33.67
CA GLU A 409 41.52 -22.56 34.02
C GLU A 409 40.64 -21.42 34.55
N ILE A 410 41.22 -20.50 35.36
CA ILE A 410 40.50 -19.38 36.00
C ILE A 410 39.52 -18.62 35.09
N LEU A 411 39.88 -18.40 33.81
CA LEU A 411 39.02 -17.68 32.85
C LEU A 411 38.10 -18.60 32.03
N GLU A 412 38.39 -19.91 31.99
CA GLU A 412 37.59 -20.89 31.24
C GLU A 412 36.34 -21.39 32.02
N ARG A 413 35.47 -20.43 32.44
CA ARG A 413 34.20 -20.68 33.17
C ARG A 413 33.43 -19.37 33.42
N GLU A 418 31.83 -14.86 27.13
CA GLU A 418 32.67 -13.80 26.57
C GLU A 418 33.86 -13.48 27.47
N LEU A 419 34.85 -12.71 26.96
CA LEU A 419 36.09 -12.42 27.68
C LEU A 419 36.89 -11.22 27.13
N TYR A 420 37.95 -10.78 27.86
CA TYR A 420 38.81 -9.65 27.49
C TYR A 420 39.76 -9.97 26.33
N GLU A 421 40.44 -8.93 25.80
CA GLU A 421 41.38 -9.09 24.70
C GLU A 421 42.65 -9.81 25.15
N HIS A 422 43.20 -9.44 26.33
CA HIS A 422 44.39 -10.12 26.87
C HIS A 422 44.09 -11.60 27.18
N GLU A 423 42.80 -11.91 27.51
CA GLU A 423 42.33 -13.28 27.75
C GLU A 423 42.13 -14.00 26.41
N LYS A 424 41.53 -13.32 25.41
CA LYS A 424 41.34 -13.90 24.07
C LYS A 424 42.68 -14.39 23.49
N ASP A 425 43.76 -13.61 23.76
CA ASP A 425 45.13 -13.91 23.31
C ASP A 425 45.64 -15.16 24.00
N LEU A 426 45.42 -15.25 25.33
CA LEU A 426 45.82 -16.41 26.15
C LEU A 426 45.17 -17.70 25.61
N VAL A 427 43.84 -17.66 25.42
CA VAL A 427 43.03 -18.80 24.96
C VAL A 427 43.56 -19.31 23.63
N TRP A 428 43.80 -18.38 22.69
CA TRP A 428 44.31 -18.71 21.38
C TRP A 428 45.73 -19.26 21.48
N LYS A 429 46.56 -18.66 22.34
CA LYS A 429 47.94 -19.11 22.53
C LYS A 429 48.01 -20.57 22.93
N MET A 430 47.18 -20.92 23.90
CA MET A 430 47.13 -22.26 24.49
C MET A 430 46.33 -23.31 23.73
N ARG A 431 45.68 -22.93 22.60
CA ARG A 431 44.84 -23.79 21.75
C ARG A 431 45.17 -25.31 21.69
N HIS A 432 46.46 -25.72 21.75
CA HIS A 432 46.83 -27.13 21.76
C HIS A 432 46.27 -27.80 23.02
N GLU A 433 46.59 -27.24 24.19
CA GLU A 433 46.16 -27.77 25.49
C GLU A 433 44.64 -27.71 25.74
N VAL A 434 43.92 -26.86 24.99
CA VAL A 434 42.46 -26.81 25.07
C VAL A 434 41.95 -28.11 24.43
N GLN A 435 42.59 -28.62 23.36
CA GLN A 435 42.16 -29.88 22.76
C GLN A 435 42.41 -31.03 23.71
N GLU A 436 43.61 -31.08 24.28
CA GLU A 436 44.04 -32.18 25.12
C GLU A 436 43.38 -32.24 26.48
N HIS A 437 43.30 -31.10 27.19
CA HIS A 437 42.77 -31.09 28.55
C HIS A 437 41.38 -30.51 28.71
N PHE A 438 40.84 -29.79 27.71
CA PHE A 438 39.51 -29.19 27.80
C PHE A 438 38.72 -29.29 26.50
N PRO A 439 38.69 -30.50 25.85
CA PRO A 439 37.99 -30.68 24.56
C PRO A 439 36.57 -30.08 24.48
N GLU A 440 35.82 -30.16 25.58
CA GLU A 440 34.47 -29.61 25.63
C GLU A 440 34.43 -28.04 25.63
N ALA A 441 35.60 -27.35 25.56
CA ALA A 441 35.66 -25.89 25.47
C ALA A 441 35.87 -25.40 24.01
N LEU A 442 35.73 -26.31 23.02
CA LEU A 442 35.89 -26.04 21.59
C LEU A 442 35.16 -24.80 21.14
N ALA A 443 33.86 -24.72 21.45
CA ALA A 443 33.02 -23.57 21.11
C ALA A 443 33.61 -22.23 21.63
N ARG A 444 34.25 -22.25 22.81
CA ARG A 444 34.85 -21.05 23.38
C ARG A 444 36.10 -20.68 22.58
N LEU A 445 36.89 -21.69 22.18
CA LEU A 445 38.13 -21.48 21.42
C LEU A 445 37.84 -20.95 20.03
N LEU A 446 36.84 -21.51 19.35
CA LEU A 446 36.48 -21.05 18.00
C LEU A 446 36.15 -19.55 17.95
N LEU A 447 35.58 -19.01 19.03
CA LEU A 447 35.22 -17.59 19.09
C LEU A 447 36.39 -16.65 19.22
N VAL A 448 37.55 -17.11 19.75
CA VAL A 448 38.75 -16.27 19.92
C VAL A 448 39.63 -16.29 18.65
N THR A 449 39.46 -17.30 17.74
CA THR A 449 40.30 -17.34 16.53
C THR A 449 39.90 -16.22 15.53
N LYS A 450 40.91 -15.70 14.80
CA LYS A 450 40.72 -14.67 13.79
C LYS A 450 40.29 -15.39 12.53
N TRP A 451 39.01 -15.26 12.14
CA TRP A 451 38.49 -15.93 10.95
C TRP A 451 38.93 -15.18 9.67
N ASN A 452 39.35 -13.91 9.84
CA ASN A 452 39.91 -13.09 8.76
C ASN A 452 41.46 -13.24 8.72
N LYS A 453 41.97 -14.48 8.93
CA LYS A 453 43.40 -14.82 8.92
C LYS A 453 43.50 -16.29 8.55
N HIS A 454 43.73 -16.60 7.27
CA HIS A 454 43.79 -17.99 6.80
C HIS A 454 44.83 -18.90 7.51
N GLU A 455 45.76 -18.33 8.33
CA GLU A 455 46.77 -19.09 9.10
C GLU A 455 46.08 -19.61 10.39
N ASP A 456 45.44 -18.68 11.14
CA ASP A 456 44.69 -18.98 12.38
C ASP A 456 43.61 -19.98 12.06
N VAL A 457 42.90 -19.77 10.93
CA VAL A 457 41.84 -20.66 10.44
C VAL A 457 42.42 -22.04 10.05
N ALA A 458 43.58 -22.08 9.37
CA ALA A 458 44.19 -23.35 8.99
C ALA A 458 44.63 -24.15 10.22
N GLN A 459 45.20 -23.45 11.22
CA GLN A 459 45.67 -24.03 12.49
C GLN A 459 44.49 -24.47 13.36
N MET A 460 43.35 -23.74 13.27
CA MET A 460 42.12 -24.09 13.98
C MET A 460 41.52 -25.37 13.37
N LEU A 461 41.36 -25.39 12.03
CA LEU A 461 40.85 -26.54 11.29
C LEU A 461 41.74 -27.75 11.53
N TYR A 462 43.07 -27.54 11.54
CA TYR A 462 44.07 -28.57 11.78
C TYR A 462 43.84 -29.26 13.15
N LEU A 463 43.58 -28.45 14.19
CA LEU A 463 43.27 -28.97 15.53
C LEU A 463 41.91 -29.69 15.54
N LEU A 464 40.87 -29.03 15.00
CA LEU A 464 39.50 -29.55 14.92
C LEU A 464 39.39 -30.94 14.27
N CYS A 465 40.26 -31.24 13.29
CA CYS A 465 40.22 -32.54 12.63
C CYS A 465 40.51 -33.68 13.59
N SER A 466 41.44 -33.44 14.52
CA SER A 466 41.88 -34.41 15.52
C SER A 466 41.32 -34.08 16.92
N TRP A 467 40.04 -33.64 16.98
CA TRP A 467 39.33 -33.32 18.23
C TRP A 467 38.44 -34.52 18.56
N PRO A 468 38.15 -34.79 19.86
CA PRO A 468 37.31 -35.96 20.23
C PRO A 468 35.82 -35.67 20.24
N GLU A 469 34.99 -36.73 20.07
CA GLU A 469 33.53 -36.61 20.05
C GLU A 469 33.02 -35.98 21.34
N LEU A 470 32.45 -34.77 21.23
CA LEU A 470 31.89 -34.06 22.38
C LEU A 470 30.47 -34.57 22.70
N PRO A 471 29.90 -34.19 23.88
CA PRO A 471 28.54 -34.62 24.20
C PRO A 471 27.49 -33.98 23.31
N VAL A 472 26.31 -34.62 23.25
CA VAL A 472 25.15 -34.15 22.48
C VAL A 472 24.84 -32.68 22.86
N LEU A 473 24.94 -32.32 24.16
CA LEU A 473 24.70 -30.96 24.63
C LEU A 473 25.72 -29.97 24.04
N SER A 474 26.99 -30.37 23.99
CA SER A 474 28.05 -29.54 23.44
C SER A 474 27.91 -29.43 21.91
N ALA A 475 27.47 -30.53 21.24
CA ALA A 475 27.22 -30.56 19.78
C ALA A 475 26.09 -29.60 19.37
N LEU A 476 25.03 -29.48 20.19
CA LEU A 476 23.91 -28.56 19.93
C LEU A 476 24.39 -27.12 19.92
N GLU A 477 25.41 -26.79 20.76
CA GLU A 477 25.99 -25.43 20.81
C GLU A 477 26.76 -25.17 19.50
N LEU A 478 27.42 -26.22 18.95
CA LEU A 478 28.17 -26.07 17.70
C LEU A 478 27.31 -25.78 16.47
N LEU A 479 25.96 -25.96 16.56
CA LEU A 479 25.08 -25.66 15.43
C LEU A 479 24.60 -24.20 15.46
N ASP A 480 25.12 -23.36 16.37
CA ASP A 480 24.71 -21.95 16.44
C ASP A 480 25.14 -21.20 15.18
N PHE A 481 24.45 -20.07 14.89
CA PHE A 481 24.78 -19.23 13.74
C PHE A 481 26.25 -18.77 13.82
N SER A 482 26.79 -18.58 15.07
CA SER A 482 28.20 -18.19 15.31
C SER A 482 29.25 -19.16 14.74
N PHE A 483 28.87 -20.43 14.43
CA PHE A 483 29.78 -21.43 13.90
C PHE A 483 29.44 -21.84 12.46
N PRO A 484 29.51 -20.88 11.50
CA PRO A 484 29.16 -21.17 10.09
C PRO A 484 30.00 -22.17 9.35
N ASP A 485 31.26 -22.39 9.76
CA ASP A 485 32.17 -23.29 9.06
C ASP A 485 31.62 -24.71 8.84
N CYS A 486 31.88 -25.31 7.66
CA CYS A 486 31.39 -26.65 7.32
C CYS A 486 32.05 -27.74 8.13
N TYR A 487 33.35 -27.60 8.39
CA TYR A 487 34.13 -28.59 9.14
C TYR A 487 33.62 -28.68 10.56
N VAL A 488 33.24 -27.52 11.17
CA VAL A 488 32.64 -27.45 12.49
C VAL A 488 31.30 -28.16 12.42
N GLY A 489 30.40 -27.67 11.53
CA GLY A 489 29.07 -28.24 11.33
C GLY A 489 29.09 -29.76 11.09
N SER A 490 30.01 -30.24 10.24
CA SER A 490 30.13 -31.67 9.94
C SER A 490 30.56 -32.45 11.16
N PHE A 491 31.36 -31.82 12.06
CA PHE A 491 31.81 -32.42 13.30
C PHE A 491 30.68 -32.39 14.34
N ALA A 492 29.90 -31.30 14.39
CA ALA A 492 28.75 -31.19 15.28
C ALA A 492 27.76 -32.31 14.95
N ILE A 493 27.50 -32.56 13.64
CA ILE A 493 26.60 -33.64 13.19
C ILE A 493 27.16 -34.99 13.60
N LYS A 494 28.49 -35.16 13.50
CA LYS A 494 29.15 -36.41 13.88
C LYS A 494 28.82 -36.79 15.35
N SER A 495 28.77 -35.77 16.23
CA SER A 495 28.46 -35.94 17.65
C SER A 495 26.96 -36.08 17.96
N LEU A 496 26.06 -35.74 17.00
CA LEU A 496 24.60 -35.91 17.19
C LEU A 496 24.11 -37.22 16.60
N ARG A 497 24.97 -38.03 15.98
CA ARG A 497 24.54 -39.31 15.42
C ARG A 497 24.16 -40.30 16.53
N LYS A 498 24.65 -40.09 17.79
CA LYS A 498 24.35 -40.99 18.93
C LYS A 498 22.95 -40.78 19.56
N LEU A 499 22.24 -39.66 19.22
CA LEU A 499 20.88 -39.36 19.68
C LEU A 499 19.95 -40.54 19.45
N THR A 500 19.12 -40.89 20.45
CA THR A 500 18.09 -41.93 20.27
C THR A 500 16.97 -41.30 19.46
N ASP A 501 16.09 -42.12 18.85
CA ASP A 501 14.97 -41.58 18.08
C ASP A 501 14.15 -40.65 18.98
N ASP A 502 14.02 -40.96 20.29
CA ASP A 502 13.29 -40.12 21.23
C ASP A 502 14.08 -38.84 21.59
N GLU A 503 15.43 -38.90 21.71
CA GLU A 503 16.22 -37.69 21.95
C GLU A 503 16.22 -36.80 20.69
N LEU A 504 16.31 -37.43 19.51
CA LEU A 504 16.25 -36.69 18.25
C LEU A 504 14.93 -35.96 18.16
N PHE A 505 13.83 -36.71 18.38
CA PHE A 505 12.45 -36.20 18.36
C PHE A 505 12.27 -34.98 19.28
N GLN A 506 12.91 -35.02 20.47
CA GLN A 506 12.83 -33.92 21.43
C GLN A 506 13.47 -32.66 20.85
N TYR A 507 14.62 -32.77 20.15
CA TYR A 507 15.31 -31.59 19.58
C TYR A 507 14.94 -31.23 18.15
N LEU A 508 14.31 -32.18 17.42
CA LEU A 508 13.92 -32.03 16.02
C LEU A 508 13.39 -30.64 15.61
N LEU A 509 12.56 -30.04 16.43
CA LEU A 509 12.03 -28.71 16.12
C LEU A 509 13.19 -27.72 15.84
N GLN A 510 14.15 -27.64 16.79
CA GLN A 510 15.34 -26.76 16.69
C GLN A 510 16.25 -27.16 15.51
N LEU A 511 16.41 -28.47 15.26
CA LEU A 511 17.20 -28.95 14.13
C LEU A 511 16.64 -28.49 12.79
N VAL A 512 15.30 -28.34 12.67
CA VAL A 512 14.71 -27.86 11.42
C VAL A 512 14.98 -26.37 11.28
N GLN A 513 15.00 -25.63 12.39
CA GLN A 513 15.27 -24.19 12.37
C GLN A 513 16.70 -23.85 12.00
N VAL A 514 17.67 -24.75 12.29
CA VAL A 514 19.08 -24.53 11.94
C VAL A 514 19.22 -24.58 10.41
N LEU A 515 18.35 -25.35 9.69
CA LEU A 515 18.38 -25.38 8.21
C LEU A 515 18.16 -23.96 7.61
N LYS A 516 17.52 -23.05 8.35
CA LYS A 516 17.36 -21.66 7.90
C LYS A 516 18.70 -20.90 7.90
N TYR A 517 19.73 -21.35 8.70
CA TYR A 517 21.08 -20.75 8.72
C TYR A 517 21.86 -21.20 7.48
N GLU A 518 21.76 -22.52 7.16
CA GLU A 518 22.49 -23.20 6.08
C GLU A 518 22.74 -22.32 4.87
N SER A 519 24.02 -22.26 4.44
CA SER A 519 24.46 -21.44 3.33
C SER A 519 24.21 -22.16 2.02
N TYR A 520 24.56 -23.46 1.95
CA TYR A 520 24.37 -24.24 0.72
C TYR A 520 23.29 -25.26 0.91
N LEU A 521 22.41 -25.43 -0.11
CA LEU A 521 21.26 -26.33 -0.06
C LEU A 521 21.59 -27.72 0.46
N ASP A 522 22.62 -28.38 -0.09
CA ASP A 522 23.04 -29.69 0.41
C ASP A 522 23.99 -29.49 1.60
N CYS A 523 23.77 -30.25 2.69
CA CYS A 523 24.58 -30.17 3.92
C CYS A 523 24.43 -31.44 4.71
N GLU A 524 25.20 -31.56 5.80
CA GLU A 524 25.18 -32.75 6.66
C GLU A 524 23.93 -32.83 7.51
N LEU A 525 23.42 -31.68 7.99
CA LEU A 525 22.19 -31.60 8.79
C LEU A 525 21.05 -32.18 7.99
N THR A 526 20.87 -31.65 6.76
CA THR A 526 19.86 -32.15 5.82
C THR A 526 20.08 -33.64 5.59
N LYS A 527 21.31 -34.05 5.33
CA LYS A 527 21.65 -35.47 5.09
C LYS A 527 21.24 -36.33 6.29
N PHE A 528 21.56 -35.84 7.51
CA PHE A 528 21.29 -36.51 8.77
C PHE A 528 19.80 -36.64 9.01
N LEU A 529 19.09 -35.49 9.17
CA LEU A 529 17.64 -35.44 9.42
C LEU A 529 16.92 -36.37 8.49
N LEU A 530 17.10 -36.18 7.21
CA LEU A 530 16.47 -36.95 6.14
C LEU A 530 16.75 -38.46 6.25
N GLY A 531 17.99 -38.83 6.61
CA GLY A 531 18.36 -40.22 6.78
C GLY A 531 17.66 -40.81 8.00
N ARG A 532 17.61 -40.03 9.11
CA ARG A 532 16.95 -40.42 10.37
C ARG A 532 15.42 -40.52 10.18
N ALA A 533 14.86 -39.56 9.41
CA ALA A 533 13.44 -39.49 9.05
C ALA A 533 13.00 -40.74 8.26
N LEU A 534 13.89 -41.28 7.43
CA LEU A 534 13.60 -42.47 6.62
C LEU A 534 13.79 -43.76 7.42
N ALA A 535 14.42 -43.65 8.60
CA ALA A 535 14.68 -44.78 9.49
C ALA A 535 13.58 -44.97 10.51
N ASN A 536 12.75 -43.93 10.74
CA ASN A 536 11.65 -43.96 11.70
C ASN A 536 10.45 -43.19 11.14
N ARG A 537 9.31 -43.90 10.95
CA ARG A 537 8.11 -43.28 10.35
C ARG A 537 7.55 -42.09 11.18
N LYS A 538 7.74 -42.10 12.50
CA LYS A 538 7.28 -41.02 13.38
C LYS A 538 8.18 -39.79 13.21
N ILE A 539 9.49 -39.98 12.99
CA ILE A 539 10.43 -38.85 12.77
C ILE A 539 10.17 -38.25 11.36
N GLY A 540 9.95 -39.14 10.36
CA GLY A 540 9.66 -38.70 9.00
C GLY A 540 8.40 -37.89 8.97
N HIS A 541 7.34 -38.41 9.68
CA HIS A 541 6.01 -37.81 9.86
C HIS A 541 6.18 -36.44 10.48
N PHE A 542 6.86 -36.36 11.61
CA PHE A 542 7.01 -35.10 12.31
C PHE A 542 7.91 -34.09 11.60
N LEU A 543 9.00 -34.56 10.95
CA LEU A 543 9.90 -33.70 10.15
C LEU A 543 9.07 -33.11 9.02
N PHE A 544 8.36 -34.00 8.27
CA PHE A 544 7.51 -33.55 7.17
C PHE A 544 6.65 -32.33 7.55
N TRP A 545 5.78 -32.47 8.59
CA TRP A 545 4.91 -31.36 9.02
C TRP A 545 5.70 -30.14 9.45
N HIS A 546 6.95 -30.30 10.03
CA HIS A 546 7.78 -29.13 10.41
C HIS A 546 8.22 -28.36 9.17
N LEU A 547 8.45 -29.08 8.06
CA LEU A 547 8.81 -28.45 6.81
C LEU A 547 7.55 -27.87 6.20
N ARG A 548 6.55 -28.76 5.92
CA ARG A 548 5.27 -28.44 5.27
C ARG A 548 4.56 -27.17 5.78
N SER A 549 4.64 -26.92 7.09
CA SER A 549 4.03 -25.74 7.68
C SER A 549 4.67 -24.41 7.24
N GLU A 550 6.01 -24.38 7.08
CA GLU A 550 6.71 -23.14 6.69
C GLU A 550 6.81 -22.89 5.15
N MET A 551 6.21 -23.76 4.30
CA MET A 551 6.20 -23.57 2.84
C MET A 551 5.67 -22.19 2.38
N HIS A 552 4.75 -21.59 3.13
CA HIS A 552 4.20 -20.27 2.80
C HIS A 552 5.25 -19.13 2.97
N VAL A 553 6.36 -19.40 3.70
CA VAL A 553 7.46 -18.43 3.88
C VAL A 553 8.34 -18.52 2.61
N PRO A 554 8.57 -17.39 1.90
CA PRO A 554 9.40 -17.41 0.68
C PRO A 554 10.87 -17.81 0.89
N SER A 555 11.50 -17.35 1.99
CA SER A 555 12.91 -17.67 2.26
C SER A 555 13.20 -19.16 2.37
N VAL A 556 12.23 -19.98 2.80
CA VAL A 556 12.45 -21.41 2.96
C VAL A 556 11.71 -22.28 1.97
N ALA A 557 10.65 -21.78 1.32
CA ALA A 557 9.84 -22.59 0.40
C ALA A 557 10.67 -23.55 -0.50
N LEU A 558 11.70 -23.00 -1.18
CA LEU A 558 12.56 -23.79 -2.08
C LEU A 558 13.30 -24.92 -1.33
N ARG A 559 14.01 -24.52 -0.24
CA ARG A 559 14.80 -25.43 0.59
C ARG A 559 13.96 -26.60 1.12
N PHE A 560 12.82 -26.25 1.77
CA PHE A 560 11.90 -27.21 2.40
C PHE A 560 11.16 -28.09 1.37
N GLY A 561 10.71 -27.49 0.24
CA GLY A 561 10.05 -28.24 -0.83
C GLY A 561 10.99 -29.32 -1.36
N LEU A 562 12.28 -28.97 -1.53
CA LEU A 562 13.29 -29.92 -1.99
C LEU A 562 13.52 -31.08 -1.02
N ILE A 563 13.65 -30.79 0.30
CA ILE A 563 13.81 -31.83 1.34
C ILE A 563 12.55 -32.76 1.36
N MET A 564 11.34 -32.13 1.31
CA MET A 564 10.10 -32.90 1.33
C MET A 564 10.01 -33.81 0.11
N GLU A 565 10.42 -33.27 -1.08
CA GLU A 565 10.38 -34.03 -2.31
C GLU A 565 11.23 -35.27 -2.16
N ALA A 566 12.47 -35.05 -1.61
CA ALA A 566 13.42 -36.13 -1.37
C ALA A 566 12.80 -37.21 -0.50
N TYR A 567 12.20 -36.78 0.64
CA TYR A 567 11.54 -37.69 1.57
C TYR A 567 10.49 -38.54 0.91
N CYS A 568 9.67 -37.93 0.04
CA CYS A 568 8.61 -38.65 -0.66
C CYS A 568 9.14 -39.71 -1.64
N ARG A 569 10.35 -39.47 -2.22
CA ARG A 569 11.00 -40.45 -3.10
C ARG A 569 11.40 -41.65 -2.21
N GLY A 570 11.92 -41.34 -0.99
CA GLY A 570 12.32 -42.36 -0.02
C GLY A 570 11.14 -43.01 0.73
N SER A 571 10.04 -42.29 0.95
CA SER A 571 8.86 -42.76 1.69
C SER A 571 7.61 -42.65 0.80
N THR A 572 7.50 -43.55 -0.18
CA THR A 572 6.41 -43.53 -1.16
C THR A 572 5.08 -43.97 -0.60
N HIS A 573 5.06 -44.88 0.37
CA HIS A 573 3.79 -45.32 0.96
C HIS A 573 3.25 -44.30 1.98
N HIS A 574 4.16 -43.75 2.80
CA HIS A 574 3.84 -42.76 3.82
C HIS A 574 3.28 -41.49 3.20
N MET A 575 3.76 -41.14 2.00
CA MET A 575 3.32 -39.98 1.20
C MET A 575 1.78 -40.03 1.01
N LYS A 576 1.20 -41.23 0.80
CA LYS A 576 -0.24 -41.41 0.63
C LYS A 576 -0.97 -41.16 1.94
N VAL A 577 -0.45 -41.72 3.03
CA VAL A 577 -0.99 -41.50 4.39
C VAL A 577 -1.00 -40.02 4.65
N LEU A 578 0.10 -39.34 4.36
CA LEU A 578 0.20 -37.89 4.57
C LEU A 578 -0.74 -37.05 3.67
N MET A 579 -1.18 -37.60 2.52
CA MET A 579 -2.08 -36.86 1.63
C MET A 579 -3.45 -36.88 2.22
N LYS A 580 -3.88 -38.05 2.72
CA LYS A 580 -5.18 -38.20 3.36
C LYS A 580 -5.36 -37.14 4.46
N GLN A 581 -4.26 -36.84 5.21
CA GLN A 581 -4.22 -35.84 6.27
C GLN A 581 -4.33 -34.46 5.69
N GLY A 582 -3.61 -34.20 4.60
CA GLY A 582 -3.61 -32.91 3.90
C GLY A 582 -5.01 -32.61 3.42
N GLU A 583 -5.66 -33.60 2.79
CA GLU A 583 -7.04 -33.45 2.31
C GLU A 583 -7.98 -33.14 3.48
N ALA A 584 -7.80 -33.84 4.62
CA ALA A 584 -8.60 -33.55 5.83
C ALA A 584 -8.35 -32.11 6.27
N LEU A 585 -7.08 -31.71 6.34
CA LEU A 585 -6.74 -30.35 6.75
C LEU A 585 -7.25 -29.30 5.78
N SER A 586 -7.33 -29.70 4.49
CA SER A 586 -7.80 -28.85 3.41
C SER A 586 -9.29 -28.57 3.63
N LYS A 587 -10.05 -29.64 3.95
CA LYS A 587 -11.48 -29.51 4.23
C LYS A 587 -11.71 -28.69 5.46
N LEU A 588 -11.03 -29.03 6.58
CA LEU A 588 -11.14 -28.29 7.84
C LEU A 588 -11.04 -26.77 7.70
N LYS A 589 -10.17 -26.29 6.80
CA LYS A 589 -10.02 -24.86 6.52
C LYS A 589 -11.31 -24.31 5.83
N ALA A 590 -11.88 -25.07 4.86
CA ALA A 590 -13.07 -24.67 4.11
C ALA A 590 -14.25 -24.60 5.02
N LEU A 591 -14.39 -25.65 5.84
CA LEU A 591 -15.45 -25.75 6.84
C LEU A 591 -15.30 -24.61 7.82
N ASN A 592 -14.10 -24.38 8.37
CA ASN A 592 -13.92 -23.26 9.32
C ASN A 592 -14.30 -21.86 8.77
N ASP A 593 -14.04 -21.57 7.47
CA ASP A 593 -14.38 -20.26 6.90
C ASP A 593 -15.88 -20.12 6.85
N PHE A 594 -16.55 -21.19 6.50
CA PHE A 594 -18.00 -21.19 6.49
C PHE A 594 -18.47 -20.72 7.86
N VAL A 595 -18.08 -21.47 8.91
CA VAL A 595 -18.40 -21.22 10.33
C VAL A 595 -18.08 -19.76 10.76
N LYS A 596 -16.97 -19.18 10.24
CA LYS A 596 -16.57 -17.81 10.56
C LYS A 596 -17.53 -16.81 9.95
N VAL A 597 -17.94 -17.04 8.68
CA VAL A 597 -18.89 -16.16 8.01
C VAL A 597 -20.20 -16.33 8.75
N SER A 598 -20.73 -17.55 8.72
CA SER A 598 -21.99 -17.89 9.34
C SER A 598 -22.20 -17.18 10.67
N SER A 599 -21.27 -17.33 11.62
CA SER A 599 -21.38 -16.72 12.95
C SER A 599 -21.65 -15.20 12.95
N GLN A 600 -21.16 -14.47 11.94
CA GLN A 600 -21.35 -13.01 11.84
C GLN A 600 -22.79 -12.63 11.52
N LYS A 601 -23.53 -13.47 10.74
CA LYS A 601 -24.93 -13.21 10.37
C LYS A 601 -25.91 -13.94 11.29
N THR A 602 -25.85 -15.28 11.27
CA THR A 602 -26.75 -16.14 12.05
C THR A 602 -26.22 -16.26 13.51
N THR A 603 -26.79 -17.21 14.31
CA THR A 603 -26.48 -17.43 15.73
C THR A 603 -25.60 -18.65 15.91
N LYS A 604 -25.20 -18.96 17.16
CA LYS A 604 -24.35 -20.13 17.38
C LYS A 604 -25.06 -21.45 17.13
N PRO A 605 -26.26 -21.72 17.74
CA PRO A 605 -26.90 -23.03 17.50
C PRO A 605 -27.28 -23.30 16.03
N GLN A 606 -27.52 -22.21 15.25
CA GLN A 606 -27.84 -22.33 13.82
C GLN A 606 -26.56 -22.67 13.08
N THR A 607 -25.51 -21.84 13.26
CA THR A 607 -24.19 -22.08 12.65
C THR A 607 -23.74 -23.51 12.94
N LYS A 608 -23.93 -23.96 14.18
CA LYS A 608 -23.54 -25.29 14.60
C LYS A 608 -24.27 -26.33 13.74
N GLU A 609 -25.59 -26.15 13.52
CA GLU A 609 -26.35 -27.10 12.69
C GLU A 609 -25.94 -26.98 11.24
N MET A 610 -25.77 -25.75 10.81
CA MET A 610 -25.32 -25.45 9.47
C MET A 610 -23.97 -26.17 9.24
N MET A 611 -23.00 -25.99 10.17
CA MET A 611 -21.68 -26.65 10.16
C MET A 611 -21.83 -28.17 10.06
N HIS A 612 -22.71 -28.77 10.88
CA HIS A 612 -22.94 -30.22 10.81
C HIS A 612 -23.49 -30.63 9.45
N MET A 613 -24.31 -29.77 8.79
CA MET A 613 -24.85 -30.10 7.46
C MET A 613 -23.69 -30.21 6.49
N CYS A 614 -22.77 -29.24 6.53
N CYS A 614 -22.75 -29.25 6.52
CA CYS A 614 -21.57 -29.24 5.70
CA CYS A 614 -21.56 -29.32 5.67
C CYS A 614 -20.72 -30.50 5.93
C CYS A 614 -20.79 -30.59 5.92
N MET A 615 -20.56 -30.94 7.20
CA MET A 615 -19.82 -32.14 7.55
C MET A 615 -20.45 -33.41 7.01
N ARG A 616 -21.78 -33.48 6.99
CA ARG A 616 -22.44 -34.66 6.47
C ARG A 616 -22.32 -34.81 4.93
N GLN A 617 -21.89 -33.76 4.21
CA GLN A 617 -21.71 -33.82 2.75
C GLN A 617 -20.63 -34.85 2.39
N GLU A 618 -20.89 -35.63 1.32
CA GLU A 618 -20.08 -36.74 0.79
C GLU A 618 -18.58 -36.53 0.94
N THR A 619 -18.06 -35.44 0.32
CA THR A 619 -16.62 -35.12 0.30
C THR A 619 -16.04 -34.89 1.70
N TYR A 620 -16.81 -34.21 2.59
CA TYR A 620 -16.39 -33.97 3.96
C TYR A 620 -16.45 -35.24 4.81
N MET A 621 -17.41 -36.13 4.58
CA MET A 621 -17.49 -37.36 5.36
C MET A 621 -16.32 -38.28 5.04
N GLU A 622 -15.93 -38.35 3.76
CA GLU A 622 -14.81 -39.19 3.34
C GLU A 622 -13.49 -38.55 3.71
N ALA A 623 -13.39 -37.23 3.52
CA ALA A 623 -12.16 -36.50 3.80
C ALA A 623 -11.79 -36.42 5.26
N LEU A 624 -12.76 -36.16 6.16
CA LEU A 624 -12.42 -36.07 7.57
C LEU A 624 -12.43 -37.39 8.29
N SER A 625 -12.84 -38.51 7.67
CA SER A 625 -12.85 -39.79 8.38
C SER A 625 -11.65 -40.62 8.03
N HIS A 626 -11.33 -41.61 8.87
CA HIS A 626 -10.26 -42.59 8.68
C HIS A 626 -8.91 -42.02 8.32
N LEU A 627 -8.13 -41.64 9.33
CA LEU A 627 -6.79 -41.12 9.10
C LEU A 627 -5.97 -41.10 10.37
N GLN A 628 -4.65 -41.27 10.26
CA GLN A 628 -3.77 -41.15 11.42
C GLN A 628 -3.75 -39.67 11.80
N SER A 629 -3.79 -39.38 13.10
CA SER A 629 -3.78 -38.00 13.56
C SER A 629 -2.43 -37.31 13.18
N PRO A 630 -2.47 -36.08 12.68
CA PRO A 630 -1.20 -35.39 12.47
C PRO A 630 -0.51 -35.18 13.82
N LEU A 631 -1.26 -34.89 14.90
CA LEU A 631 -0.70 -34.68 16.23
C LEU A 631 -0.03 -35.92 16.83
N ASP A 632 -0.37 -37.11 16.34
CA ASP A 632 0.16 -38.34 16.88
C ASP A 632 -0.12 -39.44 15.88
N PRO A 633 0.91 -39.82 15.09
CA PRO A 633 0.70 -40.89 14.08
C PRO A 633 0.20 -42.24 14.62
N SER A 634 0.28 -42.49 15.95
CA SER A 634 -0.24 -43.71 16.53
C SER A 634 -1.75 -43.66 16.82
N THR A 635 -2.32 -42.44 16.97
CA THR A 635 -3.76 -42.27 17.18
C THR A 635 -4.45 -42.33 15.83
N LEU A 636 -5.54 -43.09 15.71
CA LEU A 636 -6.34 -43.13 14.48
C LEU A 636 -7.65 -42.32 14.64
N LEU A 637 -7.86 -41.36 13.75
CA LEU A 637 -9.06 -40.58 13.69
C LEU A 637 -9.99 -41.36 12.71
N GLU A 638 -10.92 -42.19 13.25
CA GLU A 638 -11.80 -43.04 12.46
C GLU A 638 -13.11 -42.36 12.08
N GLU A 639 -14.20 -42.61 12.83
CA GLU A 639 -15.49 -42.03 12.53
C GLU A 639 -15.65 -40.69 13.21
N VAL A 640 -15.89 -39.64 12.43
CA VAL A 640 -16.10 -38.32 12.98
C VAL A 640 -17.53 -38.27 13.56
N CYS A 641 -17.67 -38.02 14.87
CA CYS A 641 -18.98 -37.89 15.51
C CYS A 641 -19.48 -36.51 15.22
N VAL A 642 -20.30 -36.35 14.17
CA VAL A 642 -20.74 -35.03 13.75
C VAL A 642 -21.59 -34.30 14.82
N GLU A 643 -22.45 -35.01 15.57
CA GLU A 643 -23.24 -34.34 16.62
C GLU A 643 -22.38 -33.70 17.72
N GLN A 644 -21.32 -34.39 18.14
CA GLN A 644 -20.38 -33.85 19.12
C GLN A 644 -19.42 -32.73 18.55
N CYS A 645 -19.34 -32.55 17.24
CA CYS A 645 -18.47 -31.50 16.69
C CYS A 645 -19.05 -30.12 16.91
N THR A 646 -18.20 -29.09 17.08
CA THR A 646 -18.63 -27.68 17.29
C THR A 646 -17.45 -26.69 17.04
N PHE A 647 -17.48 -25.47 17.63
CA PHE A 647 -16.39 -24.50 17.56
C PHE A 647 -16.46 -23.60 18.76
N MET A 648 -15.36 -23.01 19.26
CA MET A 648 -15.51 -22.05 20.38
C MET A 648 -15.78 -20.68 19.80
N ASP A 649 -16.68 -19.95 20.46
CA ASP A 649 -17.05 -18.59 20.06
C ASP A 649 -15.90 -17.69 20.50
N SER A 650 -14.80 -17.63 19.73
CA SER A 650 -13.66 -16.80 20.12
C SER A 650 -12.78 -16.37 18.96
N LYS A 651 -13.11 -15.23 18.33
CA LYS A 651 -12.31 -14.59 17.28
C LYS A 651 -12.00 -15.48 16.07
N MET A 652 -11.11 -16.47 16.23
CA MET A 652 -10.73 -17.38 15.15
C MET A 652 -11.65 -18.60 15.01
N LYS A 653 -12.75 -18.68 15.82
CA LYS A 653 -13.75 -19.74 15.78
C LYS A 653 -13.13 -21.13 15.62
N PRO A 654 -12.15 -21.46 16.48
CA PRO A 654 -11.49 -22.77 16.39
C PRO A 654 -12.49 -23.91 16.39
N LEU A 655 -12.37 -24.86 15.44
CA LEU A 655 -13.29 -26.01 15.37
C LEU A 655 -12.90 -27.06 16.42
N TRP A 656 -13.92 -27.68 17.01
CA TRP A 656 -13.85 -28.74 18.01
C TRP A 656 -14.29 -30.02 17.28
N ILE A 657 -13.36 -30.85 16.82
CA ILE A 657 -13.78 -32.04 16.06
C ILE A 657 -13.61 -33.27 16.92
N MET A 658 -14.66 -34.08 17.06
CA MET A 658 -14.61 -35.32 17.87
C MET A 658 -14.72 -36.59 17.00
N TYR A 659 -14.02 -37.65 17.41
CA TYR A 659 -13.93 -38.94 16.71
C TYR A 659 -14.27 -40.09 17.61
N SER A 660 -14.64 -41.21 17.00
CA SER A 660 -14.91 -42.46 17.70
C SER A 660 -14.47 -43.60 16.83
N SER A 661 -14.23 -44.77 17.44
CA SER A 661 -13.84 -46.00 16.73
C SER A 661 -14.46 -47.18 17.43
N GLU A 662 -15.12 -48.09 16.68
CA GLU A 662 -15.74 -49.31 17.25
C GLU A 662 -14.63 -50.26 17.66
N GLU A 663 -13.68 -50.46 16.72
CA GLU A 663 -12.52 -51.33 16.91
C GLU A 663 -11.64 -50.98 18.15
N ALA A 664 -11.60 -49.70 18.58
CA ALA A 664 -10.80 -49.29 19.76
C ALA A 664 -11.63 -49.08 21.03
N GLY A 665 -12.97 -48.96 20.92
CA GLY A 665 -13.80 -48.70 22.08
C GLY A 665 -13.55 -47.28 22.59
N SER A 666 -13.26 -47.13 23.88
CA SER A 666 -13.01 -45.81 24.47
C SER A 666 -11.67 -45.22 24.08
N ALA A 667 -10.64 -46.04 23.92
CA ALA A 667 -9.32 -45.55 23.50
C ALA A 667 -9.38 -44.86 22.12
N GLY A 668 -10.42 -45.20 21.32
CA GLY A 668 -10.64 -44.59 20.01
C GLY A 668 -11.44 -43.31 20.05
N ASN A 669 -11.84 -42.84 21.25
CA ASN A 669 -12.56 -41.58 21.40
C ASN A 669 -11.50 -40.51 21.63
N VAL A 670 -11.27 -39.69 20.59
CA VAL A 670 -10.26 -38.62 20.63
C VAL A 670 -10.80 -37.35 19.96
N GLY A 671 -10.39 -36.18 20.46
CA GLY A 671 -10.83 -34.88 19.93
C GLY A 671 -9.69 -34.01 19.45
N ILE A 672 -9.94 -33.14 18.44
CA ILE A 672 -8.91 -32.23 17.95
C ILE A 672 -9.48 -30.83 17.73
N ILE A 673 -8.64 -29.79 17.96
CA ILE A 673 -9.02 -28.39 17.80
C ILE A 673 -8.31 -27.91 16.55
N PHE A 674 -9.07 -27.58 15.49
CA PHE A 674 -8.43 -27.02 14.29
C PHE A 674 -8.43 -25.48 14.49
N LYS A 675 -7.28 -24.84 14.30
CA LYS A 675 -7.18 -23.38 14.45
C LYS A 675 -6.68 -22.78 13.13
N ASN A 676 -7.18 -21.61 12.76
CA ASN A 676 -6.73 -20.94 11.54
C ASN A 676 -6.85 -19.43 11.73
N GLY A 677 -5.78 -18.68 11.38
CA GLY A 677 -5.74 -17.23 11.53
C GLY A 677 -4.71 -16.77 12.57
N ASP A 678 -4.24 -17.71 13.41
CA ASP A 678 -3.21 -17.46 14.42
C ASP A 678 -2.07 -18.43 14.22
N ASP A 679 -0.85 -18.03 14.63
CA ASP A 679 0.37 -18.84 14.51
C ASP A 679 0.62 -19.68 15.76
N LEU A 680 0.55 -21.03 15.64
CA LEU A 680 0.76 -21.92 16.79
C LEU A 680 2.23 -22.28 17.03
N ARG A 681 3.18 -21.67 16.29
CA ARG A 681 4.58 -22.01 16.45
C ARG A 681 5.10 -21.74 17.86
N GLN A 682 4.66 -20.64 18.47
CA GLN A 682 5.08 -20.33 19.85
C GLN A 682 4.48 -21.32 20.83
N ASP A 683 3.19 -21.66 20.65
CA ASP A 683 2.50 -22.62 21.50
C ASP A 683 3.21 -23.97 21.43
N MET A 684 3.64 -24.41 20.22
CA MET A 684 4.38 -25.66 20.10
C MET A 684 5.71 -25.59 20.87
N LEU A 685 6.41 -24.44 20.80
CA LEU A 685 7.69 -24.25 21.47
C LEU A 685 7.50 -24.21 22.98
N THR A 686 6.44 -23.55 23.47
CA THR A 686 6.20 -23.52 24.90
C THR A 686 5.89 -24.92 25.39
N LEU A 687 5.14 -25.68 24.62
CA LEU A 687 4.79 -27.06 24.97
C LEU A 687 5.98 -28.00 24.87
N GLN A 688 6.90 -27.75 23.94
CA GLN A 688 8.10 -28.58 23.78
C GLN A 688 8.96 -28.49 25.04
N MET A 689 9.04 -27.26 25.58
CA MET A 689 9.80 -26.96 26.77
C MET A 689 9.20 -27.60 28.00
N ILE A 690 7.89 -27.42 28.23
CA ILE A 690 7.20 -28.04 29.35
C ILE A 690 7.51 -29.55 29.33
N GLN A 691 7.36 -30.19 28.15
CA GLN A 691 7.64 -31.63 27.97
C GLN A 691 9.11 -31.96 28.30
N LEU A 692 10.06 -31.07 27.92
CA LEU A 692 11.48 -31.27 28.23
C LEU A 692 11.69 -31.17 29.75
N MET A 693 11.03 -30.21 30.42
CA MET A 693 11.11 -30.11 31.88
C MET A 693 10.62 -31.42 32.54
N ASP A 694 9.48 -31.97 32.06
CA ASP A 694 8.93 -33.24 32.56
C ASP A 694 9.95 -34.38 32.41
N VAL A 695 10.73 -34.38 31.32
CA VAL A 695 11.76 -35.40 31.10
C VAL A 695 12.91 -35.24 32.08
N LEU A 696 13.45 -34.01 32.18
CA LEU A 696 14.56 -33.73 33.10
C LEU A 696 14.19 -33.98 34.57
N TRP A 697 12.91 -33.76 34.92
CA TRP A 697 12.40 -34.03 36.26
C TRP A 697 12.26 -35.54 36.37
N LYS A 698 11.59 -36.19 35.42
CA LYS A 698 11.43 -37.65 35.48
C LYS A 698 12.79 -38.37 35.54
N GLN A 699 13.82 -37.84 34.87
CA GLN A 699 15.17 -38.43 34.90
C GLN A 699 15.80 -38.38 36.30
N GLU A 700 15.46 -37.37 37.11
CA GLU A 700 15.95 -37.26 38.50
C GLU A 700 14.98 -37.99 39.48
N GLY A 701 14.06 -38.81 38.95
CA GLY A 701 13.11 -39.56 39.75
C GLY A 701 11.94 -38.71 40.29
N LEU A 702 11.61 -37.58 39.60
CA LEU A 702 10.52 -36.70 40.03
C LEU A 702 9.41 -36.57 38.95
N ASP A 703 8.25 -37.23 39.16
CA ASP A 703 7.13 -37.16 38.22
C ASP A 703 6.12 -36.13 38.75
N LEU A 704 6.10 -34.92 38.15
CA LEU A 704 5.17 -33.86 38.55
C LEU A 704 3.91 -33.85 37.73
N ARG A 705 3.42 -35.02 37.29
CA ARG A 705 2.13 -35.19 36.62
C ARG A 705 1.75 -34.11 35.60
N MET A 706 2.71 -33.76 34.70
CA MET A 706 2.48 -32.73 33.68
C MET A 706 1.55 -33.25 32.56
N THR A 707 0.97 -32.32 31.78
CA THR A 707 0.06 -32.68 30.68
C THR A 707 0.50 -31.96 29.41
N PRO A 708 1.58 -32.42 28.78
CA PRO A 708 2.09 -31.76 27.58
C PRO A 708 1.36 -32.29 26.36
N TYR A 709 0.16 -31.74 26.13
CA TYR A 709 -0.75 -32.10 25.01
C TYR A 709 -0.17 -31.69 23.66
N GLY A 710 -0.59 -32.43 22.62
CA GLY A 710 -0.12 -32.21 21.26
C GLY A 710 -0.58 -30.87 20.68
N CYS A 711 0.32 -30.20 19.95
CA CYS A 711 0.05 -28.96 19.22
C CYS A 711 0.95 -29.01 18.02
N LEU A 712 0.39 -28.90 16.82
CA LEU A 712 1.13 -29.04 15.57
C LEU A 712 0.79 -27.95 14.54
N PRO A 713 1.73 -27.03 14.21
CA PRO A 713 1.45 -26.07 13.15
C PRO A 713 1.62 -26.86 11.86
N THR A 714 0.63 -26.74 10.94
CA THR A 714 0.60 -27.49 9.68
C THR A 714 0.53 -26.60 8.41
N GLY A 715 0.36 -25.26 8.56
CA GLY A 715 0.25 -24.36 7.41
C GLY A 715 0.25 -22.89 7.79
N ASP A 716 -0.19 -22.01 6.86
CA ASP A 716 -0.17 -20.55 7.07
C ASP A 716 -1.12 -20.11 8.19
N ARG A 717 -0.56 -19.91 9.40
CA ARG A 717 -1.36 -19.59 10.58
C ARG A 717 -2.45 -20.68 10.74
N THR A 718 -2.05 -21.97 10.61
CA THR A 718 -2.93 -23.13 10.63
C THR A 718 -2.29 -24.24 11.45
N GLY A 719 -3.10 -24.95 12.26
CA GLY A 719 -2.58 -26.08 13.02
C GLY A 719 -3.65 -26.79 13.79
N LEU A 720 -3.28 -27.94 14.31
CA LEU A 720 -4.15 -28.76 15.15
C LEU A 720 -3.66 -28.68 16.60
N ILE A 721 -4.59 -28.93 17.56
CA ILE A 721 -4.29 -29.02 18.98
C ILE A 721 -5.00 -30.27 19.47
N GLU A 722 -4.43 -30.99 20.42
CA GLU A 722 -5.05 -32.22 20.94
C GLU A 722 -6.05 -31.89 22.08
N VAL A 723 -7.29 -32.37 22.02
CA VAL A 723 -8.24 -32.17 23.11
C VAL A 723 -7.88 -33.19 24.17
N VAL A 724 -7.52 -32.71 25.41
CA VAL A 724 -7.22 -33.57 26.56
C VAL A 724 -8.57 -33.95 27.13
N LEU A 725 -9.02 -35.21 27.00
CA LEU A 725 -10.35 -35.57 27.49
C LEU A 725 -10.45 -35.65 29.01
N HIS A 726 -11.70 -35.63 29.53
CA HIS A 726 -11.97 -35.71 30.97
C HIS A 726 -11.26 -34.58 31.72
N SER A 727 -11.48 -33.34 31.26
CA SER A 727 -10.89 -32.14 31.85
C SER A 727 -11.75 -30.95 31.48
N ASP A 728 -11.71 -29.87 32.29
CA ASP A 728 -12.48 -28.63 32.05
C ASP A 728 -11.70 -27.45 32.57
N THR A 729 -12.02 -26.21 32.13
CA THR A 729 -11.31 -25.02 32.61
C THR A 729 -11.73 -24.61 34.02
N ILE A 730 -10.85 -23.84 34.68
CA ILE A 730 -11.12 -23.35 36.03
C ILE A 730 -12.32 -22.41 35.98
N ALA A 731 -12.45 -21.59 34.91
CA ALA A 731 -13.59 -20.68 34.76
C ALA A 731 -14.90 -21.47 34.66
N ASN A 732 -14.92 -22.56 33.85
CA ASN A 732 -16.12 -23.40 33.68
C ASN A 732 -16.45 -24.18 34.94
N ILE A 733 -15.47 -24.43 35.82
CA ILE A 733 -15.69 -25.12 37.09
C ILE A 733 -16.11 -24.05 38.14
N GLN A 734 -15.33 -22.95 38.25
CA GLN A 734 -15.62 -21.83 39.16
C GLN A 734 -16.98 -21.18 38.90
N LEU A 735 -17.62 -21.44 37.72
CA LEU A 735 -18.98 -20.93 37.48
C LEU A 735 -19.83 -21.23 38.71
N ASN A 736 -19.55 -22.38 39.39
CA ASN A 736 -20.28 -22.84 40.59
C ASN A 736 -21.69 -23.22 40.09
N LYS A 737 -21.72 -23.91 38.93
CA LYS A 737 -22.93 -24.26 38.19
C LYS A 737 -24.06 -24.85 39.07
N SER A 738 -25.30 -24.36 38.81
CA SER A 738 -26.51 -24.72 39.55
C SER A 738 -26.91 -26.20 39.35
N ASN A 739 -27.21 -26.90 40.46
CA ASN A 739 -27.64 -28.30 40.51
C ASN A 739 -26.64 -29.27 39.80
N MET A 740 -25.34 -29.05 40.03
CA MET A 740 -24.28 -29.95 39.57
C MET A 740 -23.82 -30.68 40.84
N ALA A 741 -22.90 -31.65 40.71
CA ALA A 741 -22.41 -32.39 41.86
C ALA A 741 -21.44 -31.56 42.76
N ALA A 742 -20.98 -30.37 42.30
CA ALA A 742 -20.06 -29.50 43.03
C ALA A 742 -20.67 -28.16 43.50
N THR A 743 -21.90 -28.19 44.06
CA THR A 743 -22.56 -26.95 44.51
C THR A 743 -21.81 -26.40 45.73
N ALA A 744 -21.22 -25.19 45.62
CA ALA A 744 -20.42 -24.60 46.70
C ALA A 744 -20.78 -23.15 47.02
N ALA A 745 -20.70 -22.79 48.32
CA ALA A 745 -21.03 -21.46 48.84
C ALA A 745 -20.04 -20.39 48.45
N PHE A 746 -18.74 -20.72 48.49
CA PHE A 746 -17.65 -19.79 48.14
C PHE A 746 -16.84 -20.27 46.91
N ASN A 747 -16.00 -19.37 46.36
CA ASN A 747 -15.19 -19.65 45.19
C ASN A 747 -14.06 -20.63 45.53
N LYS A 748 -13.38 -20.39 46.67
CA LYS A 748 -12.29 -21.26 47.16
C LYS A 748 -12.69 -22.76 47.15
N ASP A 749 -13.94 -23.06 47.54
CA ASP A 749 -14.46 -24.43 47.64
C ASP A 749 -14.85 -25.06 46.32
N ALA A 750 -15.09 -24.24 45.27
CA ALA A 750 -15.55 -24.73 43.96
C ALA A 750 -14.65 -25.83 43.42
N LEU A 751 -13.34 -25.51 43.33
CA LEU A 751 -12.30 -26.41 42.83
C LEU A 751 -12.31 -27.79 43.50
N LEU A 752 -12.11 -27.82 44.83
CA LEU A 752 -12.11 -29.05 45.62
C LEU A 752 -13.46 -29.81 45.56
N ASN A 753 -14.57 -29.07 45.48
CA ASN A 753 -15.91 -29.70 45.37
C ASN A 753 -16.00 -30.45 44.04
N TRP A 754 -15.42 -29.84 42.96
CA TRP A 754 -15.36 -30.47 41.63
C TRP A 754 -14.55 -31.76 41.71
N LEU A 755 -13.45 -31.74 42.46
CA LEU A 755 -12.64 -32.93 42.65
C LEU A 755 -13.30 -34.01 43.48
N LYS A 756 -14.07 -33.63 44.52
CA LYS A 756 -14.80 -34.62 45.33
C LYS A 756 -15.80 -35.36 44.45
N SER A 757 -16.54 -34.60 43.63
CA SER A 757 -17.53 -35.18 42.70
C SER A 757 -16.93 -36.08 41.62
N LYS A 758 -15.72 -35.77 41.13
CA LYS A 758 -15.06 -36.59 40.10
C LYS A 758 -14.21 -37.72 40.71
N ASN A 759 -13.74 -37.57 41.98
CA ASN A 759 -12.92 -38.56 42.67
C ASN A 759 -13.48 -38.84 44.09
N PRO A 760 -14.63 -39.55 44.18
CA PRO A 760 -15.24 -39.84 45.49
C PRO A 760 -14.51 -40.93 46.28
N GLY A 761 -14.65 -40.88 47.62
CA GLY A 761 -14.09 -41.87 48.53
C GLY A 761 -12.60 -41.69 48.76
N GLU A 762 -11.84 -42.80 48.73
CA GLU A 762 -10.40 -42.80 48.93
C GLU A 762 -9.66 -42.15 47.76
N ALA A 763 -10.29 -42.15 46.57
CA ALA A 763 -9.77 -41.56 45.33
C ALA A 763 -9.37 -40.09 45.44
N LEU A 764 -9.91 -39.33 46.42
CA LEU A 764 -9.63 -37.92 46.52
C LEU A 764 -8.20 -37.60 46.97
N ASP A 765 -7.58 -38.40 47.86
CA ASP A 765 -6.19 -38.10 48.30
C ASP A 765 -5.18 -38.27 47.17
N ARG A 766 -5.48 -39.18 46.21
CA ARG A 766 -4.66 -39.43 45.02
C ARG A 766 -4.78 -38.16 44.14
N ALA A 767 -6.03 -37.74 43.84
CA ALA A 767 -6.32 -36.55 43.06
C ALA A 767 -5.68 -35.27 43.63
N ILE A 768 -5.58 -35.13 44.97
CA ILE A 768 -4.97 -33.94 45.57
C ILE A 768 -3.44 -34.05 45.43
N GLU A 769 -2.90 -35.28 45.50
CA GLU A 769 -1.47 -35.47 45.29
C GLU A 769 -1.19 -35.08 43.83
N GLU A 770 -2.03 -35.60 42.88
CA GLU A 770 -1.93 -35.28 41.45
C GLU A 770 -1.97 -33.79 41.25
N PHE A 771 -2.95 -33.13 41.86
CA PHE A 771 -3.10 -31.67 41.77
C PHE A 771 -1.85 -30.89 42.30
N THR A 772 -1.29 -31.33 43.43
CA THR A 772 -0.16 -30.68 44.08
C THR A 772 1.10 -30.72 43.25
N LEU A 773 1.39 -31.91 42.68
CA LEU A 773 2.60 -32.14 41.88
C LEU A 773 2.56 -31.36 40.57
N SER A 774 1.46 -31.52 39.83
CA SER A 774 1.19 -30.81 38.59
C SER A 774 1.20 -29.28 38.79
N CYS A 775 0.59 -28.82 39.86
CA CYS A 775 0.60 -27.41 40.18
C CYS A 775 2.01 -26.92 40.42
N ALA A 776 2.85 -27.71 41.12
CA ALA A 776 4.24 -27.31 41.40
C ALA A 776 4.99 -27.15 40.10
N GLY A 777 4.93 -28.16 39.23
CA GLY A 777 5.58 -28.12 37.95
C GLY A 777 5.07 -26.96 37.11
N TYR A 778 3.75 -26.74 37.05
CA TYR A 778 3.23 -25.66 36.22
C TYR A 778 3.55 -24.29 36.80
N CYS A 779 3.73 -24.18 38.13
CA CYS A 779 4.14 -22.92 38.77
C CYS A 779 5.59 -22.65 38.39
N VAL A 780 6.43 -23.68 38.43
CA VAL A 780 7.86 -23.56 38.08
C VAL A 780 8.02 -23.33 36.58
N ALA A 781 7.30 -24.10 35.75
CA ALA A 781 7.39 -24.00 34.29
C ALA A 781 6.94 -22.61 33.78
N THR A 782 5.80 -22.12 34.26
CA THR A 782 5.31 -20.81 33.85
C THR A 782 6.24 -19.72 34.34
N TYR A 783 6.93 -19.92 35.50
CA TYR A 783 7.86 -18.93 36.04
C TYR A 783 9.15 -18.87 35.17
N VAL A 784 9.77 -20.02 34.91
CA VAL A 784 10.99 -20.09 34.12
C VAL A 784 10.74 -19.51 32.75
N LEU A 785 9.67 -20.00 32.06
CA LEU A 785 9.32 -19.57 30.69
C LEU A 785 8.62 -18.20 30.63
N GLY A 786 8.11 -17.71 31.77
CA GLY A 786 7.48 -16.39 31.82
C GLY A 786 6.20 -16.34 31.01
N ILE A 787 5.26 -17.22 31.36
CA ILE A 787 3.97 -17.30 30.69
C ILE A 787 2.90 -16.46 31.45
N GLY A 788 2.61 -15.24 30.93
CA GLY A 788 1.64 -14.31 31.52
C GLY A 788 0.19 -14.49 31.00
N ASP A 789 -0.73 -13.62 31.47
CA ASP A 789 -2.16 -13.63 31.13
C ASP A 789 -2.78 -14.98 31.53
N ARG A 790 -2.55 -15.36 32.79
CA ARG A 790 -3.00 -16.63 33.32
C ARG A 790 -4.32 -16.50 34.10
N HIS A 791 -5.45 -16.50 33.38
CA HIS A 791 -6.77 -16.41 33.99
C HIS A 791 -7.36 -17.82 34.11
N SER A 792 -8.53 -17.92 34.75
CA SER A 792 -9.20 -19.20 34.94
C SER A 792 -9.71 -19.82 33.63
N ASP A 793 -9.90 -18.99 32.59
CA ASP A 793 -10.36 -19.48 31.29
C ASP A 793 -9.30 -20.27 30.54
N ASN A 794 -7.98 -20.07 30.86
CA ASN A 794 -6.87 -20.76 30.18
C ASN A 794 -6.02 -21.63 31.13
N ILE A 795 -6.53 -21.97 32.31
CA ILE A 795 -5.91 -22.91 33.24
C ILE A 795 -6.92 -24.06 33.31
N MET A 796 -6.43 -25.29 33.23
CA MET A 796 -7.27 -26.48 33.21
C MET A 796 -6.94 -27.44 34.29
N ILE A 797 -7.81 -28.42 34.46
CA ILE A 797 -7.66 -29.43 35.50
C ILE A 797 -8.28 -30.69 34.98
N ARG A 798 -7.65 -31.82 35.22
CA ARG A 798 -8.16 -33.10 34.76
C ARG A 798 -9.07 -33.68 35.79
N GLU A 799 -9.95 -34.60 35.39
CA GLU A 799 -10.83 -35.31 36.31
C GLU A 799 -10.00 -36.11 37.31
N SER A 800 -8.75 -36.47 36.94
CA SER A 800 -7.77 -37.17 37.79
C SER A 800 -7.11 -36.21 38.81
N GLY A 801 -7.39 -34.90 38.70
CA GLY A 801 -6.88 -33.90 39.61
C GLY A 801 -5.71 -33.13 39.06
N GLN A 802 -5.13 -33.54 37.95
CA GLN A 802 -3.93 -32.89 37.38
C GLN A 802 -4.17 -31.49 36.78
N LEU A 803 -3.44 -30.47 37.24
CA LEU A 803 -3.53 -29.12 36.68
C LEU A 803 -2.68 -28.99 35.38
N PHE A 804 -3.14 -28.18 34.42
CA PHE A 804 -2.38 -27.91 33.20
C PHE A 804 -2.80 -26.58 32.59
N HIS A 805 -1.91 -25.93 31.85
CA HIS A 805 -2.18 -24.63 31.25
C HIS A 805 -2.35 -24.78 29.77
N ILE A 806 -3.08 -23.84 29.15
CA ILE A 806 -3.33 -23.81 27.73
C ILE A 806 -3.14 -22.36 27.19
N ASP A 807 -3.18 -22.18 25.85
CA ASP A 807 -3.04 -20.89 25.18
C ASP A 807 -1.76 -20.19 25.58
N PHE A 808 -0.66 -20.65 25.01
CA PHE A 808 0.67 -20.13 25.27
C PHE A 808 1.08 -19.17 24.14
N GLY A 809 0.24 -18.16 23.90
CA GLY A 809 0.46 -17.18 22.85
C GLY A 809 1.50 -16.14 23.24
N HIS A 810 1.69 -15.89 24.56
CA HIS A 810 2.66 -14.91 25.07
C HIS A 810 3.61 -15.53 26.12
N PHE A 811 4.93 -15.60 25.81
CA PHE A 811 5.92 -16.13 26.74
C PHE A 811 7.11 -15.20 26.89
N LEU A 812 8.03 -15.52 27.82
CA LEU A 812 9.22 -14.72 28.15
C LEU A 812 8.86 -13.29 28.56
N GLY A 813 7.81 -13.13 29.39
CA GLY A 813 7.35 -11.83 29.90
C GLY A 813 7.11 -10.75 28.82
N ASN A 814 6.30 -11.08 27.78
CA ASN A 814 5.98 -10.17 26.66
C ASN A 814 4.45 -10.14 26.40
N PHE A 815 3.66 -9.87 27.46
CA PHE A 815 2.18 -9.77 27.42
C PHE A 815 1.65 -8.89 26.27
N ARG A 825 8.53 -8.84 32.59
CA ARG A 825 9.06 -9.52 33.77
C ARG A 825 7.94 -10.08 34.65
N VAL A 826 7.61 -11.39 34.50
CA VAL A 826 6.54 -12.04 35.28
C VAL A 826 7.11 -12.66 36.57
N PRO A 827 6.37 -12.54 37.71
CA PRO A 827 6.83 -13.12 38.96
C PRO A 827 6.36 -14.55 39.11
N PHE A 828 6.70 -15.17 40.25
CA PHE A 828 6.21 -16.52 40.55
C PHE A 828 4.74 -16.32 40.94
N ILE A 829 3.83 -17.20 40.51
CA ILE A 829 2.40 -17.02 40.79
C ILE A 829 1.83 -18.20 41.55
N LEU A 830 0.94 -17.90 42.51
CA LEU A 830 0.20 -18.86 43.31
C LEU A 830 -1.24 -18.31 43.56
N THR A 831 -2.28 -19.10 43.23
CA THR A 831 -3.67 -18.69 43.44
C THR A 831 -4.13 -19.29 44.74
N TYR A 832 -4.95 -18.57 45.54
CA TYR A 832 -5.41 -19.12 46.81
C TYR A 832 -6.33 -20.33 46.63
N ASP A 833 -7.09 -20.36 45.53
CA ASP A 833 -7.99 -21.48 45.21
C ASP A 833 -7.21 -22.81 45.02
N PHE A 834 -5.90 -22.72 44.61
CA PHE A 834 -5.02 -23.87 44.45
C PHE A 834 -4.42 -24.24 45.79
N VAL A 835 -3.93 -23.23 46.54
CA VAL A 835 -3.35 -23.44 47.87
C VAL A 835 -4.36 -24.20 48.75
N HIS A 836 -5.63 -23.76 48.71
CA HIS A 836 -6.73 -24.39 49.44
C HIS A 836 -6.85 -25.89 49.11
N VAL A 837 -6.73 -26.26 47.81
CA VAL A 837 -6.84 -27.67 47.37
C VAL A 837 -5.59 -28.42 47.80
N ILE A 838 -4.40 -27.81 47.61
CA ILE A 838 -3.12 -28.39 48.05
C ILE A 838 -3.21 -28.73 49.56
N GLN A 839 -3.85 -27.83 50.36
CA GLN A 839 -4.04 -27.98 51.82
C GLN A 839 -5.23 -28.87 52.23
N GLN A 840 -5.78 -29.68 51.31
CA GLN A 840 -6.90 -30.60 51.56
C GLN A 840 -8.19 -29.90 52.02
N GLY A 841 -8.38 -28.63 51.63
CA GLY A 841 -9.57 -27.86 51.98
C GLY A 841 -9.57 -27.31 53.43
N LYS A 842 -8.38 -27.03 53.97
CA LYS A 842 -8.21 -26.50 55.33
C LYS A 842 -7.43 -25.20 55.23
N THR A 843 -7.76 -24.20 56.08
CA THR A 843 -7.07 -22.91 56.07
C THR A 843 -5.63 -23.04 56.61
N ASN A 844 -5.34 -24.12 57.37
CA ASN A 844 -4.00 -24.37 57.91
C ASN A 844 -3.62 -25.86 57.88
N ASN A 845 -2.84 -26.23 56.84
CA ASN A 845 -2.28 -27.56 56.64
C ASN A 845 -0.84 -27.34 56.13
N SER A 846 0.00 -26.76 57.01
CA SER A 846 1.42 -26.44 56.76
C SER A 846 2.25 -27.68 56.40
N GLU A 847 1.81 -28.86 56.88
CA GLU A 847 2.43 -30.16 56.59
C GLU A 847 2.47 -30.36 55.07
N LYS A 848 1.30 -30.23 54.41
CA LYS A 848 1.15 -30.37 52.96
C LYS A 848 1.80 -29.23 52.20
N PHE A 849 1.71 -28.01 52.75
CA PHE A 849 2.23 -26.83 52.09
C PHE A 849 3.75 -26.85 51.95
N GLU A 850 4.45 -27.45 52.92
CA GLU A 850 5.91 -27.54 52.84
C GLU A 850 6.32 -28.65 51.86
N ARG A 851 5.54 -29.76 51.77
CA ARG A 851 5.82 -30.77 50.76
C ARG A 851 5.73 -30.06 49.39
N PHE A 852 4.63 -29.31 49.17
CA PHE A 852 4.39 -28.59 47.93
C PHE A 852 5.54 -27.66 47.61
N ARG A 853 5.89 -26.78 48.56
CA ARG A 853 7.00 -25.83 48.40
C ARG A 853 8.28 -26.62 48.08
N GLY A 854 8.40 -27.86 48.64
CA GLY A 854 9.55 -28.74 48.39
C GLY A 854 9.64 -29.16 46.90
N TYR A 855 8.48 -29.53 46.30
CA TYR A 855 8.44 -29.91 44.89
C TYR A 855 8.85 -28.72 44.00
N CYS A 856 8.39 -27.50 44.36
CA CYS A 856 8.73 -26.28 43.60
C CYS A 856 10.19 -25.98 43.71
N GLU A 857 10.81 -26.31 44.85
CA GLU A 857 12.23 -26.09 45.06
C GLU A 857 13.04 -27.15 44.34
N ARG A 858 12.63 -28.45 44.43
CA ARG A 858 13.34 -29.55 43.74
C ARG A 858 13.34 -29.31 42.25
N ALA A 859 12.13 -29.12 41.68
CA ALA A 859 11.93 -28.83 40.27
C ALA A 859 12.78 -27.69 39.77
N TYR A 860 12.70 -26.52 40.43
CA TYR A 860 13.43 -25.32 40.04
C TYR A 860 14.96 -25.53 39.93
N THR A 861 15.55 -26.16 40.94
CA THR A 861 16.99 -26.42 40.93
C THR A 861 17.37 -27.40 39.82
N ILE A 862 16.56 -28.48 39.61
CA ILE A 862 16.82 -29.48 38.58
C ILE A 862 16.99 -28.77 37.21
N LEU A 863 16.09 -27.83 36.90
CA LEU A 863 16.17 -27.10 35.64
C LEU A 863 17.45 -26.24 35.59
N ARG A 864 17.86 -25.59 36.71
CA ARG A 864 19.07 -24.77 36.69
C ARG A 864 20.31 -25.56 36.28
N ARG A 865 20.41 -26.84 36.70
CA ARG A 865 21.55 -27.69 36.35
C ARG A 865 21.57 -27.93 34.83
N HIS A 866 20.38 -27.88 34.19
CA HIS A 866 20.19 -28.01 32.77
C HIS A 866 20.03 -26.68 32.05
N GLY A 867 20.18 -25.55 32.75
CA GLY A 867 20.05 -24.21 32.19
C GLY A 867 20.64 -24.08 30.79
N LEU A 868 21.82 -24.71 30.56
CA LEU A 868 22.48 -24.64 29.24
C LEU A 868 21.69 -25.33 28.16
N LEU A 869 21.03 -26.47 28.43
CA LEU A 869 20.25 -27.12 27.38
C LEU A 869 19.15 -26.17 26.93
N PHE A 870 18.38 -25.63 27.89
CA PHE A 870 17.33 -24.68 27.57
C PHE A 870 17.91 -23.49 26.79
N LEU A 871 19.10 -23.00 27.17
CA LEU A 871 19.73 -21.91 26.45
C LEU A 871 20.18 -22.33 25.07
N HIS A 872 20.81 -23.51 24.95
CA HIS A 872 21.30 -24.00 23.67
C HIS A 872 20.15 -24.21 22.69
N LEU A 873 18.99 -24.72 23.16
CA LEU A 873 17.85 -24.95 22.27
C LEU A 873 17.16 -23.62 21.91
N PHE A 874 17.04 -22.69 22.87
CA PHE A 874 16.45 -21.37 22.59
C PHE A 874 17.34 -20.54 21.67
N ALA A 875 18.65 -20.84 21.61
CA ALA A 875 19.57 -20.11 20.74
C ALA A 875 19.36 -20.50 19.27
N LEU A 876 18.97 -21.76 19.00
CA LEU A 876 18.72 -22.23 17.63
C LEU A 876 17.35 -21.73 17.11
N MET A 877 16.43 -21.35 18.01
CA MET A 877 15.10 -20.81 17.65
C MET A 877 15.16 -19.32 17.24
N ARG A 878 16.33 -18.67 17.30
CA ARG A 878 16.44 -17.29 16.82
C ARG A 878 16.44 -17.25 15.26
N ALA A 879 16.51 -18.45 14.64
CA ALA A 879 16.38 -18.64 13.20
C ALA A 879 14.89 -18.57 12.76
N ALA A 880 14.00 -19.19 13.57
CA ALA A 880 12.57 -19.28 13.31
C ALA A 880 11.89 -17.95 13.08
N GLY A 881 12.23 -16.93 13.86
CA GLY A 881 11.65 -15.60 13.71
C GLY A 881 10.27 -15.49 14.34
N LEU A 882 10.15 -15.84 15.62
CA LEU A 882 8.90 -15.69 16.38
C LEU A 882 8.96 -14.25 16.93
N PRO A 883 7.83 -13.54 17.10
CA PRO A 883 7.90 -12.16 17.62
C PRO A 883 8.67 -12.02 18.94
N GLU A 884 8.55 -13.02 19.84
CA GLU A 884 9.14 -12.98 21.16
C GLU A 884 10.41 -13.83 21.35
N LEU A 885 11.01 -14.34 20.25
CA LEU A 885 12.28 -15.05 20.32
C LEU A 885 13.13 -14.51 19.14
N SER A 886 13.32 -13.19 19.18
CA SER A 886 13.98 -12.40 18.13
C SER A 886 15.34 -11.79 18.53
N CYS A 887 15.76 -11.88 19.81
CA CYS A 887 17.03 -11.26 20.22
C CYS A 887 17.62 -11.87 21.49
N SER A 888 18.82 -11.41 21.86
CA SER A 888 19.51 -11.83 23.06
C SER A 888 18.78 -11.39 24.31
N LYS A 889 17.97 -10.30 24.24
CA LYS A 889 17.20 -9.82 25.40
C LYS A 889 16.16 -10.87 25.82
N ASP A 890 15.63 -11.65 24.84
CA ASP A 890 14.67 -12.73 25.11
C ASP A 890 15.38 -13.95 25.72
N ILE A 891 16.62 -14.24 25.28
CA ILE A 891 17.44 -15.31 25.87
C ILE A 891 17.85 -14.87 27.31
N GLN A 892 18.04 -13.55 27.52
CA GLN A 892 18.40 -13.00 28.83
C GLN A 892 17.33 -13.27 29.89
N TYR A 893 16.05 -13.32 29.48
CA TYR A 893 14.96 -13.63 30.40
C TYR A 893 15.20 -15.04 30.99
N LEU A 894 15.54 -16.02 30.12
CA LEU A 894 15.78 -17.40 30.56
C LEU A 894 17.03 -17.50 31.45
N LYS A 895 18.10 -16.75 31.10
CA LYS A 895 19.33 -16.73 31.90
C LYS A 895 19.00 -16.17 33.28
N ASP A 896 18.20 -15.08 33.35
CA ASP A 896 17.81 -14.42 34.59
C ASP A 896 16.83 -15.22 35.43
N SER A 897 15.77 -15.80 34.80
N SER A 897 15.79 -15.81 34.80
CA SER A 897 14.75 -16.58 35.51
CA SER A 897 14.77 -16.60 35.50
C SER A 897 15.38 -17.77 36.25
C SER A 897 15.40 -17.75 36.24
N LEU A 898 16.28 -18.49 35.56
CA LEU A 898 17.00 -19.63 36.16
C LEU A 898 18.25 -19.17 36.97
N ALA A 899 18.72 -17.91 36.78
CA ALA A 899 19.87 -17.33 37.49
C ALA A 899 21.14 -18.17 37.31
N LEU A 900 21.60 -18.32 36.04
CA LEU A 900 22.76 -19.18 35.76
C LEU A 900 24.09 -18.59 36.19
N GLY A 901 24.22 -17.25 36.16
CA GLY A 901 25.44 -16.56 36.63
C GLY A 901 25.65 -16.79 38.12
N LYS A 902 24.54 -16.94 38.90
CA LYS A 902 24.55 -17.23 40.33
C LYS A 902 24.85 -18.71 40.58
N THR A 903 25.17 -19.04 41.84
CA THR A 903 25.44 -20.43 42.26
C THR A 903 24.11 -21.05 42.69
N GLU A 904 24.15 -22.33 43.11
CA GLU A 904 22.94 -23.02 43.58
C GLU A 904 22.40 -22.40 44.87
N GLU A 905 23.33 -22.12 45.79
CA GLU A 905 23.06 -21.49 47.10
C GLU A 905 22.34 -20.14 46.93
N GLU A 906 22.84 -19.32 46.02
CA GLU A 906 22.29 -17.99 45.76
C GLU A 906 20.94 -18.04 45.04
N ALA A 907 20.84 -18.88 43.99
CA ALA A 907 19.61 -19.00 43.20
C ALA A 907 18.46 -19.59 44.00
N LEU A 908 18.74 -20.57 44.88
CA LEU A 908 17.70 -21.21 45.70
C LEU A 908 17.22 -20.25 46.76
N LYS A 909 18.17 -19.55 47.42
CA LYS A 909 17.88 -18.54 48.44
C LYS A 909 17.02 -17.41 47.84
N HIS A 910 17.37 -16.97 46.62
CA HIS A 910 16.66 -15.93 45.86
C HIS A 910 15.26 -16.42 45.47
N PHE A 911 15.13 -17.71 45.08
CA PHE A 911 13.86 -18.32 44.71
C PHE A 911 12.92 -18.47 45.91
N ARG A 912 13.44 -18.78 47.12
CA ARG A 912 12.60 -18.90 48.32
C ARG A 912 11.89 -17.57 48.65
N VAL A 913 12.59 -16.43 48.40
CA VAL A 913 12.04 -15.09 48.61
C VAL A 913 10.93 -14.86 47.58
N LYS A 914 11.17 -15.22 46.28
CA LYS A 914 10.18 -15.08 45.19
C LYS A 914 8.94 -15.92 45.49
N PHE A 915 9.15 -17.16 45.99
CA PHE A 915 8.07 -18.08 46.38
C PHE A 915 7.27 -17.47 47.53
N ASN A 916 7.95 -16.90 48.54
CA ASN A 916 7.29 -16.26 49.67
C ASN A 916 6.51 -15.05 49.18
N GLU A 917 7.13 -14.21 48.34
CA GLU A 917 6.48 -13.03 47.77
C GLU A 917 5.19 -13.37 47.02
N ALA A 918 5.16 -14.49 46.29
CA ALA A 918 3.95 -14.93 45.59
C ALA A 918 2.87 -15.38 46.59
N LEU A 919 3.30 -15.93 47.74
CA LEU A 919 2.41 -16.39 48.81
C LEU A 919 1.79 -15.20 49.58
N ARG A 920 2.57 -14.10 49.79
CA ARG A 920 2.09 -12.89 50.47
C ARG A 920 1.03 -12.17 49.63
N GLU A 921 1.28 -12.05 48.30
CA GLU A 921 0.35 -11.41 47.36
C GLU A 921 -0.93 -12.24 47.19
N SER A 922 -0.86 -13.57 47.41
CA SER A 922 -2.01 -14.46 47.31
C SER A 922 -2.96 -14.25 48.52
N TRP A 923 -3.71 -13.12 48.52
CA TRP A 923 -4.66 -12.71 49.58
C TRP A 923 -4.09 -12.85 51.00
N VAL B 5 21.37 16.30 -13.54
CA VAL B 5 20.35 16.73 -14.51
C VAL B 5 19.09 15.87 -14.30
N LYS B 6 19.14 14.57 -14.65
CA LYS B 6 18.02 13.62 -14.45
C LYS B 6 17.92 13.33 -12.94
N LYS B 7 19.08 13.06 -12.31
CA LYS B 7 19.25 12.80 -10.88
C LYS B 7 18.61 13.93 -10.03
N LEU B 8 18.67 15.17 -10.53
CA LEU B 8 18.12 16.33 -9.86
C LEU B 8 16.70 16.66 -10.32
N ILE B 9 16.35 16.38 -11.58
CA ILE B 9 15.02 16.69 -12.12
C ILE B 9 13.91 16.16 -11.25
N ASN B 10 14.01 14.93 -10.80
CA ASN B 10 12.95 14.35 -10.01
C ASN B 10 12.70 15.14 -8.73
N SER B 11 13.75 15.54 -8.03
CA SER B 11 13.59 16.35 -6.82
C SER B 11 13.06 17.75 -7.15
N GLN B 12 13.32 18.25 -8.37
CA GLN B 12 12.82 19.56 -8.83
C GLN B 12 11.35 19.51 -9.20
N ILE B 13 10.90 18.47 -9.92
CA ILE B 13 9.49 18.29 -10.28
C ILE B 13 8.69 18.18 -8.98
N SER B 14 9.23 17.48 -7.95
CA SER B 14 8.54 17.33 -6.66
C SER B 14 8.29 18.72 -6.02
N LEU B 15 9.36 19.52 -5.95
CA LEU B 15 9.28 20.87 -5.40
C LEU B 15 8.24 21.68 -6.19
N LEU B 16 8.29 21.56 -7.51
CA LEU B 16 7.39 22.27 -8.39
C LEU B 16 5.94 21.85 -8.26
N ILE B 17 5.61 20.56 -8.51
CA ILE B 17 4.23 20.07 -8.46
C ILE B 17 3.68 20.09 -7.02
N GLY B 18 4.54 20.12 -6.00
CA GLY B 18 4.09 20.16 -4.62
C GLY B 18 3.61 18.79 -4.18
N LYS B 19 4.32 17.73 -4.62
CA LYS B 19 4.00 16.34 -4.30
C LYS B 19 5.24 15.51 -4.61
N GLY B 20 5.58 14.55 -3.73
CA GLY B 20 6.75 13.69 -3.94
C GLY B 20 6.49 12.65 -5.04
N LEU B 21 7.39 12.53 -6.01
CA LEU B 21 7.19 11.58 -7.11
C LEU B 21 7.14 10.13 -6.65
N HIS B 22 7.79 9.83 -5.50
CA HIS B 22 7.81 8.51 -4.85
C HIS B 22 6.41 8.11 -4.43
N GLU B 23 5.52 9.08 -4.14
CA GLU B 23 4.14 8.83 -3.74
C GLU B 23 3.34 8.13 -4.84
N PHE B 24 3.76 8.29 -6.11
CA PHE B 24 3.13 7.61 -7.24
C PHE B 24 3.56 6.14 -7.27
N ASP B 25 4.84 5.87 -6.99
CA ASP B 25 5.39 4.49 -6.96
C ASP B 25 4.75 3.66 -5.82
N SER B 26 4.67 4.27 -4.64
CA SER B 26 4.10 3.65 -3.44
C SER B 26 2.68 3.12 -3.61
N LEU B 27 1.90 3.64 -4.58
CA LEU B 27 0.54 3.17 -4.85
C LEU B 27 0.58 1.74 -5.46
N ARG B 28 1.57 1.51 -6.35
CA ARG B 28 1.80 0.25 -7.07
C ARG B 28 0.63 -0.06 -8.03
N ASP B 29 -0.10 1.00 -8.48
CA ASP B 29 -1.20 0.85 -9.42
C ASP B 29 -0.54 0.81 -10.78
N PRO B 30 -0.74 -0.26 -11.60
CA PRO B 30 -0.11 -0.26 -12.92
C PRO B 30 -0.71 0.77 -13.88
N GLU B 31 -1.97 1.23 -13.64
CA GLU B 31 -2.57 2.31 -14.44
C GLU B 31 -1.72 3.56 -14.33
N VAL B 32 -1.31 3.90 -13.07
CA VAL B 32 -0.45 5.03 -12.74
C VAL B 32 0.90 4.78 -13.38
N ASN B 33 1.49 3.60 -13.16
CA ASN B 33 2.80 3.27 -13.74
C ASN B 33 2.77 3.39 -15.26
N ASP B 34 1.64 2.98 -15.88
CA ASP B 34 1.41 3.03 -17.32
C ASP B 34 1.25 4.45 -17.81
N PHE B 35 0.54 5.29 -17.01
CA PHE B 35 0.33 6.71 -17.35
C PHE B 35 1.66 7.45 -17.40
N ARG B 36 2.51 7.26 -16.37
CA ARG B 36 3.82 7.93 -16.28
C ARG B 36 4.75 7.57 -17.45
N THR B 37 4.67 6.35 -17.96
CA THR B 37 5.55 5.85 -19.02
C THR B 37 5.12 6.24 -20.44
N LYS B 38 3.80 6.10 -20.72
CA LYS B 38 3.22 6.43 -22.02
C LYS B 38 3.40 7.91 -22.28
N MET B 39 2.96 8.74 -21.31
CA MET B 39 2.99 10.20 -21.40
C MET B 39 4.39 10.73 -21.41
N ARG B 40 5.29 10.18 -20.61
CA ARG B 40 6.68 10.66 -20.62
C ARG B 40 7.29 10.54 -22.01
N GLN B 41 7.01 9.42 -22.70
CA GLN B 41 7.49 9.19 -24.07
C GLN B 41 6.84 10.17 -25.01
N PHE B 42 5.50 10.33 -24.87
CA PHE B 42 4.72 11.29 -25.67
C PHE B 42 5.30 12.68 -25.52
N CYS B 43 5.52 13.10 -24.27
CA CYS B 43 6.05 14.42 -23.90
C CYS B 43 7.51 14.60 -24.29
N GLU B 44 8.33 13.57 -24.13
CA GLU B 44 9.74 13.69 -24.52
C GLU B 44 9.88 13.78 -26.05
N GLU B 45 8.97 13.12 -26.81
CA GLU B 45 9.00 13.17 -28.27
C GLU B 45 8.66 14.59 -28.74
N ALA B 46 7.66 15.23 -28.09
CA ALA B 46 7.26 16.61 -28.40
C ALA B 46 8.44 17.59 -28.20
N ALA B 47 9.26 17.39 -27.17
CA ALA B 47 10.44 18.21 -26.92
C ALA B 47 11.51 17.99 -27.98
N ALA B 48 11.65 16.75 -28.49
CA ALA B 48 12.65 16.41 -29.49
C ALA B 48 12.36 17.13 -30.79
N HIS B 49 11.09 17.10 -31.24
CA HIS B 49 10.64 17.79 -32.46
C HIS B 49 10.85 19.28 -32.33
N ARG B 50 10.47 19.79 -31.18
CA ARG B 50 10.58 21.19 -30.83
C ARG B 50 12.01 21.74 -30.93
N GLN B 51 13.04 20.89 -30.72
CA GLN B 51 14.44 21.32 -30.82
C GLN B 51 14.93 21.45 -32.28
N GLN B 52 14.19 20.91 -33.28
CA GLN B 52 14.61 21.03 -34.68
C GLN B 52 13.85 22.11 -35.46
N LEU B 53 12.94 22.87 -34.79
CA LEU B 53 12.15 23.95 -35.43
C LEU B 53 13.04 25.13 -35.81
N GLY B 54 12.63 25.91 -36.84
CA GLY B 54 13.39 27.08 -37.25
C GLY B 54 13.21 28.23 -36.24
N TRP B 55 14.22 29.12 -36.10
CA TRP B 55 14.20 30.24 -35.16
C TRP B 55 12.86 31.01 -35.12
N VAL B 56 12.25 31.28 -36.29
CA VAL B 56 10.94 31.94 -36.31
C VAL B 56 9.88 30.95 -35.76
N GLU B 57 9.96 29.65 -36.12
CA GLU B 57 8.98 28.68 -35.60
C GLU B 57 9.10 28.46 -34.09
N TRP B 58 10.32 28.50 -33.58
CA TRP B 58 10.56 28.33 -32.16
C TRP B 58 10.10 29.61 -31.43
N LEU B 59 10.22 30.81 -32.09
CA LEU B 59 9.71 32.05 -31.50
C LEU B 59 8.21 31.91 -31.34
N GLN B 60 7.51 31.24 -32.24
CA GLN B 60 6.07 31.01 -32.09
C GLN B 60 5.70 30.08 -30.91
N TYR B 61 6.68 29.33 -30.35
CA TYR B 61 6.49 28.43 -29.19
C TYR B 61 6.74 29.20 -27.93
N SER B 62 7.97 29.76 -27.84
CA SER B 62 8.50 30.46 -26.68
C SER B 62 7.99 31.91 -26.55
N PHE B 63 7.70 32.58 -27.68
CA PHE B 63 7.21 33.96 -27.73
C PHE B 63 5.98 34.08 -28.65
N PRO B 64 4.84 33.45 -28.28
CA PRO B 64 3.62 33.58 -29.10
C PRO B 64 3.19 35.04 -29.22
N LEU B 65 3.01 35.52 -30.46
CA LEU B 65 2.67 36.91 -30.74
C LEU B 65 1.38 37.33 -30.05
N GLN B 66 1.45 38.47 -29.33
CA GLN B 66 0.29 39.03 -28.66
C GLN B 66 -0.26 40.16 -29.51
N LEU B 67 -1.20 39.79 -30.36
CA LEU B 67 -1.85 40.71 -31.29
C LEU B 67 -3.09 41.32 -30.60
N GLU B 68 -3.75 42.24 -31.31
CA GLU B 68 -4.98 42.88 -30.83
C GLU B 68 -6.19 42.26 -31.56
N PRO B 69 -7.35 42.08 -30.86
CA PRO B 69 -8.53 41.51 -31.54
C PRO B 69 -9.30 42.58 -32.35
N ASN B 83 -1.77 55.79 -43.26
CA ASN B 83 -2.89 56.28 -42.47
C ASN B 83 -2.41 57.27 -41.41
N ARG B 84 -1.42 56.85 -40.57
CA ARG B 84 -0.88 57.68 -39.49
C ARG B 84 0.54 57.23 -39.12
N ALA B 85 1.47 58.19 -38.95
CA ALA B 85 2.86 57.90 -38.61
C ALA B 85 3.10 57.90 -37.09
N LEU B 86 4.30 57.46 -36.64
CA LEU B 86 4.65 57.41 -35.22
C LEU B 86 6.16 57.23 -34.92
N LEU B 87 6.63 57.76 -33.77
CA LEU B 87 8.04 57.63 -33.35
C LEU B 87 8.27 56.26 -32.73
N VAL B 88 9.44 55.67 -32.98
CA VAL B 88 9.78 54.33 -32.48
C VAL B 88 11.29 54.23 -32.18
N ASN B 89 11.69 53.81 -30.96
CA ASN B 89 13.12 53.61 -30.61
C ASN B 89 13.57 52.17 -30.92
N VAL B 90 14.81 52.00 -31.42
CA VAL B 90 15.32 50.67 -31.79
C VAL B 90 16.82 50.59 -31.44
N LYS B 91 17.33 49.36 -31.16
CA LYS B 91 18.75 49.13 -30.87
C LYS B 91 19.17 47.68 -31.15
N PHE B 92 20.45 47.33 -30.92
CA PHE B 92 20.99 45.99 -31.16
C PHE B 92 21.38 45.31 -29.87
N GLU B 93 21.74 44.02 -29.94
CA GLU B 93 22.08 43.24 -28.74
C GLU B 93 23.44 43.60 -28.11
N GLY B 94 24.54 43.43 -28.86
CA GLY B 94 25.90 43.72 -28.35
C GLY B 94 26.05 45.19 -27.89
N SER B 95 25.77 46.13 -28.80
CA SER B 95 25.85 47.56 -28.53
C SER B 95 24.67 48.05 -27.67
N GLU B 96 24.82 49.27 -27.10
CA GLU B 96 23.81 49.92 -26.27
C GLU B 96 23.25 51.21 -26.89
N GLU B 97 23.78 51.66 -28.05
CA GLU B 97 23.29 52.88 -28.69
C GLU B 97 21.95 52.63 -29.35
N SER B 98 21.07 53.66 -29.37
CA SER B 98 19.74 53.55 -29.95
C SER B 98 19.40 54.72 -30.89
N PHE B 99 18.38 54.52 -31.75
CA PHE B 99 17.94 55.50 -32.75
C PHE B 99 16.41 55.54 -32.84
N THR B 100 15.84 56.64 -33.37
CA THR B 100 14.38 56.80 -33.51
C THR B 100 13.98 56.93 -34.99
N PHE B 101 12.73 56.54 -35.33
CA PHE B 101 12.20 56.55 -36.69
C PHE B 101 10.78 57.00 -36.80
N GLN B 102 10.39 57.37 -38.03
CA GLN B 102 9.01 57.71 -38.39
C GLN B 102 8.53 56.51 -39.20
N VAL B 103 7.52 55.79 -38.71
CA VAL B 103 6.98 54.61 -39.40
C VAL B 103 5.45 54.61 -39.34
N SER B 104 4.79 54.04 -40.34
CA SER B 104 3.33 54.00 -40.39
C SER B 104 2.75 52.95 -39.44
N THR B 105 1.50 53.10 -39.03
CA THR B 105 0.81 52.09 -38.21
C THR B 105 0.62 50.82 -39.03
N LYS B 106 0.41 50.97 -40.35
CA LYS B 106 0.23 49.86 -41.28
C LYS B 106 1.56 49.20 -41.71
N ASP B 107 2.74 49.81 -41.39
CA ASP B 107 4.05 49.23 -41.77
C ASP B 107 4.32 47.92 -41.05
N MET B 108 5.09 47.04 -41.69
CA MET B 108 5.42 45.72 -41.17
C MET B 108 6.63 45.80 -40.24
N PRO B 109 6.97 44.69 -39.54
CA PRO B 109 8.18 44.65 -38.74
C PRO B 109 9.41 44.76 -39.63
N LEU B 110 9.40 44.05 -40.77
CA LEU B 110 10.51 44.08 -41.74
C LEU B 110 10.85 45.51 -42.21
N ALA B 111 9.81 46.31 -42.54
CA ALA B 111 9.96 47.70 -42.95
C ALA B 111 10.70 48.50 -41.88
N LEU B 112 10.32 48.28 -40.61
CA LEU B 112 10.94 48.91 -39.45
C LEU B 112 12.37 48.38 -39.29
N MET B 113 12.54 47.06 -39.41
CA MET B 113 13.87 46.44 -39.28
C MET B 113 14.84 46.93 -40.36
N ALA B 114 14.31 47.27 -41.56
CA ALA B 114 15.12 47.74 -42.68
C ALA B 114 15.76 49.08 -42.36
N CYS B 115 14.93 50.07 -41.91
CA CYS B 115 15.44 51.40 -41.51
C CYS B 115 16.43 51.27 -40.36
N ALA B 116 16.15 50.33 -39.41
CA ALA B 116 17.03 50.03 -38.29
C ALA B 116 18.35 49.45 -38.79
N LEU B 117 18.29 48.61 -39.83
CA LEU B 117 19.51 48.07 -40.46
C LEU B 117 20.26 49.16 -41.21
N ARG B 118 19.53 50.03 -41.95
CA ARG B 118 20.14 51.15 -42.68
C ARG B 118 20.81 52.13 -41.73
N LYS B 119 20.18 52.43 -40.56
CA LYS B 119 20.78 53.34 -39.57
C LYS B 119 22.04 52.73 -38.94
N LYS B 120 22.06 51.40 -38.72
CA LYS B 120 23.27 50.77 -38.21
C LYS B 120 24.31 50.75 -39.33
N ALA B 121 23.87 50.53 -40.60
CA ALA B 121 24.76 50.53 -41.78
C ALA B 121 25.38 51.90 -42.08
N THR B 122 24.77 53.01 -41.59
CA THR B 122 25.33 54.35 -41.74
C THR B 122 26.22 54.73 -40.52
N VAL B 123 25.89 54.28 -39.29
CA VAL B 123 26.71 54.55 -38.10
C VAL B 123 27.92 53.61 -38.10
N PHE B 124 27.70 52.31 -38.36
CA PHE B 124 28.75 51.29 -38.45
C PHE B 124 29.53 51.46 -39.78
N ARG B 125 28.87 52.06 -40.80
CA ARG B 125 29.43 52.37 -42.12
C ARG B 125 29.72 51.10 -42.95
N GLN B 126 28.71 50.22 -43.04
CA GLN B 126 28.77 48.97 -43.81
N GLN B 131 20.34 42.42 -44.15
CA GLN B 131 19.40 41.33 -44.37
C GLN B 131 18.28 41.32 -43.28
N PRO B 132 17.22 42.18 -43.44
CA PRO B 132 16.11 42.27 -42.46
C PRO B 132 15.38 40.97 -42.13
N GLU B 133 15.36 40.02 -43.08
CA GLU B 133 14.73 38.73 -42.86
C GLU B 133 15.47 37.89 -41.80
N GLU B 134 16.73 38.24 -41.46
CA GLU B 134 17.51 37.52 -40.45
C GLU B 134 17.52 38.19 -39.07
N TYR B 135 16.51 39.02 -38.76
CA TYR B 135 16.39 39.68 -37.47
C TYR B 135 14.98 39.56 -36.93
N ALA B 136 14.84 39.81 -35.63
CA ALA B 136 13.56 39.82 -34.93
C ALA B 136 13.60 41.01 -33.97
N LEU B 137 12.45 41.67 -33.76
CA LEU B 137 12.39 42.81 -32.84
C LEU B 137 11.94 42.37 -31.46
N GLN B 138 12.90 42.27 -30.51
CA GLN B 138 12.60 41.90 -29.12
C GLN B 138 12.14 43.13 -28.39
N VAL B 139 11.02 43.05 -27.64
CA VAL B 139 10.53 44.16 -26.81
C VAL B 139 11.46 44.21 -25.58
N ASN B 140 12.14 45.36 -25.34
CA ASN B 140 13.12 45.49 -24.24
C ASN B 140 12.46 45.42 -22.89
N GLY B 141 13.02 44.59 -21.98
CA GLY B 141 12.48 44.40 -20.63
C GLY B 141 11.11 43.68 -20.60
N ARG B 142 10.79 42.90 -21.66
CA ARG B 142 9.56 42.09 -21.76
C ARG B 142 9.86 40.75 -22.44
N HIS B 143 8.94 39.80 -22.31
CA HIS B 143 9.07 38.47 -22.90
C HIS B 143 8.19 38.45 -24.15
N GLU B 144 8.48 39.37 -25.06
CA GLU B 144 7.68 39.58 -26.26
C GLU B 144 8.61 39.88 -27.46
N TYR B 145 8.18 39.47 -28.66
CA TYR B 145 8.87 39.75 -29.91
C TYR B 145 7.88 40.27 -30.94
N LEU B 146 8.41 41.00 -31.93
CA LEU B 146 7.64 41.62 -33.00
C LEU B 146 8.13 41.09 -34.36
N TYR B 147 7.29 40.27 -35.02
CA TYR B 147 7.62 39.70 -36.33
C TYR B 147 6.37 39.20 -37.05
N GLY B 148 6.50 38.82 -38.34
CA GLY B 148 5.41 38.28 -39.15
C GLY B 148 4.80 39.27 -40.12
N ASN B 149 3.71 38.85 -40.79
CA ASN B 149 2.97 39.65 -41.78
C ASN B 149 1.79 40.31 -41.09
N TYR B 150 2.10 41.19 -40.13
CA TYR B 150 1.12 41.94 -39.35
C TYR B 150 1.55 43.40 -39.35
N PRO B 151 0.59 44.34 -39.53
CA PRO B 151 0.95 45.76 -39.49
C PRO B 151 1.26 46.15 -38.05
N LEU B 152 2.25 47.04 -37.84
CA LEU B 152 2.68 47.48 -36.51
C LEU B 152 1.52 47.78 -35.54
N CYS B 153 0.38 48.26 -36.04
CA CYS B 153 -0.81 48.55 -35.23
C CYS B 153 -1.35 47.31 -34.52
N HIS B 154 -1.34 46.13 -35.19
CA HIS B 154 -1.89 44.90 -34.59
C HIS B 154 -1.17 44.44 -33.30
N PHE B 155 0.11 44.78 -33.12
CA PHE B 155 0.84 44.35 -31.92
C PHE B 155 0.40 45.12 -30.68
N GLN B 156 0.12 44.38 -29.56
CA GLN B 156 -0.31 44.97 -28.29
C GLN B 156 0.67 45.99 -27.75
N TYR B 157 1.97 45.70 -27.79
CA TYR B 157 3.00 46.61 -27.27
C TYR B 157 3.10 47.91 -28.09
N ILE B 158 2.69 47.88 -29.36
CA ILE B 158 2.63 49.09 -30.21
C ILE B 158 1.32 49.79 -29.86
N CYS B 159 0.21 49.06 -29.96
CA CYS B 159 -1.13 49.54 -29.66
C CYS B 159 -1.20 50.17 -28.22
N SER B 160 -0.38 49.64 -27.28
CA SER B 160 -0.26 50.14 -25.91
C SER B 160 0.42 51.50 -25.95
N CYS B 161 1.60 51.58 -26.64
CA CYS B 161 2.36 52.82 -26.80
C CYS B 161 1.52 53.99 -27.43
N LEU B 162 0.39 53.69 -28.14
CA LEU B 162 -0.49 54.70 -28.72
C LEU B 162 -1.24 55.44 -27.61
N HIS B 163 -2.06 54.71 -26.82
CA HIS B 163 -2.88 55.32 -25.78
C HIS B 163 -2.08 55.92 -24.64
N SER B 164 -0.89 55.35 -24.34
CA SER B 164 0.00 55.85 -23.30
C SER B 164 0.97 56.92 -23.83
N GLY B 165 1.19 56.97 -25.15
CA GLY B 165 2.10 57.95 -25.75
C GLY B 165 3.56 57.61 -25.44
N LEU B 166 3.87 56.32 -25.32
CA LEU B 166 5.23 55.84 -25.04
C LEU B 166 6.02 55.65 -26.33
N THR B 167 7.33 55.54 -26.17
CA THR B 167 8.31 55.33 -27.25
C THR B 167 8.67 53.83 -27.25
N PRO B 168 8.27 53.03 -28.30
CA PRO B 168 8.60 51.60 -28.30
C PRO B 168 10.09 51.38 -28.40
N HIS B 169 10.66 50.57 -27.48
CA HIS B 169 12.10 50.27 -27.41
C HIS B 169 12.27 48.80 -27.78
N LEU B 170 12.91 48.54 -28.93
CA LEU B 170 13.07 47.21 -29.48
C LEU B 170 14.53 46.86 -29.70
N THR B 171 14.90 45.57 -29.55
CA THR B 171 16.27 45.05 -29.74
C THR B 171 16.28 44.17 -31.01
N MET B 172 17.23 44.43 -31.91
CA MET B 172 17.40 43.65 -33.14
C MET B 172 18.24 42.43 -32.79
N VAL B 173 17.60 41.26 -32.76
CA VAL B 173 18.24 40.00 -32.38
C VAL B 173 18.42 39.17 -33.65
N HIS B 174 19.66 38.82 -33.98
CA HIS B 174 19.96 38.03 -35.18
C HIS B 174 19.53 36.57 -35.01
N SER B 175 19.25 35.91 -36.14
CA SER B 175 18.85 34.49 -36.21
C SER B 175 19.81 33.57 -35.46
N SER B 176 21.12 33.87 -35.49
CA SER B 176 22.14 33.07 -34.81
C SER B 176 21.95 33.14 -33.28
N SER B 177 21.76 34.35 -32.77
CA SER B 177 21.54 34.57 -31.35
C SER B 177 20.26 33.91 -30.86
N ILE B 178 19.20 33.86 -31.70
CA ILE B 178 17.93 33.22 -31.32
C ILE B 178 18.08 31.70 -31.26
N LEU B 179 18.83 31.10 -32.21
CA LEU B 179 19.05 29.65 -32.23
C LEU B 179 19.94 29.23 -31.06
N ALA B 180 20.84 30.12 -30.60
CA ALA B 180 21.71 29.83 -29.46
C ALA B 180 20.84 29.63 -28.20
N MET B 181 19.70 30.35 -28.11
CA MET B 181 18.77 30.21 -26.99
C MET B 181 18.03 28.90 -27.12
N ARG B 182 17.57 28.53 -28.32
CA ARG B 182 16.90 27.24 -28.53
C ARG B 182 17.83 26.09 -28.06
N ASP B 183 19.12 26.13 -28.47
CA ASP B 183 20.13 25.13 -28.12
C ASP B 183 20.34 25.04 -26.60
N GLU B 184 20.51 26.22 -25.92
CA GLU B 184 20.75 26.26 -24.48
C GLU B 184 19.49 25.94 -23.63
N GLN B 185 18.30 25.77 -24.24
CA GLN B 185 17.06 25.39 -23.55
C GLN B 185 16.68 23.94 -23.86
N SER B 186 17.64 23.16 -24.43
CA SER B 186 17.45 21.75 -24.78
C SER B 186 17.46 20.90 -23.51
N ASN B 187 16.60 19.86 -23.48
CA ASN B 187 16.49 18.96 -22.32
C ASN B 187 17.66 17.96 -22.27
N LEU B 212 -18.98 -10.25 -21.98
CA LEU B 212 -19.52 -10.24 -23.34
C LEU B 212 -21.02 -10.60 -23.35
N TRP B 213 -21.60 -10.64 -24.55
CA TRP B 213 -23.00 -10.97 -24.80
C TRP B 213 -23.46 -12.36 -24.31
N SER B 214 -22.54 -13.37 -24.24
CA SER B 214 -22.86 -14.73 -23.79
C SER B 214 -23.33 -14.77 -22.34
N LEU B 215 -22.79 -13.88 -21.51
CA LEU B 215 -23.12 -13.79 -20.09
C LEU B 215 -24.47 -13.10 -19.93
N GLU B 216 -25.56 -13.88 -19.90
CA GLU B 216 -26.92 -13.35 -19.81
C GLU B 216 -27.54 -13.42 -18.41
N GLN B 217 -26.70 -13.44 -17.36
CA GLN B 217 -27.18 -13.49 -15.97
C GLN B 217 -27.44 -12.10 -15.40
N PRO B 218 -28.43 -11.94 -14.48
CA PRO B 218 -28.67 -10.62 -13.87
C PRO B 218 -27.49 -10.21 -13.00
N PHE B 219 -26.80 -9.12 -13.39
CA PHE B 219 -25.61 -8.61 -12.70
C PHE B 219 -25.80 -8.43 -11.19
N SER B 220 -24.86 -9.01 -10.41
CA SER B 220 -24.88 -8.95 -8.94
C SER B 220 -23.48 -8.79 -8.36
N ILE B 221 -23.43 -8.33 -7.10
CA ILE B 221 -22.20 -8.16 -6.33
C ILE B 221 -22.45 -8.53 -4.87
N GLU B 222 -21.42 -9.04 -4.18
CA GLU B 222 -21.52 -9.40 -2.77
C GLU B 222 -20.96 -8.26 -1.95
N LEU B 223 -21.73 -7.80 -0.96
CA LEU B 223 -21.29 -6.73 -0.07
C LEU B 223 -20.69 -7.39 1.17
N ILE B 224 -19.35 -7.49 1.26
CA ILE B 224 -18.67 -8.15 2.40
C ILE B 224 -18.70 -7.29 3.66
N GLU B 225 -17.83 -6.24 3.77
CA GLU B 225 -17.74 -5.39 4.96
C GLU B 225 -17.16 -3.98 4.71
N GLY B 226 -17.00 -3.18 5.79
CA GLY B 226 -16.42 -1.83 5.77
C GLY B 226 -15.68 -1.53 7.11
N ARG B 227 -15.57 -0.24 7.51
CA ARG B 227 -14.92 0.20 8.78
C ARG B 227 -15.14 1.73 9.03
N LYS B 228 -16.43 2.09 9.25
CA LYS B 228 -16.89 3.47 9.39
C LYS B 228 -17.00 4.01 10.81
N VAL B 229 -17.38 5.31 10.91
CA VAL B 229 -17.63 6.05 12.14
C VAL B 229 -18.90 6.89 11.96
N ASN B 230 -19.98 6.65 12.76
CA ASN B 230 -21.16 7.53 12.78
C ASN B 230 -22.28 7.07 13.75
N ALA B 231 -23.01 8.06 14.32
CA ALA B 231 -24.09 7.90 15.30
C ALA B 231 -25.38 7.37 14.67
N MET B 235 -29.33 4.10 15.05
CA MET B 235 -29.92 4.04 13.70
C MET B 235 -29.44 2.81 12.93
N LYS B 236 -29.86 2.65 11.66
CA LYS B 236 -29.46 1.50 10.84
C LYS B 236 -28.75 1.93 9.56
N LEU B 237 -27.72 1.16 9.18
CA LEU B 237 -26.86 1.38 8.01
C LEU B 237 -27.35 0.63 6.77
N VAL B 238 -27.68 1.40 5.72
CA VAL B 238 -28.18 0.92 4.43
C VAL B 238 -27.20 1.42 3.36
N VAL B 239 -26.58 0.51 2.60
CA VAL B 239 -25.60 0.87 1.56
C VAL B 239 -26.28 0.83 0.20
N GLN B 240 -26.93 1.92 -0.19
CA GLN B 240 -27.60 2.01 -1.49
C GLN B 240 -26.58 1.97 -2.60
N ALA B 241 -26.96 1.37 -3.73
CA ALA B 241 -26.09 1.28 -4.90
C ALA B 241 -26.94 1.48 -6.15
N GLY B 242 -26.32 1.43 -7.33
CA GLY B 242 -27.02 1.65 -8.59
C GLY B 242 -26.02 1.74 -9.73
N LEU B 243 -26.47 1.49 -10.96
CA LEU B 243 -25.59 1.56 -12.12
C LEU B 243 -25.91 2.77 -12.95
N PHE B 244 -24.87 3.41 -13.51
CA PHE B 244 -25.04 4.61 -14.31
C PHE B 244 -24.16 4.66 -15.54
N HIS B 245 -24.68 5.37 -16.55
CA HIS B 245 -23.97 5.76 -17.76
C HIS B 245 -24.27 7.27 -17.89
N GLY B 246 -23.32 8.13 -17.47
CA GLY B 246 -23.54 9.56 -17.46
C GLY B 246 -24.46 9.87 -16.29
N ASN B 247 -25.37 10.84 -16.44
CA ASN B 247 -26.32 11.20 -15.37
C ASN B 247 -27.42 10.14 -15.16
N GLU B 248 -27.86 9.48 -16.25
CA GLU B 248 -28.96 8.50 -16.22
C GLU B 248 -28.58 7.15 -15.61
N MET B 249 -29.58 6.52 -14.96
CA MET B 249 -29.39 5.23 -14.31
C MET B 249 -29.54 4.12 -15.35
N LEU B 250 -28.63 3.13 -15.38
CA LEU B 250 -28.72 1.98 -16.28
C LEU B 250 -29.80 0.98 -15.81
N CYS B 251 -30.23 1.04 -14.52
CA CYS B 251 -31.26 0.15 -13.96
C CYS B 251 -31.83 0.81 -12.68
N LYS B 252 -32.46 0.04 -11.77
CA LYS B 252 -33.03 0.59 -10.55
C LYS B 252 -32.06 0.55 -9.36
N THR B 253 -32.35 1.37 -8.34
CA THR B 253 -31.54 1.51 -7.12
C THR B 253 -31.85 0.39 -6.10
N VAL B 254 -30.89 -0.53 -5.86
CA VAL B 254 -31.11 -1.64 -4.92
C VAL B 254 -30.46 -1.34 -3.53
N SER B 255 -31.30 -1.09 -2.51
CA SER B 255 -30.83 -0.85 -1.14
C SER B 255 -30.60 -2.18 -0.44
N SER B 256 -29.66 -2.21 0.53
CA SER B 256 -29.25 -3.43 1.25
C SER B 256 -30.03 -3.64 2.56
N SER B 257 -29.65 -4.70 3.30
CA SER B 257 -30.24 -5.03 4.60
C SER B 257 -29.82 -4.01 5.67
N GLU B 258 -30.77 -3.61 6.53
CA GLU B 258 -30.56 -2.62 7.58
C GLU B 258 -29.75 -3.17 8.79
N VAL B 259 -28.41 -3.05 8.74
CA VAL B 259 -27.53 -3.47 9.85
C VAL B 259 -27.49 -2.30 10.86
N ASN B 260 -27.31 -2.56 12.17
CA ASN B 260 -27.37 -1.49 13.19
C ASN B 260 -26.16 -0.50 13.25
N VAL B 261 -26.40 0.66 13.92
CA VAL B 261 -25.46 1.79 14.08
C VAL B 261 -24.12 1.40 14.68
N CYS B 262 -24.12 0.53 15.74
CA CYS B 262 -22.86 0.13 16.37
C CYS B 262 -22.08 -0.58 15.30
N SER B 263 -21.14 0.14 14.65
CA SER B 263 -20.49 -0.54 13.58
C SER B 263 -19.03 -0.21 13.25
N GLU B 264 -18.61 -1.25 12.60
CA GLU B 264 -17.47 -1.71 11.86
C GLU B 264 -18.46 -2.69 11.12
N PRO B 265 -19.00 -2.32 9.94
CA PRO B 265 -20.11 -3.09 9.37
C PRO B 265 -19.74 -4.26 8.49
N VAL B 266 -20.51 -5.36 8.61
CA VAL B 266 -20.33 -6.61 7.85
C VAL B 266 -21.71 -7.06 7.35
N TRP B 267 -21.84 -7.41 6.05
CA TRP B 267 -23.12 -7.86 5.49
C TRP B 267 -23.00 -9.28 4.90
N LYS B 268 -22.14 -9.45 3.90
CA LYS B 268 -21.93 -10.69 3.14
C LYS B 268 -23.24 -11.14 2.46
N GLN B 269 -23.97 -10.15 1.87
CA GLN B 269 -25.24 -10.31 1.17
C GLN B 269 -25.04 -10.12 -0.35
N ARG B 270 -25.81 -10.82 -1.19
CA ARG B 270 -25.69 -10.74 -2.65
C ARG B 270 -26.68 -9.75 -3.25
N LEU B 271 -26.19 -8.56 -3.65
CA LEU B 271 -27.04 -7.53 -4.25
C LEU B 271 -27.14 -7.79 -5.74
N GLU B 272 -28.32 -8.24 -6.21
CA GLU B 272 -28.60 -8.54 -7.62
C GLU B 272 -29.40 -7.39 -8.24
N PHE B 273 -28.82 -6.76 -9.28
CA PHE B 273 -29.44 -5.63 -9.97
C PHE B 273 -30.42 -6.09 -11.04
N ASP B 274 -31.24 -5.15 -11.52
CA ASP B 274 -32.26 -5.36 -12.54
C ASP B 274 -31.70 -5.14 -13.96
N ILE B 275 -30.51 -5.70 -14.25
CA ILE B 275 -29.84 -5.56 -15.54
C ILE B 275 -28.89 -6.73 -15.73
N SER B 276 -28.75 -7.18 -16.97
CA SER B 276 -27.91 -8.32 -17.31
C SER B 276 -26.45 -7.91 -17.50
N VAL B 277 -25.51 -8.87 -17.32
CA VAL B 277 -24.07 -8.66 -17.49
C VAL B 277 -23.76 -8.27 -18.94
N CYS B 278 -24.51 -8.82 -19.91
CA CYS B 278 -24.35 -8.51 -21.32
C CYS B 278 -24.73 -7.04 -21.63
N ASP B 279 -25.73 -6.49 -20.90
CA ASP B 279 -26.23 -5.13 -21.05
C ASP B 279 -25.40 -4.02 -20.36
N LEU B 280 -24.22 -4.35 -19.79
CA LEU B 280 -23.35 -3.37 -19.14
C LEU B 280 -22.45 -2.71 -20.22
N PRO B 281 -22.40 -1.34 -20.26
CA PRO B 281 -21.54 -0.65 -21.24
C PRO B 281 -20.08 -0.55 -20.80
N ARG B 282 -19.17 -0.35 -21.77
CA ARG B 282 -17.72 -0.20 -21.53
C ARG B 282 -17.40 0.76 -20.38
N MET B 283 -18.17 1.87 -20.28
CA MET B 283 -18.03 2.91 -19.25
C MET B 283 -19.19 2.79 -18.25
N ALA B 284 -19.36 1.58 -17.69
CA ALA B 284 -20.38 1.37 -16.68
C ALA B 284 -19.79 1.84 -15.35
N ARG B 285 -20.63 2.54 -14.58
CA ARG B 285 -20.24 3.11 -13.30
C ARG B 285 -21.10 2.48 -12.25
N LEU B 286 -20.51 2.12 -11.10
CA LEU B 286 -21.25 1.54 -9.96
C LEU B 286 -21.01 2.40 -8.73
N CYS B 287 -22.07 3.06 -8.24
CA CYS B 287 -22.01 3.96 -7.10
C CYS B 287 -22.39 3.26 -5.83
N PHE B 288 -22.24 3.96 -4.70
CA PHE B 288 -22.62 3.47 -3.38
C PHE B 288 -22.94 4.68 -2.51
N ALA B 289 -23.94 4.60 -1.64
CA ALA B 289 -24.32 5.69 -0.72
C ALA B 289 -24.74 5.14 0.66
N LEU B 290 -23.87 5.31 1.66
CA LEU B 290 -24.07 4.83 3.04
C LEU B 290 -24.78 5.92 3.85
N TYR B 291 -25.92 5.59 4.50
CA TYR B 291 -26.68 6.57 5.29
C TYR B 291 -27.42 5.97 6.47
N ALA B 292 -27.65 6.82 7.48
CA ALA B 292 -28.37 6.47 8.70
C ALA B 292 -29.83 6.89 8.57
N VAL B 293 -30.77 6.02 9.00
CA VAL B 293 -32.21 6.28 8.89
C VAL B 293 -33.01 5.65 10.07
N VAL B 294 -34.20 6.24 10.37
CA VAL B 294 -35.10 5.77 11.43
C VAL B 294 -35.84 4.51 10.92
N ASP B 311 -33.70 10.68 7.99
CA ASP B 311 -32.99 10.81 6.70
C ASP B 311 -31.69 11.60 6.89
N CYS B 312 -30.51 10.92 6.82
CA CYS B 312 -29.21 11.61 6.98
C CYS B 312 -28.01 10.85 6.36
N PRO B 313 -27.43 11.37 5.25
CA PRO B 313 -26.24 10.72 4.67
C PRO B 313 -24.99 10.91 5.48
N ILE B 314 -24.02 10.02 5.21
CA ILE B 314 -22.71 9.98 5.87
C ILE B 314 -21.63 10.09 4.79
N ALA B 315 -21.52 9.06 3.93
CA ALA B 315 -20.50 8.98 2.90
C ALA B 315 -21.04 8.52 1.55
N TRP B 316 -20.17 8.51 0.53
CA TRP B 316 -20.44 8.04 -0.84
C TRP B 316 -19.15 7.43 -1.44
N ALA B 317 -19.30 6.63 -2.48
CA ALA B 317 -18.15 6.07 -3.18
C ALA B 317 -18.62 5.59 -4.55
N ASN B 318 -17.74 5.62 -5.57
CA ASN B 318 -18.06 5.16 -6.93
C ASN B 318 -16.90 4.43 -7.54
N LEU B 319 -17.17 3.48 -8.45
CA LEU B 319 -16.10 2.78 -9.18
C LEU B 319 -16.58 2.27 -10.53
N MET B 320 -15.64 2.10 -11.45
CA MET B 320 -15.96 1.61 -12.80
C MET B 320 -15.99 0.10 -12.78
N LEU B 321 -17.04 -0.54 -13.36
CA LEU B 321 -17.13 -2.01 -13.42
C LEU B 321 -16.08 -2.61 -14.33
N PHE B 322 -15.54 -1.81 -15.26
CA PHE B 322 -14.49 -2.25 -16.17
C PHE B 322 -13.20 -1.50 -15.82
N ASP B 323 -12.06 -2.11 -16.14
CA ASP B 323 -10.77 -1.50 -15.86
C ASP B 323 -10.32 -0.64 -17.06
N TYR B 324 -9.11 -0.09 -17.00
CA TYR B 324 -8.56 0.73 -18.08
C TYR B 324 -8.15 -0.10 -19.30
N LYS B 325 -7.71 -1.36 -19.10
CA LYS B 325 -7.38 -2.30 -20.19
C LYS B 325 -8.64 -3.01 -20.81
N ASP B 326 -9.87 -2.53 -20.48
CA ASP B 326 -11.17 -2.94 -21.00
C ASP B 326 -11.76 -4.21 -20.36
N GLN B 327 -11.02 -4.85 -19.44
CA GLN B 327 -11.43 -6.07 -18.76
C GLN B 327 -12.44 -5.76 -17.66
N LEU B 328 -13.42 -6.65 -17.43
CA LEU B 328 -14.39 -6.46 -16.35
C LEU B 328 -13.65 -6.66 -15.03
N LYS B 329 -14.00 -5.86 -14.00
CA LYS B 329 -13.35 -5.95 -12.69
C LYS B 329 -13.77 -7.23 -11.96
N THR B 330 -12.71 -7.98 -11.54
CA THR B 330 -12.66 -9.29 -10.89
C THR B 330 -13.48 -9.41 -9.64
N GLY B 331 -12.90 -9.62 -8.43
CA GLY B 331 -13.71 -9.90 -7.28
C GLY B 331 -13.54 -9.09 -6.05
N GLU B 332 -12.47 -9.28 -5.27
CA GLU B 332 -12.52 -8.60 -3.98
C GLU B 332 -12.00 -7.19 -4.14
N ARG B 333 -12.82 -6.15 -3.77
CA ARG B 333 -12.44 -4.74 -3.94
C ARG B 333 -12.66 -3.91 -2.69
N CYS B 334 -11.55 -3.31 -2.16
CA CYS B 334 -11.58 -2.44 -0.98
C CYS B 334 -11.73 -0.98 -1.39
N LEU B 335 -12.92 -0.39 -1.15
CA LEU B 335 -13.25 0.98 -1.55
C LEU B 335 -13.29 1.94 -0.37
N TYR B 336 -12.41 2.93 -0.40
CA TYR B 336 -12.30 3.99 0.64
C TYR B 336 -13.26 5.12 0.24
N MET B 337 -14.20 5.44 1.11
CA MET B 337 -15.25 6.40 0.79
C MET B 337 -14.97 7.83 1.17
N TRP B 338 -15.75 8.75 0.57
CA TRP B 338 -15.65 10.20 0.81
C TRP B 338 -16.88 10.67 1.59
N PRO B 339 -16.82 11.79 2.36
CA PRO B 339 -17.99 12.28 3.12
C PRO B 339 -19.12 12.87 2.25
N SER B 340 -20.25 13.28 2.88
CA SER B 340 -21.41 13.83 2.15
C SER B 340 -22.05 15.08 2.80
N VAL B 341 -21.83 16.27 2.17
CA VAL B 341 -22.33 17.61 2.57
C VAL B 341 -22.22 17.86 4.09
N LEU B 348 -28.66 11.77 -2.55
CA LEU B 348 -27.78 10.91 -1.75
C LEU B 348 -26.75 10.17 -2.61
N LEU B 349 -27.19 9.53 -3.71
CA LEU B 349 -26.27 8.82 -4.61
C LEU B 349 -25.62 9.87 -5.50
N ASN B 350 -24.31 9.74 -5.78
CA ASN B 350 -23.58 10.74 -6.57
C ASN B 350 -22.79 10.13 -7.74
N PRO B 351 -23.37 10.07 -8.96
CA PRO B 351 -22.65 9.51 -10.12
C PRO B 351 -21.55 10.40 -10.64
N ALA B 352 -21.66 11.72 -10.44
CA ALA B 352 -20.69 12.72 -10.91
C ALA B 352 -19.33 12.56 -10.22
N GLY B 353 -19.32 12.27 -8.90
CA GLY B 353 -18.12 12.10 -8.08
C GLY B 353 -17.05 11.18 -8.66
N THR B 354 -15.79 11.40 -8.26
CA THR B 354 -14.64 10.63 -8.74
C THR B 354 -14.77 9.13 -8.48
N VAL B 355 -14.27 8.33 -9.45
CA VAL B 355 -14.34 6.87 -9.41
C VAL B 355 -13.16 6.22 -8.66
N ARG B 356 -12.13 7.02 -8.26
CA ARG B 356 -11.01 6.53 -7.46
C ARG B 356 -11.37 6.70 -5.96
N GLY B 357 -10.76 5.89 -5.08
CA GLY B 357 -11.07 5.94 -3.65
C GLY B 357 -10.35 7.04 -2.90
N ASN B 358 -10.87 7.38 -1.71
CA ASN B 358 -10.31 8.40 -0.83
C ASN B 358 -8.85 8.03 -0.47
N PRO B 359 -7.86 8.93 -0.72
CA PRO B 359 -6.46 8.60 -0.38
C PRO B 359 -6.14 8.69 1.11
N ASN B 360 -7.05 9.24 1.97
CA ASN B 360 -6.86 9.27 3.42
C ASN B 360 -7.34 7.92 3.95
N THR B 361 -6.58 6.86 3.66
CA THR B 361 -6.90 5.48 4.03
C THR B 361 -7.17 5.33 5.52
N GLU B 362 -6.41 6.04 6.38
CA GLU B 362 -6.58 5.96 7.83
C GLU B 362 -7.99 6.32 8.33
N SER B 363 -8.39 7.59 8.20
CA SER B 363 -9.70 8.03 8.70
C SER B 363 -10.88 7.63 7.79
N ALA B 364 -10.62 7.35 6.49
CA ALA B 364 -11.71 7.01 5.56
C ALA B 364 -12.39 5.69 5.86
N ALA B 365 -13.73 5.72 5.79
CA ALA B 365 -14.55 4.53 5.94
C ALA B 365 -14.33 3.70 4.68
N ALA B 366 -13.96 2.41 4.83
CA ALA B 366 -13.72 1.54 3.68
C ALA B 366 -14.97 0.72 3.33
N LEU B 367 -14.89 -0.05 2.24
CA LEU B 367 -15.95 -0.95 1.79
C LEU B 367 -15.37 -2.08 0.95
N VAL B 368 -15.25 -3.29 1.52
CA VAL B 368 -14.79 -4.47 0.79
C VAL B 368 -16.03 -5.13 0.20
N ILE B 369 -15.97 -5.47 -1.10
CA ILE B 369 -17.09 -6.08 -1.82
C ILE B 369 -16.55 -7.16 -2.73
N TYR B 370 -17.43 -8.01 -3.32
CA TYR B 370 -16.99 -9.05 -4.24
C TYR B 370 -17.71 -8.96 -5.58
N LEU B 371 -16.93 -8.79 -6.64
CA LEU B 371 -17.36 -8.72 -8.03
C LEU B 371 -17.27 -10.15 -8.63
N PRO B 372 -18.34 -10.95 -8.62
CA PRO B 372 -18.22 -12.34 -9.07
C PRO B 372 -17.54 -12.55 -10.44
N GLU B 373 -16.65 -13.57 -10.54
CA GLU B 373 -15.97 -13.91 -11.80
C GLU B 373 -16.94 -14.74 -12.64
N VAL B 374 -16.65 -14.87 -13.94
CA VAL B 374 -17.53 -15.57 -14.88
C VAL B 374 -16.77 -16.41 -15.95
N ALA B 375 -15.49 -16.78 -15.71
CA ALA B 375 -14.69 -17.57 -16.65
C ALA B 375 -13.44 -18.14 -15.95
N PRO B 378 -11.24 -14.93 -17.99
CA PRO B 378 -10.73 -13.60 -18.34
C PRO B 378 -11.58 -12.93 -19.44
N VAL B 379 -12.57 -12.11 -19.01
CA VAL B 379 -13.50 -11.41 -19.92
C VAL B 379 -13.08 -9.96 -20.23
N TYR B 380 -13.01 -9.62 -21.52
CA TYR B 380 -12.67 -8.28 -22.01
C TYR B 380 -13.88 -7.68 -22.72
N PHE B 381 -13.99 -6.34 -22.74
CA PHE B 381 -15.08 -5.68 -23.46
C PHE B 381 -14.78 -5.83 -24.98
N PRO B 382 -15.81 -6.13 -25.81
CA PRO B 382 -15.61 -6.32 -27.25
C PRO B 382 -14.81 -5.23 -27.93
N ALA B 383 -13.90 -5.62 -28.85
CA ALA B 383 -13.10 -4.66 -29.61
C ALA B 383 -14.03 -3.92 -30.60
N LEU B 384 -13.49 -2.94 -31.32
CA LEU B 384 -14.29 -2.14 -32.25
C LEU B 384 -14.84 -3.03 -33.37
N GLU B 385 -13.95 -3.79 -34.04
CA GLU B 385 -14.30 -4.71 -35.12
C GLU B 385 -15.56 -5.52 -34.80
N LYS B 386 -15.70 -6.04 -33.56
CA LYS B 386 -16.85 -6.83 -33.12
C LYS B 386 -18.13 -6.00 -33.04
N ILE B 387 -18.03 -4.79 -32.44
CA ILE B 387 -19.15 -3.88 -32.28
C ILE B 387 -19.64 -3.37 -33.65
N LEU B 388 -18.68 -3.06 -34.57
CA LEU B 388 -18.99 -2.58 -35.92
C LEU B 388 -19.93 -3.54 -36.68
N GLU B 389 -19.71 -4.84 -36.53
CA GLU B 389 -20.55 -5.83 -37.18
C GLU B 389 -21.95 -5.89 -36.56
N LEU B 390 -22.07 -5.82 -35.22
CA LEU B 390 -23.40 -5.78 -34.61
C LEU B 390 -24.06 -4.42 -34.86
N LEU B 407 -41.10 14.35 -42.21
CA LEU B 407 -40.65 13.69 -41.00
C LEU B 407 -40.72 14.65 -39.75
N ARG B 408 -39.89 14.33 -38.73
CA ARG B 408 -39.83 14.88 -37.37
C ARG B 408 -39.04 16.20 -37.09
N GLU B 409 -38.70 17.07 -38.08
CA GLU B 409 -37.99 18.31 -37.73
C GLU B 409 -38.67 19.07 -36.60
N ILE B 410 -40.02 19.08 -36.56
CA ILE B 410 -40.84 19.81 -35.57
C ILE B 410 -40.35 19.67 -34.11
N LEU B 411 -39.91 18.46 -33.69
CA LEU B 411 -39.44 18.23 -32.32
C LEU B 411 -37.92 18.44 -32.13
N GLU B 412 -37.15 18.47 -33.24
CA GLU B 412 -35.69 18.65 -33.20
C GLU B 412 -35.27 20.14 -33.10
N ARG B 413 -35.77 20.85 -32.05
CA ARG B 413 -35.46 22.27 -31.74
C ARG B 413 -36.16 22.72 -30.44
N GLU B 418 -34.76 18.40 -23.93
CA GLU B 418 -35.49 17.23 -23.45
C GLU B 418 -36.77 17.00 -24.27
N LEU B 419 -37.41 15.83 -24.13
CA LEU B 419 -38.59 15.44 -24.92
C LEU B 419 -39.41 14.28 -24.33
N TYR B 420 -40.61 14.01 -24.92
CA TYR B 420 -41.52 12.93 -24.49
C TYR B 420 -41.04 11.53 -24.86
N GLU B 421 -41.71 10.50 -24.32
CA GLU B 421 -41.35 9.10 -24.61
C GLU B 421 -41.71 8.73 -26.04
N HIS B 422 -42.90 9.13 -26.54
CA HIS B 422 -43.29 8.84 -27.93
C HIS B 422 -42.35 9.57 -28.92
N GLU B 423 -41.77 10.72 -28.49
CA GLU B 423 -40.80 11.48 -29.28
C GLU B 423 -39.42 10.81 -29.20
N LYS B 424 -39.01 10.36 -28.00
CA LYS B 424 -37.74 9.64 -27.80
C LYS B 424 -37.67 8.42 -28.74
N ASP B 425 -38.81 7.74 -28.93
CA ASP B 425 -38.94 6.56 -29.80
C ASP B 425 -38.75 6.95 -31.25
N LEU B 426 -39.39 8.08 -31.66
CA LEU B 426 -39.29 8.61 -33.03
C LEU B 426 -37.82 8.92 -33.38
N VAL B 427 -37.13 9.67 -32.48
CA VAL B 427 -35.74 10.10 -32.65
C VAL B 427 -34.84 8.90 -32.86
N TRP B 428 -35.01 7.90 -31.99
CA TRP B 428 -34.22 6.68 -32.05
C TRP B 428 -34.54 5.89 -33.32
N LYS B 429 -35.83 5.83 -33.70
CA LYS B 429 -36.27 5.13 -34.91
C LYS B 429 -35.55 5.67 -36.15
N MET B 430 -35.54 6.97 -36.27
CA MET B 430 -34.97 7.65 -37.42
C MET B 430 -33.45 7.77 -37.45
N ARG B 431 -32.74 7.45 -36.34
CA ARG B 431 -31.28 7.55 -36.14
C ARG B 431 -30.38 7.59 -37.42
N HIS B 432 -30.69 6.85 -38.49
CA HIS B 432 -29.92 6.89 -39.73
C HIS B 432 -29.97 8.29 -40.32
N GLU B 433 -31.19 8.80 -40.54
CA GLU B 433 -31.42 10.11 -41.14
C GLU B 433 -30.95 11.30 -40.28
N VAL B 434 -30.74 11.09 -38.97
CA VAL B 434 -30.18 12.12 -38.10
C VAL B 434 -28.70 12.26 -38.50
N GLN B 435 -28.01 11.16 -38.85
CA GLN B 435 -26.62 11.27 -39.29
C GLN B 435 -26.52 12.00 -40.61
N GLU B 436 -27.37 11.62 -41.56
CA GLU B 436 -27.31 12.14 -42.91
C GLU B 436 -27.80 13.57 -43.05
N HIS B 437 -28.95 13.90 -42.45
CA HIS B 437 -29.53 15.23 -42.62
C HIS B 437 -29.40 16.16 -41.43
N PHE B 438 -29.05 15.67 -40.24
CA PHE B 438 -28.93 16.52 -39.04
C PHE B 438 -27.72 16.14 -38.17
N PRO B 439 -26.51 15.92 -38.78
CA PRO B 439 -25.32 15.51 -38.02
C PRO B 439 -25.05 16.29 -36.74
N GLU B 440 -25.32 17.60 -36.75
CA GLU B 440 -25.12 18.44 -35.57
C GLU B 440 -26.14 18.16 -34.42
N ALA B 441 -27.09 17.19 -34.59
CA ALA B 441 -28.04 16.80 -33.54
C ALA B 441 -27.59 15.51 -32.78
N LEU B 442 -26.32 15.09 -33.00
CA LEU B 442 -25.72 13.90 -32.37
C LEU B 442 -25.96 13.83 -30.89
N ALA B 443 -25.63 14.91 -30.18
CA ALA B 443 -25.84 15.01 -28.73
C ALA B 443 -27.30 14.72 -28.30
N ARG B 444 -28.27 15.13 -29.13
CA ARG B 444 -29.69 14.89 -28.82
C ARG B 444 -30.02 13.42 -29.02
N LEU B 445 -29.45 12.80 -30.08
CA LEU B 445 -29.67 11.38 -30.38
C LEU B 445 -29.07 10.49 -29.32
N LEU B 446 -27.84 10.78 -28.88
CA LEU B 446 -27.18 9.97 -27.85
C LEU B 446 -28.01 9.87 -26.56
N LEU B 447 -28.77 10.91 -26.22
CA LEU B 447 -29.59 10.93 -25.01
C LEU B 447 -30.83 10.04 -25.08
N VAL B 448 -31.34 9.73 -26.30
CA VAL B 448 -32.53 8.89 -26.47
C VAL B 448 -32.16 7.39 -26.54
N THR B 449 -30.86 7.05 -26.83
CA THR B 449 -30.48 5.62 -26.92
C THR B 449 -30.47 4.97 -25.52
N LYS B 450 -30.83 3.66 -25.48
CA LYS B 450 -30.83 2.87 -24.26
C LYS B 450 -29.39 2.39 -24.07
N TRP B 451 -28.69 2.96 -23.06
CA TRP B 451 -27.30 2.58 -22.81
C TRP B 451 -27.22 1.23 -22.08
N ASN B 452 -28.36 0.82 -21.47
CA ASN B 452 -28.52 -0.50 -20.82
C ASN B 452 -29.06 -1.54 -21.83
N LYS B 453 -28.60 -1.49 -23.10
CA LYS B 453 -28.99 -2.39 -24.18
C LYS B 453 -27.82 -2.43 -25.17
N HIS B 454 -26.96 -3.44 -25.06
CA HIS B 454 -25.77 -3.55 -25.93
C HIS B 454 -26.05 -3.56 -27.45
N GLU B 455 -27.33 -3.71 -27.90
CA GLU B 455 -27.72 -3.68 -29.32
C GLU B 455 -27.84 -2.20 -29.75
N ASP B 456 -28.64 -1.41 -28.98
CA ASP B 456 -28.84 0.03 -29.20
C ASP B 456 -27.49 0.73 -29.17
N VAL B 457 -26.65 0.35 -28.18
CA VAL B 457 -25.30 0.89 -28.01
C VAL B 457 -24.40 0.49 -29.20
N ALA B 458 -24.48 -0.76 -29.67
CA ALA B 458 -23.66 -1.20 -30.81
C ALA B 458 -24.05 -0.46 -32.08
N GLN B 459 -25.38 -0.27 -32.28
CA GLN B 459 -25.95 0.44 -33.44
C GLN B 459 -25.65 1.94 -33.38
N MET B 460 -25.58 2.50 -32.15
CA MET B 460 -25.24 3.90 -31.91
C MET B 460 -23.74 4.12 -32.25
N LEU B 461 -22.87 3.27 -31.69
CA LEU B 461 -21.42 3.32 -31.94
C LEU B 461 -21.15 3.12 -33.43
N TYR B 462 -21.89 2.19 -34.06
CA TYR B 462 -21.78 1.89 -35.49
C TYR B 462 -22.04 3.15 -36.34
N LEU B 463 -23.09 3.93 -35.98
CA LEU B 463 -23.40 5.19 -36.67
C LEU B 463 -22.32 6.25 -36.37
N LEU B 464 -21.98 6.43 -35.08
CA LEU B 464 -20.99 7.40 -34.61
C LEU B 464 -19.61 7.28 -35.30
N CYS B 465 -19.21 6.06 -35.69
CA CYS B 465 -17.92 5.86 -36.35
C CYS B 465 -17.86 6.57 -37.70
N SER B 466 -19.00 6.57 -38.41
CA SER B 466 -19.14 7.18 -39.73
C SER B 466 -19.94 8.49 -39.66
N TRP B 467 -19.70 9.31 -38.61
CA TRP B 467 -20.35 10.60 -38.41
C TRP B 467 -19.36 11.68 -38.87
N PRO B 468 -19.82 12.86 -39.37
CA PRO B 468 -18.89 13.91 -39.84
C PRO B 468 -18.42 14.88 -38.75
N GLU B 469 -17.25 15.50 -38.96
CA GLU B 469 -16.68 16.45 -37.99
C GLU B 469 -17.65 17.58 -37.71
N LEU B 470 -18.14 17.66 -36.46
CA LEU B 470 -19.05 18.71 -36.04
C LEU B 470 -18.27 20.00 -35.68
N PRO B 471 -18.97 21.15 -35.50
CA PRO B 471 -18.27 22.38 -35.12
C PRO B 471 -17.71 22.32 -33.71
N VAL B 472 -16.72 23.20 -33.45
CA VAL B 472 -16.08 23.35 -32.13
C VAL B 472 -17.16 23.54 -31.03
N LEU B 473 -18.22 24.33 -31.32
CA LEU B 473 -19.30 24.56 -30.37
C LEU B 473 -20.07 23.26 -30.06
N SER B 474 -20.31 22.45 -31.09
CA SER B 474 -21.02 21.18 -30.91
C SER B 474 -20.13 20.17 -30.19
N ALA B 475 -18.79 20.18 -30.48
CA ALA B 475 -17.78 19.33 -29.81
C ALA B 475 -17.69 19.61 -28.30
N LEU B 476 -17.81 20.89 -27.89
CA LEU B 476 -17.78 21.28 -26.47
C LEU B 476 -18.97 20.67 -25.72
N GLU B 477 -20.13 20.51 -26.40
CA GLU B 477 -21.31 19.89 -25.79
C GLU B 477 -21.05 18.40 -25.59
N LEU B 478 -20.31 17.76 -26.52
CA LEU B 478 -20.00 16.33 -26.41
C LEU B 478 -19.07 15.98 -25.23
N LEU B 479 -18.41 16.97 -24.59
CA LEU B 479 -17.57 16.71 -23.44
C LEU B 479 -18.34 16.78 -22.13
N ASP B 480 -19.68 16.91 -22.16
CA ASP B 480 -20.49 16.95 -20.94
C ASP B 480 -20.43 15.62 -20.19
N PHE B 481 -20.72 15.66 -18.89
CA PHE B 481 -20.75 14.45 -18.06
C PHE B 481 -21.74 13.43 -18.63
N SER B 482 -22.85 13.91 -19.27
CA SER B 482 -23.86 13.05 -19.92
C SER B 482 -23.32 12.14 -21.02
N PHE B 483 -22.13 12.42 -21.58
CA PHE B 483 -21.54 11.63 -22.66
C PHE B 483 -20.26 10.91 -22.22
N PRO B 484 -20.36 9.97 -21.23
CA PRO B 484 -19.18 9.27 -20.70
C PRO B 484 -18.43 8.36 -21.65
N ASP B 485 -19.08 7.87 -22.71
CA ASP B 485 -18.44 6.93 -23.65
C ASP B 485 -17.12 7.43 -24.25
N CYS B 486 -16.14 6.53 -24.40
CA CYS B 486 -14.81 6.86 -24.94
C CYS B 486 -14.86 7.21 -26.41
N TYR B 487 -15.68 6.50 -27.19
CA TYR B 487 -15.80 6.69 -28.63
C TYR B 487 -16.36 8.08 -28.91
N VAL B 488 -17.34 8.53 -28.07
CA VAL B 488 -17.91 9.88 -28.15
C VAL B 488 -16.80 10.87 -27.83
N GLY B 489 -16.20 10.73 -26.63
CA GLY B 489 -15.11 11.60 -26.17
C GLY B 489 -13.97 11.70 -27.19
N SER B 490 -13.54 10.58 -27.76
CA SER B 490 -12.46 10.56 -28.74
C SER B 490 -12.85 11.31 -30.00
N PHE B 491 -14.15 11.27 -30.35
CA PHE B 491 -14.69 11.98 -31.51
C PHE B 491 -14.84 13.48 -31.19
N ALA B 492 -15.26 13.82 -29.97
CA ALA B 492 -15.35 15.21 -29.54
C ALA B 492 -13.96 15.86 -29.62
N ILE B 493 -12.91 15.15 -29.15
CA ILE B 493 -11.53 15.64 -29.22
C ILE B 493 -11.11 15.83 -30.67
N LYS B 494 -11.52 14.90 -31.55
CA LYS B 494 -11.19 14.97 -32.98
C LYS B 494 -11.66 16.30 -33.58
N SER B 495 -12.85 16.77 -33.15
CA SER B 495 -13.45 18.03 -33.61
C SER B 495 -12.87 19.28 -32.93
N LEU B 496 -12.14 19.14 -31.80
CA LEU B 496 -11.50 20.28 -31.12
C LEU B 496 -10.05 20.45 -31.54
N ARG B 497 -9.53 19.56 -32.38
CA ARG B 497 -8.15 19.70 -32.84
C ARG B 497 -7.97 21.00 -33.67
N LYS B 498 -9.01 21.47 -34.40
CA LYS B 498 -8.88 22.66 -35.25
C LYS B 498 -8.75 24.01 -34.45
N LEU B 499 -9.12 24.05 -33.13
CA LEU B 499 -9.01 25.24 -32.26
C LEU B 499 -7.67 25.93 -32.46
N THR B 500 -7.65 27.26 -32.57
CA THR B 500 -6.40 28.03 -32.63
C THR B 500 -5.84 28.07 -31.21
N ASP B 501 -4.55 28.40 -31.05
CA ASP B 501 -3.98 28.50 -29.70
C ASP B 501 -4.77 29.51 -28.88
N ASP B 502 -5.28 30.59 -29.52
CA ASP B 502 -6.11 31.58 -28.82
C ASP B 502 -7.53 31.07 -28.53
N GLU B 503 -8.13 30.26 -29.43
CA GLU B 503 -9.46 29.67 -29.12
C GLU B 503 -9.31 28.59 -28.03
N LEU B 504 -8.22 27.81 -28.09
CA LEU B 504 -7.94 26.80 -27.07
C LEU B 504 -7.81 27.49 -25.72
N PHE B 505 -6.95 28.53 -25.68
CA PHE B 505 -6.69 29.34 -24.48
C PHE B 505 -7.98 29.89 -23.85
N GLN B 506 -8.94 30.32 -24.69
CA GLN B 506 -10.22 30.84 -24.22
C GLN B 506 -11.01 29.76 -23.49
N TYR B 507 -11.01 28.50 -24.00
CA TYR B 507 -11.77 27.40 -23.37
C TYR B 507 -11.00 26.56 -22.35
N LEU B 508 -9.66 26.64 -22.39
CA LEU B 508 -8.74 25.88 -21.53
C LEU B 508 -9.22 25.68 -20.07
N LEU B 509 -9.75 26.70 -19.44
CA LEU B 509 -10.24 26.57 -18.07
C LEU B 509 -11.24 25.41 -17.96
N GLN B 510 -12.27 25.41 -18.83
CA GLN B 510 -13.32 24.39 -18.87
C GLN B 510 -12.75 23.00 -19.28
N LEU B 511 -11.78 22.98 -20.21
CA LEU B 511 -11.13 21.73 -20.61
C LEU B 511 -10.40 21.07 -19.45
N VAL B 512 -9.85 21.84 -18.51
CA VAL B 512 -9.17 21.26 -17.35
C VAL B 512 -10.21 20.68 -16.39
N GLN B 513 -11.38 21.31 -16.29
CA GLN B 513 -12.45 20.84 -15.41
C GLN B 513 -13.09 19.54 -15.90
N VAL B 514 -13.08 19.28 -17.22
CA VAL B 514 -13.62 18.03 -17.77
C VAL B 514 -12.73 16.87 -17.34
N LEU B 515 -11.41 17.08 -17.10
CA LEU B 515 -10.52 16.02 -16.60
C LEU B 515 -11.02 15.44 -15.24
N LYS B 516 -11.81 16.22 -14.47
CA LYS B 516 -12.40 15.76 -13.23
C LYS B 516 -13.50 14.69 -13.49
N TYR B 517 -14.11 14.67 -14.72
CA TYR B 517 -15.11 13.65 -15.10
C TYR B 517 -14.41 12.33 -15.44
N GLU B 518 -13.29 12.43 -16.20
CA GLU B 518 -12.52 11.30 -16.74
C GLU B 518 -12.48 10.10 -15.82
N SER B 519 -12.81 8.92 -16.38
CA SER B 519 -12.88 7.67 -15.66
C SER B 519 -11.52 7.04 -15.55
N TYR B 520 -10.75 7.01 -16.66
CA TYR B 520 -9.42 6.42 -16.64
C TYR B 520 -8.36 7.48 -16.80
N LEU B 521 -7.27 7.37 -16.01
CA LEU B 521 -6.19 8.36 -15.98
C LEU B 521 -5.71 8.78 -17.35
N ASP B 522 -5.37 7.83 -18.25
CA ASP B 522 -4.96 8.16 -19.62
C ASP B 522 -6.24 8.33 -20.47
N CYS B 523 -6.29 9.41 -21.27
CA CYS B 523 -7.43 9.72 -22.14
C CYS B 523 -6.98 10.63 -23.25
N GLU B 524 -7.89 10.92 -24.20
CA GLU B 524 -7.59 11.77 -25.36
C GLU B 524 -7.50 13.24 -24.97
N LEU B 525 -8.35 13.69 -24.02
CA LEU B 525 -8.33 15.08 -23.53
C LEU B 525 -6.97 15.39 -22.96
N THR B 526 -6.51 14.53 -22.03
CA THR B 526 -5.18 14.63 -21.44
C THR B 526 -4.13 14.61 -22.53
N LYS B 527 -4.23 13.68 -23.47
CA LYS B 527 -3.29 13.56 -24.59
C LYS B 527 -3.23 14.85 -25.41
N PHE B 528 -4.42 15.41 -25.71
CA PHE B 528 -4.61 16.63 -26.48
C PHE B 528 -4.01 17.83 -25.75
N LEU B 529 -4.58 18.20 -24.57
CA LEU B 529 -4.13 19.32 -23.76
C LEU B 529 -2.63 19.33 -23.65
N LEU B 530 -2.09 18.24 -23.15
CA LEU B 530 -0.66 18.06 -22.91
C LEU B 530 0.18 18.25 -24.19
N GLY B 531 -0.32 17.75 -25.33
CA GLY B 531 0.37 17.90 -26.61
C GLY B 531 0.35 19.36 -27.05
N ARG B 532 -0.83 20.03 -26.87
CA ARG B 532 -1.02 21.45 -27.22
C ARG B 532 -0.17 22.36 -26.30
N ALA B 533 -0.12 22.00 -25.01
CA ALA B 533 0.66 22.67 -23.97
C ALA B 533 2.17 22.64 -24.29
N LEU B 534 2.65 21.56 -24.90
CA LEU B 534 4.05 21.42 -25.27
C LEU B 534 4.38 22.09 -26.59
N ALA B 535 3.33 22.49 -27.34
CA ALA B 535 3.46 23.17 -28.61
C ALA B 535 3.45 24.70 -28.45
N ASN B 536 2.97 25.20 -27.29
CA ASN B 536 2.90 26.63 -27.01
C ASN B 536 3.23 26.89 -25.55
N ARG B 537 4.32 27.64 -25.28
CA ARG B 537 4.77 27.90 -23.90
C ARG B 537 3.71 28.64 -23.03
N LYS B 538 2.85 29.45 -23.62
CA LYS B 538 1.82 30.13 -22.85
C LYS B 538 0.72 29.17 -22.46
N ILE B 539 0.36 28.22 -23.38
CA ILE B 539 -0.68 27.22 -23.07
C ILE B 539 -0.14 26.27 -21.97
N GLY B 540 1.15 25.88 -22.10
CA GLY B 540 1.79 25.03 -21.11
C GLY B 540 1.81 25.68 -19.76
N HIS B 541 2.14 27.03 -19.74
CA HIS B 541 2.18 27.89 -18.54
C HIS B 541 0.81 27.92 -17.89
N PHE B 542 -0.21 28.36 -18.66
CA PHE B 542 -1.55 28.48 -18.10
C PHE B 542 -2.14 27.16 -17.73
N LEU B 543 -1.89 26.05 -18.50
CA LEU B 543 -2.38 24.72 -18.14
C LEU B 543 -1.75 24.33 -16.80
N PHE B 544 -0.40 24.47 -16.73
CA PHE B 544 0.32 24.17 -15.50
C PHE B 544 -0.37 24.77 -14.25
N TRP B 545 -0.52 26.13 -14.20
CA TRP B 545 -1.15 26.79 -13.05
C TRP B 545 -2.55 26.34 -12.81
N HIS B 546 -3.33 26.00 -13.88
CA HIS B 546 -4.71 25.47 -13.69
C HIS B 546 -4.66 24.12 -12.93
N LEU B 547 -3.63 23.29 -13.21
CA LEU B 547 -3.46 22.02 -12.52
C LEU B 547 -2.95 22.32 -11.11
N ARG B 548 -1.76 22.97 -11.05
CA ARG B 548 -1.03 23.31 -9.81
C ARG B 548 -1.88 23.91 -8.67
N SER B 549 -2.87 24.73 -9.01
CA SER B 549 -3.76 25.34 -8.03
C SER B 549 -4.66 24.33 -7.31
N GLU B 550 -5.16 23.30 -8.03
CA GLU B 550 -6.06 22.32 -7.43
C GLU B 550 -5.36 21.10 -6.76
N MET B 551 -4.01 21.07 -6.70
CA MET B 551 -3.26 20.00 -6.03
C MET B 551 -3.69 19.75 -4.56
N HIS B 552 -4.14 20.79 -3.85
CA HIS B 552 -4.60 20.66 -2.47
C HIS B 552 -5.91 19.85 -2.36
N VAL B 553 -6.66 19.68 -3.48
CA VAL B 553 -7.89 18.89 -3.51
C VAL B 553 -7.44 17.40 -3.64
N PRO B 554 -7.87 16.52 -2.71
CA PRO B 554 -7.48 15.11 -2.79
C PRO B 554 -7.99 14.35 -4.03
N SER B 555 -9.21 14.62 -4.48
CA SER B 555 -9.77 13.93 -5.65
C SER B 555 -8.97 14.10 -6.93
N VAL B 556 -8.26 15.23 -7.08
CA VAL B 556 -7.49 15.46 -8.30
C VAL B 556 -5.99 15.43 -8.11
N ALA B 557 -5.48 15.59 -6.87
CA ALA B 557 -4.04 15.61 -6.62
C ALA B 557 -3.22 14.58 -7.48
N LEU B 558 -3.63 13.30 -7.46
CA LEU B 558 -2.92 12.25 -8.21
C LEU B 558 -2.94 12.52 -9.73
N ARG B 559 -4.17 12.73 -10.27
CA ARG B 559 -4.39 12.97 -11.70
C ARG B 559 -3.55 14.14 -12.21
N PHE B 560 -3.69 15.32 -11.52
CA PHE B 560 -3.02 16.57 -11.87
C PHE B 560 -1.49 16.50 -11.68
N GLY B 561 -1.02 15.88 -10.57
CA GLY B 561 0.41 15.71 -10.32
C GLY B 561 1.04 14.91 -11.46
N LEU B 562 0.35 13.86 -11.92
CA LEU B 562 0.83 13.04 -13.03
C LEU B 562 0.93 13.81 -14.35
N ILE B 563 -0.10 14.59 -14.70
CA ILE B 563 -0.09 15.44 -15.92
C ILE B 563 1.07 16.48 -15.82
N MET B 564 1.20 17.14 -14.64
CA MET B 564 2.25 18.14 -14.43
C MET B 564 3.63 17.50 -14.57
N GLU B 565 3.82 16.27 -14.02
CA GLU B 565 5.11 15.60 -14.12
C GLU B 565 5.46 15.39 -15.59
N ALA B 566 4.52 14.76 -16.35
CA ALA B 566 4.69 14.52 -17.79
C ALA B 566 5.08 15.81 -18.48
N TYR B 567 4.36 16.96 -18.20
CA TYR B 567 4.71 18.24 -18.79
C TYR B 567 6.15 18.64 -18.50
N CYS B 568 6.65 18.45 -17.27
CA CYS B 568 8.05 18.78 -16.95
C CYS B 568 9.06 17.88 -17.73
N ARG B 569 8.69 16.60 -17.98
CA ARG B 569 9.51 15.65 -18.75
C ARG B 569 9.72 16.23 -20.17
N GLY B 570 8.65 16.83 -20.75
CA GLY B 570 8.68 17.48 -22.07
C GLY B 570 9.14 18.96 -21.99
N SER B 571 8.85 19.71 -20.91
CA SER B 571 9.24 21.12 -20.78
C SER B 571 10.23 21.32 -19.61
N THR B 572 11.47 20.84 -19.80
CA THR B 572 12.50 20.86 -18.74
C THR B 572 13.08 22.25 -18.49
N HIS B 573 13.09 23.13 -19.49
CA HIS B 573 13.61 24.49 -19.24
C HIS B 573 12.54 25.38 -18.58
N HIS B 574 11.27 25.26 -19.04
CA HIS B 574 10.13 26.01 -18.53
C HIS B 574 9.88 25.68 -17.05
N MET B 575 10.18 24.44 -16.66
CA MET B 575 10.09 23.94 -15.27
C MET B 575 10.85 24.87 -14.33
N LYS B 576 12.04 25.33 -14.75
CA LYS B 576 12.89 26.22 -13.93
C LYS B 576 12.24 27.59 -13.80
N VAL B 577 11.74 28.13 -14.91
CA VAL B 577 11.03 29.41 -14.94
C VAL B 577 9.87 29.32 -13.98
N LEU B 578 9.10 28.23 -14.06
CA LEU B 578 7.96 28.04 -13.18
C LEU B 578 8.32 27.86 -11.68
N MET B 579 9.58 27.44 -11.36
CA MET B 579 10.04 27.25 -9.97
C MET B 579 10.30 28.59 -9.37
N LYS B 580 10.93 29.48 -10.14
CA LYS B 580 11.22 30.85 -9.70
C LYS B 580 9.91 31.54 -9.25
N GLN B 581 8.80 31.28 -9.98
CA GLN B 581 7.47 31.82 -9.70
C GLN B 581 6.92 31.22 -8.43
N GLY B 582 7.07 29.88 -8.27
CA GLY B 582 6.62 29.15 -7.11
C GLY B 582 7.31 29.69 -5.87
N GLU B 583 8.62 29.87 -5.95
CA GLU B 583 9.42 30.42 -4.84
C GLU B 583 8.90 31.82 -4.49
N ALA B 584 8.61 32.65 -5.50
CA ALA B 584 8.07 33.98 -5.26
C ALA B 584 6.74 33.86 -4.57
N LEU B 585 5.87 32.98 -5.06
CA LEU B 585 4.55 32.79 -4.45
C LEU B 585 4.63 32.23 -3.04
N SER B 586 5.70 31.44 -2.80
CA SER B 586 5.98 30.82 -1.52
C SER B 586 6.29 31.90 -0.53
N LYS B 587 7.17 32.86 -0.92
CA LYS B 587 7.55 34.00 -0.09
C LYS B 587 6.35 34.88 0.18
N LEU B 588 5.62 35.28 -0.88
CA LEU B 588 4.41 36.12 -0.75
C LEU B 588 3.43 35.64 0.31
N LYS B 589 3.26 34.32 0.45
CA LYS B 589 2.38 33.75 1.48
C LYS B 589 2.95 34.06 2.85
N ALA B 590 4.26 33.79 3.07
CA ALA B 590 4.92 34.03 4.34
C ALA B 590 4.82 35.52 4.70
N LEU B 591 5.14 36.39 3.74
CA LEU B 591 5.03 37.81 3.95
C LEU B 591 3.56 38.15 4.29
N ASN B 592 2.58 37.63 3.55
CA ASN B 592 1.19 37.97 3.84
C ASN B 592 0.73 37.49 5.24
N ASP B 593 1.26 36.36 5.75
CA ASP B 593 0.91 35.85 7.08
C ASP B 593 1.48 36.75 8.10
N PHE B 594 2.66 37.27 7.84
CA PHE B 594 3.30 38.24 8.71
C PHE B 594 2.42 39.49 8.72
N VAL B 595 2.03 40.01 7.55
CA VAL B 595 1.17 41.18 7.46
C VAL B 595 -0.10 40.98 8.29
N LYS B 596 -0.74 39.80 8.15
CA LYS B 596 -1.95 39.42 8.88
C LYS B 596 -1.77 39.39 10.40
N VAL B 597 -0.61 38.88 10.88
CA VAL B 597 -0.23 38.81 12.31
C VAL B 597 -0.08 40.25 12.81
N SER B 598 0.78 40.98 12.13
CA SER B 598 1.13 42.35 12.48
C SER B 598 -0.10 43.26 12.62
N SER B 599 -0.95 43.31 11.61
CA SER B 599 -2.11 44.20 11.63
C SER B 599 -2.98 44.04 12.89
N GLN B 600 -2.97 42.86 13.53
CA GLN B 600 -3.72 42.66 14.78
C GLN B 600 -3.08 43.37 15.99
N LYS B 601 -1.74 43.26 16.12
CA LYS B 601 -0.94 43.82 17.21
C LYS B 601 -0.47 45.27 17.02
N THR B 602 -0.55 45.86 15.79
CA THR B 602 -0.05 47.21 15.57
C THR B 602 -0.80 47.98 14.52
N THR B 603 -0.34 49.22 14.25
CA THR B 603 -0.96 50.15 13.28
C THR B 603 -0.62 49.81 11.83
N LYS B 604 -1.43 50.31 10.88
CA LYS B 604 -1.15 50.09 9.47
C LYS B 604 0.21 50.65 9.12
N PRO B 605 0.60 51.85 9.67
CA PRO B 605 1.92 52.37 9.40
C PRO B 605 3.05 51.47 9.89
N GLN B 606 2.96 51.01 11.13
CA GLN B 606 3.98 50.14 11.71
C GLN B 606 3.98 48.76 11.01
N THR B 607 2.82 48.30 10.47
CA THR B 607 2.79 47.01 9.75
C THR B 607 3.47 47.16 8.40
N LYS B 608 3.15 48.25 7.69
CA LYS B 608 3.67 48.57 6.37
C LYS B 608 5.20 48.61 6.40
N GLU B 609 5.79 49.28 7.41
CA GLU B 609 7.25 49.36 7.53
C GLU B 609 7.81 48.00 7.88
N MET B 610 7.14 47.30 8.77
CA MET B 610 7.55 45.95 9.17
C MET B 610 7.52 45.03 7.93
N MET B 611 6.50 45.18 7.05
CA MET B 611 6.37 44.42 5.80
C MET B 611 7.56 44.73 4.90
N HIS B 612 7.88 46.02 4.74
CA HIS B 612 9.01 46.43 3.93
C HIS B 612 10.35 45.87 4.47
N MET B 613 10.48 45.74 5.80
CA MET B 613 11.71 45.19 6.38
C MET B 613 11.87 43.77 5.93
N CYS B 614 10.78 43.03 6.05
CA CYS B 614 10.75 41.66 5.62
C CYS B 614 11.09 41.56 4.11
N MET B 615 10.57 42.49 3.28
CA MET B 615 10.86 42.47 1.85
C MET B 615 12.34 42.67 1.55
N ARG B 616 13.00 43.60 2.26
CA ARG B 616 14.42 43.91 2.05
C ARG B 616 15.37 42.78 2.42
N GLN B 617 14.89 41.73 3.11
CA GLN B 617 15.73 40.58 3.46
C GLN B 617 16.27 39.91 2.20
N GLU B 618 17.51 39.46 2.30
CA GLU B 618 18.22 38.76 1.22
C GLU B 618 17.32 37.81 0.44
N THR B 619 16.72 36.81 1.13
CA THR B 619 15.89 35.76 0.51
C THR B 619 14.67 36.31 -0.21
N TYR B 620 14.00 37.32 0.36
CA TYR B 620 12.86 37.94 -0.27
C TYR B 620 13.26 38.85 -1.44
N MET B 621 14.39 39.53 -1.34
CA MET B 621 14.78 40.38 -2.45
C MET B 621 15.09 39.55 -3.68
N GLU B 622 15.73 38.39 -3.50
CA GLU B 622 16.07 37.49 -4.61
C GLU B 622 14.85 36.75 -5.07
N ALA B 623 14.02 36.27 -4.12
CA ALA B 623 12.82 35.50 -4.46
C ALA B 623 11.73 36.29 -5.16
N LEU B 624 11.46 37.54 -4.73
CA LEU B 624 10.41 38.29 -5.39
C LEU B 624 10.88 39.07 -6.60
N SER B 625 12.18 39.14 -6.89
CA SER B 625 12.64 39.90 -8.07
C SER B 625 12.89 39.00 -9.26
N HIS B 626 12.92 39.57 -10.46
CA HIS B 626 13.23 38.92 -11.73
C HIS B 626 12.47 37.63 -11.99
N LEU B 627 11.27 37.76 -12.57
CA LEU B 627 10.48 36.60 -12.93
C LEU B 627 9.37 36.94 -13.87
N GLN B 628 8.98 36.01 -14.74
CA GLN B 628 7.82 36.22 -15.63
C GLN B 628 6.57 36.20 -14.73
N SER B 629 5.62 37.10 -14.98
CA SER B 629 4.41 37.14 -14.18
C SER B 629 3.59 35.85 -14.36
N PRO B 630 3.06 35.27 -13.27
CA PRO B 630 2.17 34.14 -13.48
C PRO B 630 0.93 34.60 -14.25
N LEU B 631 0.42 35.83 -13.99
CA LEU B 631 -0.76 36.37 -14.67
C LEU B 631 -0.56 36.60 -16.17
N ASP B 632 0.69 36.70 -16.62
CA ASP B 632 0.97 36.96 -18.01
C ASP B 632 2.44 36.63 -18.25
N PRO B 633 2.75 35.39 -18.79
CA PRO B 633 4.14 35.00 -19.04
C PRO B 633 4.96 35.97 -19.96
N SER B 634 4.31 36.98 -20.57
CA SER B 634 5.00 37.96 -21.39
C SER B 634 5.46 39.18 -20.57
N THR B 635 4.78 39.45 -19.45
CA THR B 635 5.16 40.54 -18.56
C THR B 635 6.30 40.04 -17.70
N LEU B 636 7.35 40.86 -17.52
CA LEU B 636 8.45 40.52 -16.61
C LEU B 636 8.38 41.36 -15.31
N LEU B 637 8.35 40.67 -14.18
CA LEU B 637 8.38 41.29 -12.88
C LEU B 637 9.89 41.37 -12.52
N GLU B 638 10.53 42.55 -12.74
CA GLU B 638 11.96 42.74 -12.53
C GLU B 638 12.29 43.21 -11.13
N GLU B 639 12.48 44.54 -10.92
CA GLU B 639 12.83 45.08 -9.61
C GLU B 639 11.59 45.41 -8.81
N VAL B 640 11.44 44.79 -7.65
CA VAL B 640 10.31 45.06 -6.78
C VAL B 640 10.55 46.44 -6.09
N CYS B 641 9.68 47.41 -6.31
CA CYS B 641 9.76 48.72 -5.67
C CYS B 641 9.22 48.56 -4.27
N VAL B 642 10.08 48.25 -3.29
CA VAL B 642 9.60 47.99 -1.91
C VAL B 642 8.84 49.18 -1.31
N GLU B 643 9.28 50.45 -1.50
CA GLU B 643 8.57 51.61 -0.93
C GLU B 643 7.12 51.71 -1.40
N GLN B 644 6.87 51.45 -2.68
CA GLN B 644 5.51 51.44 -3.25
C GLN B 644 4.67 50.17 -2.82
N CYS B 645 5.29 49.13 -2.26
CA CYS B 645 4.52 47.95 -1.86
C CYS B 645 3.70 48.22 -0.59
N THR B 646 2.52 47.58 -0.46
CA THR B 646 1.64 47.74 0.71
C THR B 646 0.60 46.58 0.79
N PHE B 647 -0.51 46.76 1.51
CA PHE B 647 -1.60 45.80 1.61
C PHE B 647 -2.89 46.57 1.83
N MET B 648 -4.05 46.03 1.43
CA MET B 648 -5.33 46.74 1.66
C MET B 648 -5.86 46.27 2.98
N ASP B 649 -6.43 47.18 3.78
CA ASP B 649 -6.93 46.83 5.11
C ASP B 649 -8.33 46.28 4.92
N SER B 650 -8.40 44.99 4.53
CA SER B 650 -9.68 44.33 4.27
C SER B 650 -9.66 42.83 4.50
N LYS B 651 -9.91 42.41 5.75
CA LYS B 651 -10.05 41.00 6.13
C LYS B 651 -8.82 40.13 5.78
N MET B 652 -8.64 39.79 4.49
CA MET B 652 -7.54 38.95 4.04
C MET B 652 -6.23 39.71 3.79
N LYS B 653 -6.21 41.05 4.06
CA LYS B 653 -5.03 41.93 3.96
C LYS B 653 -4.22 41.73 2.66
N PRO B 654 -4.94 41.64 1.50
CA PRO B 654 -4.27 41.38 0.22
C PRO B 654 -3.07 42.30 0.00
N LEU B 655 -1.91 41.73 -0.42
CA LEU B 655 -0.72 42.48 -0.68
C LEU B 655 -0.84 43.23 -1.99
N TRP B 656 -0.24 44.41 -2.04
CA TRP B 656 -0.14 45.30 -3.19
C TRP B 656 1.37 45.32 -3.57
N ILE B 657 1.79 44.52 -4.55
CA ILE B 657 3.22 44.48 -4.86
C ILE B 657 3.47 45.22 -6.14
N MET B 658 4.41 46.18 -6.13
CA MET B 658 4.79 46.99 -7.29
C MET B 658 6.19 46.66 -7.83
N TYR B 659 6.34 46.70 -9.19
CA TYR B 659 7.58 46.41 -9.90
C TYR B 659 7.97 47.51 -10.84
N SER B 660 9.26 47.53 -11.19
CA SER B 660 9.81 48.47 -12.17
C SER B 660 10.91 47.77 -12.92
N SER B 661 11.23 48.26 -14.14
CA SER B 661 12.31 47.73 -14.98
C SER B 661 12.95 48.90 -15.70
N GLU B 662 14.31 49.00 -15.68
CA GLU B 662 15.05 50.06 -16.39
C GLU B 662 14.97 49.77 -17.89
N GLU B 663 15.25 48.50 -18.26
CA GLU B 663 15.22 48.01 -19.62
C GLU B 663 13.86 48.22 -20.36
N ALA B 664 12.73 48.25 -19.64
CA ALA B 664 11.40 48.48 -20.26
C ALA B 664 10.86 49.90 -20.09
N GLY B 665 11.42 50.71 -19.16
CA GLY B 665 10.92 52.05 -18.93
C GLY B 665 9.55 51.95 -18.27
N SER B 666 8.55 52.66 -18.82
CA SER B 666 7.20 52.64 -18.24
C SER B 666 6.45 51.34 -18.46
N ALA B 667 6.64 50.69 -19.61
CA ALA B 667 5.99 49.41 -19.88
C ALA B 667 6.39 48.34 -18.85
N GLY B 668 7.54 48.54 -18.16
CA GLY B 668 8.01 47.64 -17.12
C GLY B 668 7.47 47.96 -15.74
N ASN B 669 6.62 48.99 -15.61
CA ASN B 669 6.00 49.34 -14.35
C ASN B 669 4.68 48.58 -14.31
N VAL B 670 4.63 47.52 -13.47
CA VAL B 670 3.44 46.66 -13.33
C VAL B 670 3.22 46.30 -11.86
N GLY B 671 1.95 46.18 -11.45
CA GLY B 671 1.59 45.85 -10.06
C GLY B 671 0.79 44.55 -9.96
N ILE B 672 0.91 43.83 -8.83
CA ILE B 672 0.13 42.61 -8.62
C ILE B 672 -0.46 42.57 -7.21
N ILE B 673 -1.66 41.98 -7.06
CA ILE B 673 -2.34 41.84 -5.78
C ILE B 673 -2.24 40.37 -5.39
N PHE B 674 -1.51 40.05 -4.33
CA PHE B 674 -1.45 38.67 -3.86
C PHE B 674 -2.61 38.51 -2.86
N LYS B 675 -3.46 37.49 -3.03
CA LYS B 675 -4.59 37.28 -2.14
C LYS B 675 -4.54 35.89 -1.62
N ASN B 676 -4.78 35.73 -0.29
CA ASN B 676 -4.72 34.42 0.36
C ASN B 676 -5.79 34.34 1.43
N GLY B 677 -6.51 33.19 1.50
CA GLY B 677 -7.61 32.96 2.46
C GLY B 677 -8.98 32.92 1.78
N ASP B 678 -9.05 33.40 0.52
CA ASP B 678 -10.26 33.39 -0.30
C ASP B 678 -9.97 32.66 -1.60
N ASP B 679 -11.02 32.05 -2.19
CA ASP B 679 -10.93 31.32 -3.45
C ASP B 679 -11.20 32.21 -4.66
N LEU B 680 -10.19 32.44 -5.54
CA LEU B 680 -10.36 33.30 -6.73
C LEU B 680 -10.89 32.55 -7.95
N ARG B 681 -11.28 31.28 -7.82
CA ARG B 681 -11.75 30.50 -8.96
C ARG B 681 -12.99 31.11 -9.60
N GLN B 682 -13.91 31.64 -8.78
CA GLN B 682 -15.12 32.28 -9.33
C GLN B 682 -14.76 33.58 -10.04
N ASP B 683 -13.88 34.39 -9.42
CA ASP B 683 -13.44 35.64 -10.01
C ASP B 683 -12.79 35.38 -11.37
N MET B 684 -11.96 34.31 -11.50
CA MET B 684 -11.35 33.97 -12.79
C MET B 684 -12.44 33.63 -13.82
N LEU B 685 -13.47 32.88 -13.39
CA LEU B 685 -14.56 32.46 -14.28
C LEU B 685 -15.41 33.66 -14.68
N THR B 686 -15.68 34.59 -13.77
CA THR B 686 -16.45 35.77 -14.13
C THR B 686 -15.66 36.60 -15.12
N LEU B 687 -14.36 36.71 -14.93
CA LEU B 687 -13.48 37.46 -15.82
C LEU B 687 -13.30 36.78 -17.16
N GLN B 688 -13.31 35.42 -17.19
CA GLN B 688 -13.18 34.67 -18.46
C GLN B 688 -14.36 34.98 -19.37
N MET B 689 -15.55 35.08 -18.74
CA MET B 689 -16.79 35.36 -19.42
C MET B 689 -16.83 36.76 -19.97
N ILE B 690 -16.52 37.76 -19.13
CA ILE B 690 -16.47 39.14 -19.59
C ILE B 690 -15.57 39.23 -20.83
N GLN B 691 -14.37 38.60 -20.76
CA GLN B 691 -13.42 38.56 -21.87
C GLN B 691 -14.02 37.89 -23.11
N LEU B 692 -14.81 36.80 -22.91
CA LEU B 692 -15.47 36.11 -24.02
C LEU B 692 -16.53 37.03 -24.64
N MET B 693 -17.30 37.76 -23.82
CA MET B 693 -18.27 38.74 -24.34
C MET B 693 -17.54 39.79 -25.21
N ASP B 694 -16.39 40.32 -24.74
CA ASP B 694 -15.60 41.29 -25.50
C ASP B 694 -15.18 40.72 -26.86
N VAL B 695 -14.88 39.42 -26.92
CA VAL B 695 -14.50 38.76 -28.18
C VAL B 695 -15.69 38.66 -29.11
N LEU B 696 -16.82 38.12 -28.61
CA LEU B 696 -18.03 37.98 -29.42
C LEU B 696 -18.57 39.33 -29.93
N TRP B 697 -18.38 40.41 -29.13
CA TRP B 697 -18.74 41.75 -29.51
C TRP B 697 -17.75 42.23 -30.54
N LYS B 698 -16.45 42.12 -30.24
CA LYS B 698 -15.42 42.54 -31.20
C LYS B 698 -15.55 41.83 -32.55
N GLN B 699 -15.97 40.54 -32.55
CA GLN B 699 -16.17 39.77 -33.79
C GLN B 699 -17.30 40.34 -34.65
N GLU B 700 -18.33 40.96 -34.03
CA GLU B 700 -19.44 41.61 -34.75
C GLU B 700 -19.10 43.09 -35.04
N GLY B 701 -17.82 43.49 -34.87
CA GLY B 701 -17.37 44.86 -35.14
C GLY B 701 -17.77 45.84 -34.05
N LEU B 702 -17.97 45.38 -32.80
CA LEU B 702 -18.34 46.24 -31.67
C LEU B 702 -17.31 46.18 -30.51
N ASP B 703 -16.49 47.23 -30.36
CA ASP B 703 -15.50 47.31 -29.29
C ASP B 703 -16.06 48.16 -28.15
N LEU B 704 -16.53 47.51 -27.05
CA LEU B 704 -17.07 48.22 -25.90
C LEU B 704 -16.06 48.49 -24.83
N ARG B 705 -14.80 48.71 -25.20
CA ARG B 705 -13.73 49.13 -24.29
C ARG B 705 -13.70 48.46 -22.92
N MET B 706 -13.81 47.11 -22.92
CA MET B 706 -13.80 46.32 -21.67
C MET B 706 -12.39 46.26 -21.06
N THR B 707 -12.30 45.91 -19.77
CA THR B 707 -11.01 45.81 -19.06
C THR B 707 -10.94 44.47 -18.35
N PRO B 708 -10.71 43.38 -19.11
CA PRO B 708 -10.67 42.04 -18.50
C PRO B 708 -9.25 41.76 -17.97
N TYR B 709 -8.97 42.30 -16.77
CA TYR B 709 -7.68 42.19 -16.07
C TYR B 709 -7.39 40.75 -15.62
N GLY B 710 -6.10 40.43 -15.50
CA GLY B 710 -5.66 39.10 -15.12
C GLY B 710 -6.02 38.74 -13.69
N CYS B 711 -6.42 37.48 -13.48
CA CYS B 711 -6.72 36.90 -12.17
C CYS B 711 -6.38 35.44 -12.31
N LEU B 712 -5.50 34.93 -11.45
CA LEU B 712 -4.99 33.57 -11.54
C LEU B 712 -4.95 32.86 -10.17
N PRO B 713 -5.79 31.81 -9.97
CA PRO B 713 -5.69 31.04 -8.73
C PRO B 713 -4.47 30.15 -8.91
N THR B 714 -3.57 30.13 -7.90
CA THR B 714 -2.30 29.40 -7.94
C THR B 714 -2.11 28.37 -6.80
N GLY B 715 -3.03 28.33 -5.80
CA GLY B 715 -2.90 27.42 -4.68
C GLY B 715 -4.14 27.40 -3.76
N ASP B 716 -3.98 26.86 -2.53
CA ASP B 716 -5.10 26.70 -1.58
C ASP B 716 -5.65 28.04 -1.13
N ARG B 717 -6.75 28.50 -1.76
CA ARG B 717 -7.33 29.81 -1.49
C ARG B 717 -6.22 30.89 -1.68
N THR B 718 -5.44 30.77 -2.78
CA THR B 718 -4.29 31.61 -3.09
C THR B 718 -4.30 31.99 -4.56
N GLY B 719 -3.96 33.23 -4.86
CA GLY B 719 -3.87 33.65 -6.26
C GLY B 719 -3.38 35.07 -6.40
N LEU B 720 -3.09 35.42 -7.64
CA LEU B 720 -2.64 36.76 -8.00
C LEU B 720 -3.75 37.45 -8.77
N ILE B 721 -3.75 38.79 -8.75
CA ILE B 721 -4.67 39.64 -9.52
C ILE B 721 -3.80 40.70 -10.15
N GLU B 722 -4.12 41.16 -11.36
CA GLU B 722 -3.32 42.19 -12.05
C GLU B 722 -3.80 43.60 -11.62
N VAL B 723 -2.89 44.47 -11.19
CA VAL B 723 -3.28 45.87 -10.89
C VAL B 723 -3.37 46.58 -12.21
N VAL B 724 -4.58 47.12 -12.55
CA VAL B 724 -4.81 47.90 -13.78
C VAL B 724 -4.28 49.30 -13.44
N LEU B 725 -3.15 49.74 -14.02
CA LEU B 725 -2.62 51.06 -13.66
C LEU B 725 -3.42 52.22 -14.23
N HIS B 726 -3.19 53.44 -13.67
CA HIS B 726 -3.87 54.66 -14.10
C HIS B 726 -5.40 54.50 -14.01
N SER B 727 -5.88 54.09 -12.83
CA SER B 727 -7.30 53.88 -12.55
C SER B 727 -7.53 53.97 -11.06
N ASP B 728 -8.74 54.31 -10.62
CA ASP B 728 -9.10 54.42 -9.20
C ASP B 728 -10.57 54.03 -9.02
N THR B 729 -11.00 53.70 -7.79
CA THR B 729 -12.40 53.33 -7.55
C THR B 729 -13.32 54.54 -7.54
N ILE B 730 -14.63 54.29 -7.78
CA ILE B 730 -15.65 55.35 -7.76
C ILE B 730 -15.72 55.92 -6.36
N ALA B 731 -15.60 55.09 -5.30
CA ALA B 731 -15.63 55.58 -3.92
C ALA B 731 -14.46 56.54 -3.67
N ASN B 732 -13.25 56.18 -4.11
CA ASN B 732 -12.05 57.02 -3.92
C ASN B 732 -12.12 58.30 -4.74
N ILE B 733 -12.89 58.32 -5.85
CA ILE B 733 -13.08 59.51 -6.67
C ILE B 733 -14.24 60.33 -6.06
N GLN B 734 -15.39 59.68 -5.78
CA GLN B 734 -16.55 60.31 -5.16
C GLN B 734 -16.26 60.91 -3.79
N LEU B 735 -15.11 60.55 -3.14
CA LEU B 735 -14.74 61.19 -1.87
C LEU B 735 -14.87 62.69 -2.03
N ASN B 736 -14.61 63.22 -3.27
CA ASN B 736 -14.69 64.65 -3.61
C ASN B 736 -13.53 65.32 -2.84
N LYS B 737 -12.36 64.64 -2.88
CA LYS B 737 -11.16 64.99 -2.12
C LYS B 737 -10.79 66.48 -2.18
N SER B 738 -10.42 67.05 -1.00
CA SER B 738 -10.08 68.46 -0.81
C SER B 738 -8.79 68.86 -1.53
N ASN B 739 -8.85 69.99 -2.27
CA ASN B 739 -7.74 70.58 -3.02
C ASN B 739 -7.09 69.60 -4.05
N MET B 740 -7.94 68.84 -4.75
CA MET B 740 -7.51 67.97 -5.85
C MET B 740 -7.98 68.70 -7.12
N ALA B 741 -7.62 68.19 -8.31
CA ALA B 741 -8.02 68.83 -9.56
C ALA B 741 -9.52 68.67 -9.88
N ALA B 742 -10.26 67.80 -9.14
CA ALA B 742 -11.69 67.54 -9.37
C ALA B 742 -12.62 68.01 -8.22
N THR B 743 -12.40 69.26 -7.71
CA THR B 743 -13.22 69.79 -6.61
C THR B 743 -14.62 70.05 -7.13
N ALA B 744 -15.65 69.34 -6.59
CA ALA B 744 -17.04 69.45 -7.05
C ALA B 744 -18.05 69.65 -5.92
N ALA B 745 -19.10 70.47 -6.21
CA ALA B 745 -20.15 70.82 -5.27
C ALA B 745 -21.10 69.67 -4.97
N PHE B 746 -21.45 68.88 -5.99
CA PHE B 746 -22.34 67.73 -5.84
C PHE B 746 -21.66 66.39 -6.21
N ASN B 747 -22.31 65.27 -5.86
CA ASN B 747 -21.77 63.93 -6.13
C ASN B 747 -21.80 63.60 -7.62
N LYS B 748 -22.94 63.91 -8.28
CA LYS B 748 -23.11 63.70 -9.72
C LYS B 748 -21.92 64.26 -10.56
N ASP B 749 -21.39 65.43 -10.17
CA ASP B 749 -20.30 66.11 -10.86
C ASP B 749 -18.92 65.54 -10.57
N ALA B 750 -18.74 64.79 -9.46
CA ALA B 750 -17.44 64.27 -9.04
C ALA B 750 -16.76 63.48 -10.16
N LEU B 751 -17.50 62.48 -10.69
CA LEU B 751 -17.05 61.60 -11.77
C LEU B 751 -16.49 62.35 -12.97
N LEU B 752 -17.35 63.16 -13.61
CA LEU B 752 -16.98 63.96 -14.79
C LEU B 752 -15.84 64.98 -14.49
N ASN B 753 -15.80 65.53 -13.27
CA ASN B 753 -14.74 66.46 -12.88
C ASN B 753 -13.40 65.72 -12.86
N TRP B 754 -13.43 64.44 -12.37
CA TRP B 754 -12.25 63.57 -12.34
C TRP B 754 -11.76 63.32 -13.77
N LEU B 755 -12.70 63.13 -14.71
CA LEU B 755 -12.36 62.93 -16.11
C LEU B 755 -11.83 64.19 -16.78
N LYS B 756 -12.37 65.37 -16.45
CA LYS B 756 -11.85 66.63 -17.02
C LYS B 756 -10.39 66.82 -16.61
N SER B 757 -10.09 66.59 -15.31
CA SER B 757 -8.73 66.69 -14.78
C SER B 757 -7.74 65.69 -15.39
N LYS B 758 -8.19 64.45 -15.70
CA LYS B 758 -7.32 63.44 -16.29
C LYS B 758 -7.28 63.52 -17.84
N ASN B 759 -8.33 64.08 -18.48
CA ASN B 759 -8.42 64.21 -19.94
C ASN B 759 -8.82 65.65 -20.33
N PRO B 760 -7.88 66.63 -20.18
CA PRO B 760 -8.20 68.01 -20.52
C PRO B 760 -8.23 68.31 -22.03
N GLY B 761 -8.98 69.34 -22.41
CA GLY B 761 -9.08 69.81 -23.78
C GLY B 761 -10.00 68.95 -24.63
N GLU B 762 -9.56 68.62 -25.86
CA GLU B 762 -10.33 67.80 -26.80
C GLU B 762 -10.41 66.35 -26.34
N ALA B 763 -9.43 65.91 -25.52
CA ALA B 763 -9.34 64.57 -24.95
C ALA B 763 -10.57 64.10 -24.19
N LEU B 764 -11.41 65.02 -23.69
CA LEU B 764 -12.57 64.63 -22.90
C LEU B 764 -13.68 63.95 -23.69
N ASP B 765 -13.93 64.31 -24.95
CA ASP B 765 -15.00 63.65 -25.74
C ASP B 765 -14.66 62.18 -26.04
N ARG B 766 -13.34 61.88 -26.14
CA ARG B 766 -12.83 60.51 -26.36
C ARG B 766 -13.13 59.72 -25.06
N ALA B 767 -12.68 60.27 -23.93
CA ALA B 767 -12.91 59.68 -22.61
C ALA B 767 -14.40 59.41 -22.30
N ILE B 768 -15.32 60.28 -22.77
CA ILE B 768 -16.75 60.07 -22.50
C ILE B 768 -17.26 58.97 -23.44
N GLU B 769 -16.71 58.90 -24.66
CA GLU B 769 -17.08 57.82 -25.58
C GLU B 769 -16.59 56.50 -24.94
N GLU B 770 -15.32 56.49 -24.44
CA GLU B 770 -14.74 55.35 -23.74
C GLU B 770 -15.62 54.94 -22.58
N PHE B 771 -15.99 55.91 -21.74
CA PHE B 771 -16.87 55.67 -20.59
C PHE B 771 -18.25 55.05 -20.99
N THR B 772 -18.83 55.56 -22.07
CA THR B 772 -20.17 55.14 -22.50
C THR B 772 -20.20 53.71 -22.99
N LEU B 773 -19.19 53.34 -23.80
CA LEU B 773 -19.09 52.00 -24.40
C LEU B 773 -18.85 50.95 -23.31
N SER B 774 -17.82 51.19 -22.49
CA SER B 774 -17.44 50.34 -21.37
C SER B 774 -18.60 50.19 -20.38
N CYS B 775 -19.29 51.27 -20.08
CA CYS B 775 -20.44 51.23 -19.20
C CYS B 775 -21.52 50.36 -19.79
N ALA B 776 -21.77 50.45 -21.11
CA ALA B 776 -22.79 49.63 -21.78
C ALA B 776 -22.48 48.17 -21.62
N GLY B 777 -21.24 47.79 -21.97
CA GLY B 777 -20.80 46.42 -21.86
C GLY B 777 -20.87 45.94 -20.42
N TYR B 778 -20.41 46.73 -19.45
CA TYR B 778 -20.42 46.28 -18.07
C TYR B 778 -21.85 46.21 -17.50
N CYS B 779 -22.78 47.02 -18.04
CA CYS B 779 -24.19 46.96 -17.63
C CYS B 779 -24.78 45.66 -18.16
N VAL B 780 -24.48 45.33 -19.42
CA VAL B 780 -24.96 44.10 -20.06
C VAL B 780 -24.30 42.86 -19.41
N ALA B 781 -22.97 42.91 -19.23
CA ALA B 781 -22.22 41.78 -18.66
C ALA B 781 -22.66 41.45 -17.23
N THR B 782 -22.79 42.48 -16.38
CA THR B 782 -23.22 42.25 -15.00
C THR B 782 -24.65 41.77 -14.96
N TYR B 783 -25.49 42.20 -15.93
CA TYR B 783 -26.89 41.77 -16.00
C TYR B 783 -27.01 40.29 -16.43
N VAL B 784 -26.32 39.91 -17.50
CA VAL B 784 -26.34 38.54 -18.02
C VAL B 784 -25.78 37.57 -16.95
N LEU B 785 -24.59 37.88 -16.37
CA LEU B 785 -23.92 37.05 -15.36
C LEU B 785 -24.51 37.23 -13.95
N GLY B 786 -25.35 38.26 -13.76
CA GLY B 786 -25.99 38.51 -12.49
C GLY B 786 -24.99 38.76 -11.40
N ILE B 787 -24.20 39.83 -11.53
CA ILE B 787 -23.16 40.18 -10.56
C ILE B 787 -23.71 41.27 -9.61
N GLY B 788 -24.09 40.87 -8.36
CA GLY B 788 -24.64 41.77 -7.33
C GLY B 788 -23.58 42.40 -6.40
N ASP B 789 -24.06 43.19 -5.41
CA ASP B 789 -23.23 43.92 -4.43
C ASP B 789 -22.29 44.89 -5.17
N ARG B 790 -22.87 45.71 -6.04
CA ARG B 790 -22.12 46.63 -6.86
C ARG B 790 -22.12 48.05 -6.27
N HIS B 791 -21.20 48.30 -5.33
CA HIS B 791 -21.04 49.62 -4.70
C HIS B 791 -19.90 50.37 -5.38
N SER B 792 -19.71 51.64 -5.00
CA SER B 792 -18.65 52.48 -5.57
C SER B 792 -17.24 52.00 -5.21
N ASP B 793 -17.10 51.21 -4.13
CA ASP B 793 -15.80 50.69 -3.72
C ASP B 793 -15.29 49.60 -4.64
N ASN B 794 -16.18 48.91 -5.39
CA ASN B 794 -15.78 47.80 -6.30
C ASN B 794 -16.12 48.07 -7.76
N ILE B 795 -16.37 49.33 -8.14
CA ILE B 795 -16.56 49.76 -9.53
C ILE B 795 -15.38 50.70 -9.77
N MET B 796 -14.71 50.57 -10.92
CA MET B 796 -13.50 51.34 -11.25
C MET B 796 -13.61 52.08 -12.55
N ILE B 797 -12.74 53.03 -12.70
CA ILE B 797 -12.70 53.85 -13.89
C ILE B 797 -11.26 54.14 -14.24
N ARG B 798 -10.91 54.08 -15.53
CA ARG B 798 -9.55 54.32 -15.95
C ARG B 798 -9.37 55.78 -16.21
N GLU B 799 -8.12 56.25 -16.17
CA GLU B 799 -7.80 57.64 -16.49
C GLU B 799 -8.21 57.96 -17.93
N SER B 800 -8.31 56.91 -18.80
CA SER B 800 -8.76 56.99 -20.20
C SER B 800 -10.29 57.11 -20.30
N GLY B 801 -11.01 57.00 -19.16
CA GLY B 801 -12.46 57.11 -19.12
C GLY B 801 -13.18 55.78 -19.12
N GLN B 802 -12.46 54.64 -19.27
CA GLN B 802 -13.09 53.32 -19.32
C GLN B 802 -13.58 52.79 -17.95
N LEU B 803 -14.87 52.42 -17.84
CA LEU B 803 -15.41 51.82 -16.63
C LEU B 803 -15.10 50.29 -16.57
N PHE B 804 -14.88 49.76 -15.35
CA PHE B 804 -14.68 48.32 -15.15
C PHE B 804 -15.03 47.92 -13.74
N HIS B 805 -15.43 46.66 -13.55
CA HIS B 805 -15.83 46.16 -12.24
C HIS B 805 -14.78 45.23 -11.69
N ILE B 806 -14.74 45.10 -10.36
CA ILE B 806 -13.80 44.23 -9.63
C ILE B 806 -14.54 43.46 -8.52
N ASP B 807 -13.85 42.49 -7.89
CA ASP B 807 -14.40 41.67 -6.81
C ASP B 807 -15.66 40.95 -7.24
N PHE B 808 -15.48 39.90 -8.03
CA PHE B 808 -16.57 39.07 -8.54
C PHE B 808 -16.73 37.82 -7.69
N GLY B 809 -16.91 38.01 -6.39
CA GLY B 809 -17.05 36.92 -5.44
C GLY B 809 -18.44 36.30 -5.48
N HIS B 810 -19.47 37.07 -5.90
CA HIS B 810 -20.85 36.58 -5.98
C HIS B 810 -21.46 36.82 -7.37
N PHE B 811 -21.80 35.72 -8.10
CA PHE B 811 -22.41 35.81 -9.41
C PHE B 811 -23.65 34.93 -9.52
N LEU B 812 -24.40 35.05 -10.64
CA LEU B 812 -25.66 34.32 -10.91
C LEU B 812 -26.71 34.62 -9.85
N GLY B 813 -26.81 35.90 -9.42
CA GLY B 813 -27.77 36.36 -8.40
C GLY B 813 -27.79 35.51 -7.11
N ASN B 814 -26.62 35.34 -6.45
CA ASN B 814 -26.44 34.57 -5.21
C ASN B 814 -25.66 35.40 -4.17
N PHE B 815 -26.13 36.63 -3.88
CA PHE B 815 -25.52 37.58 -2.91
C PHE B 815 -25.21 36.94 -1.54
N ARG B 825 -31.91 36.96 -7.99
CA ARG B 825 -32.38 37.44 -9.29
C ARG B 825 -32.13 38.97 -9.41
N VAL B 826 -30.98 39.34 -10.00
CA VAL B 826 -30.55 40.75 -10.09
C VAL B 826 -31.14 41.41 -11.35
N PRO B 827 -31.57 42.69 -11.24
CA PRO B 827 -32.12 43.40 -12.39
C PRO B 827 -31.03 44.10 -13.17
N PHE B 828 -31.43 44.81 -14.24
CA PHE B 828 -30.48 45.62 -15.01
C PHE B 828 -30.21 46.85 -14.12
N ILE B 829 -28.97 47.33 -14.04
CA ILE B 829 -28.63 48.45 -13.16
C ILE B 829 -28.04 49.61 -13.93
N LEU B 830 -28.42 50.83 -13.53
CA LEU B 830 -27.91 52.10 -14.07
C LEU B 830 -27.81 53.12 -12.92
N THR B 831 -26.63 53.74 -12.73
CA THR B 831 -26.42 54.76 -11.70
C THR B 831 -26.58 56.11 -12.34
N TYR B 832 -27.18 57.09 -11.63
CA TYR B 832 -27.36 58.42 -12.22
C TYR B 832 -26.02 59.13 -12.45
N ASP B 833 -25.03 58.87 -11.60
CA ASP B 833 -23.69 59.45 -11.74
C ASP B 833 -23.01 59.04 -13.08
N PHE B 834 -23.40 57.86 -13.64
CA PHE B 834 -22.90 57.38 -14.93
C PHE B 834 -23.70 58.01 -16.05
N VAL B 835 -25.05 58.01 -15.90
CA VAL B 835 -25.95 58.62 -16.90
C VAL B 835 -25.51 60.08 -17.16
N HIS B 836 -25.22 60.82 -16.08
CA HIS B 836 -24.75 62.20 -16.13
C HIS B 836 -23.48 62.34 -16.99
N VAL B 837 -22.51 61.40 -16.84
CA VAL B 837 -21.25 61.42 -17.61
C VAL B 837 -21.54 61.03 -19.05
N ILE B 838 -22.35 59.98 -19.27
CA ILE B 838 -22.79 59.55 -20.61
C ILE B 838 -23.41 60.75 -21.35
N GLN B 839 -24.21 61.59 -20.63
CA GLN B 839 -24.88 62.79 -21.17
C GLN B 839 -24.00 64.05 -21.23
N GLN B 840 -22.68 63.91 -21.14
CA GLN B 840 -21.70 65.02 -21.22
C GLN B 840 -21.89 66.09 -20.12
N GLY B 841 -22.44 65.69 -18.96
CA GLY B 841 -22.65 66.60 -17.83
C GLY B 841 -23.88 67.53 -17.99
N LYS B 842 -24.91 67.07 -18.70
CA LYS B 842 -26.15 67.82 -18.94
C LYS B 842 -27.31 66.98 -18.45
N THR B 843 -28.34 67.61 -17.86
CA THR B 843 -29.53 66.90 -17.35
C THR B 843 -30.38 66.34 -18.51
N ASN B 844 -30.22 66.91 -19.74
CA ASN B 844 -30.95 66.44 -20.91
C ASN B 844 -30.09 66.44 -22.19
N ASN B 845 -29.57 65.24 -22.52
CA ASN B 845 -28.78 64.97 -23.72
C ASN B 845 -29.25 63.61 -24.25
N SER B 846 -30.54 63.56 -24.67
CA SER B 846 -31.23 62.36 -25.19
C SER B 846 -30.53 61.78 -26.43
N GLU B 847 -29.82 62.65 -27.19
CA GLU B 847 -29.03 62.28 -28.36
C GLU B 847 -28.02 61.19 -27.96
N LYS B 848 -27.21 61.48 -26.93
CA LYS B 848 -26.19 60.57 -26.39
C LYS B 848 -26.81 59.37 -25.69
N PHE B 849 -27.92 59.59 -24.98
CA PHE B 849 -28.57 58.55 -24.21
C PHE B 849 -29.12 57.43 -25.09
N GLU B 850 -29.60 57.78 -26.29
CA GLU B 850 -30.12 56.76 -27.20
C GLU B 850 -28.97 55.99 -27.87
N ARG B 851 -27.82 56.66 -28.14
CA ARG B 851 -26.65 55.94 -28.66
C ARG B 851 -26.29 54.89 -27.60
N PHE B 852 -26.19 55.33 -26.33
CA PHE B 852 -25.86 54.46 -25.20
C PHE B 852 -26.80 53.27 -25.12
N ARG B 853 -28.11 53.55 -25.05
CA ARG B 853 -29.14 52.51 -24.98
C ARG B 853 -28.97 51.57 -26.19
N GLY B 854 -28.52 52.12 -27.36
CA GLY B 854 -28.27 51.34 -28.57
C GLY B 854 -27.14 50.30 -28.37
N TYR B 855 -26.03 50.72 -27.71
CA TYR B 855 -24.93 49.81 -27.43
C TYR B 855 -25.38 48.67 -26.51
N CYS B 856 -26.22 49.00 -25.49
CA CYS B 856 -26.75 47.99 -24.56
C CYS B 856 -27.65 47.03 -25.26
N GLU B 857 -28.36 47.50 -26.29
CA GLU B 857 -29.27 46.65 -27.06
C GLU B 857 -28.47 45.79 -28.03
N ARG B 858 -27.47 46.39 -28.75
CA ARG B 858 -26.62 45.62 -29.69
C ARG B 858 -25.90 44.50 -28.96
N ALA B 859 -25.17 44.88 -27.89
CA ALA B 859 -24.44 43.96 -27.04
C ALA B 859 -25.31 42.79 -26.55
N TYR B 860 -26.44 43.08 -25.92
CA TYR B 860 -27.29 42.04 -25.37
C TYR B 860 -27.78 41.01 -26.41
N THR B 861 -28.22 41.48 -27.58
CA THR B 861 -28.68 40.55 -28.62
C THR B 861 -27.51 39.69 -29.12
N ILE B 862 -26.31 40.30 -29.32
CA ILE B 862 -25.14 39.56 -29.80
C ILE B 862 -24.88 38.34 -28.90
N LEU B 863 -24.93 38.55 -27.57
CA LEU B 863 -24.73 37.44 -26.63
C LEU B 863 -25.83 36.38 -26.76
N ARG B 864 -27.12 36.78 -26.98
CA ARG B 864 -28.19 35.80 -27.12
C ARG B 864 -27.95 34.83 -28.26
N ARG B 865 -27.38 35.31 -29.38
CA ARG B 865 -27.09 34.45 -30.53
C ARG B 865 -26.04 33.39 -30.15
N HIS B 866 -25.18 33.72 -29.16
CA HIS B 866 -24.15 32.85 -28.61
C HIS B 866 -24.57 32.20 -27.29
N GLY B 867 -25.82 32.39 -26.85
CA GLY B 867 -26.33 31.81 -25.61
C GLY B 867 -25.86 30.40 -25.35
N LEU B 868 -25.79 29.54 -26.41
CA LEU B 868 -25.35 28.15 -26.26
C LEU B 868 -23.88 28.03 -25.89
N LEU B 869 -23.00 28.89 -26.40
CA LEU B 869 -21.59 28.80 -26.01
C LEU B 869 -21.48 29.03 -24.51
N PHE B 870 -22.09 30.12 -24.02
CA PHE B 870 -22.09 30.42 -22.59
C PHE B 870 -22.66 29.25 -21.81
N LEU B 871 -23.75 28.63 -22.32
CA LEU B 871 -24.34 27.46 -21.67
C LEU B 871 -23.45 26.23 -21.73
N HIS B 872 -22.82 25.97 -22.88
CA HIS B 872 -21.94 24.83 -23.05
C HIS B 872 -20.72 24.94 -22.15
N LEU B 873 -20.15 26.15 -22.00
CA LEU B 873 -18.97 26.34 -21.15
C LEU B 873 -19.35 26.27 -19.66
N PHE B 874 -20.50 26.87 -19.28
CA PHE B 874 -20.97 26.79 -17.89
C PHE B 874 -21.37 25.37 -17.49
N ALA B 875 -21.68 24.52 -18.46
CA ALA B 875 -22.05 23.14 -18.17
C ALA B 875 -20.84 22.30 -17.79
N LEU B 876 -19.65 22.61 -18.35
CA LEU B 876 -18.42 21.89 -18.02
C LEU B 876 -17.83 22.34 -16.66
N MET B 877 -18.24 23.54 -16.16
CA MET B 877 -17.81 24.07 -14.86
C MET B 877 -18.61 23.45 -13.68
N ARG B 878 -19.58 22.56 -13.94
CA ARG B 878 -20.28 21.89 -12.85
C ARG B 878 -19.37 20.78 -12.25
N ALA B 879 -18.22 20.51 -12.92
CA ALA B 879 -17.17 19.60 -12.44
C ALA B 879 -16.33 20.27 -11.35
N ALA B 880 -16.00 21.57 -11.55
CA ALA B 880 -15.15 22.37 -10.65
C ALA B 880 -15.62 22.40 -9.20
N GLY B 881 -16.94 22.52 -8.98
CA GLY B 881 -17.50 22.55 -7.63
C GLY B 881 -17.36 23.91 -6.95
N LEU B 882 -17.83 24.97 -7.62
CA LEU B 882 -17.85 26.32 -7.04
C LEU B 882 -19.17 26.39 -6.26
N PRO B 883 -19.26 27.15 -5.14
CA PRO B 883 -20.54 27.19 -4.39
C PRO B 883 -21.75 27.60 -5.24
N GLU B 884 -21.55 28.52 -6.21
CA GLU B 884 -22.63 29.05 -7.03
C GLU B 884 -22.71 28.50 -8.46
N LEU B 885 -21.98 27.41 -8.77
CA LEU B 885 -22.08 26.74 -10.07
C LEU B 885 -22.11 25.22 -9.76
N SER B 886 -23.12 24.85 -8.94
CA SER B 886 -23.31 23.53 -8.40
C SER B 886 -24.56 22.77 -8.92
N CYS B 887 -25.44 23.41 -9.72
CA CYS B 887 -26.65 22.73 -10.19
C CYS B 887 -27.24 23.36 -11.44
N SER B 888 -28.31 22.73 -11.96
CA SER B 888 -29.03 23.21 -13.13
C SER B 888 -29.76 24.51 -12.84
N LYS B 889 -30.10 24.79 -11.56
CA LYS B 889 -30.77 26.03 -11.18
C LYS B 889 -29.85 27.24 -11.46
N ASP B 890 -28.53 27.04 -11.33
CA ASP B 890 -27.54 28.10 -11.61
C ASP B 890 -27.38 28.29 -13.14
N ILE B 891 -27.46 27.19 -13.93
CA ILE B 891 -27.44 27.28 -15.40
C ILE B 891 -28.77 27.96 -15.86
N GLN B 892 -29.87 27.72 -15.12
CA GLN B 892 -31.18 28.31 -15.44
C GLN B 892 -31.15 29.83 -15.36
N TYR B 893 -30.30 30.41 -14.51
CA TYR B 893 -30.20 31.86 -14.40
C TYR B 893 -29.83 32.46 -15.75
N LEU B 894 -28.78 31.91 -16.40
CA LEU B 894 -28.32 32.37 -17.73
C LEU B 894 -29.40 32.20 -18.80
N LYS B 895 -30.16 31.08 -18.75
CA LYS B 895 -31.25 30.91 -19.70
C LYS B 895 -32.23 32.07 -19.50
N ASP B 896 -32.54 32.41 -18.26
CA ASP B 896 -33.45 33.50 -17.94
C ASP B 896 -32.94 34.89 -18.33
N SER B 897 -31.68 35.22 -18.02
N SER B 897 -31.66 35.21 -18.03
CA SER B 897 -31.13 36.54 -18.32
CA SER B 897 -31.08 36.52 -18.35
C SER B 897 -31.08 36.78 -19.83
C SER B 897 -31.12 36.76 -19.85
N LEU B 898 -30.58 35.80 -20.62
CA LEU B 898 -30.52 35.88 -22.08
C LEU B 898 -31.84 35.53 -22.76
N ALA B 899 -32.76 34.81 -22.10
CA ALA B 899 -34.08 34.42 -22.64
C ALA B 899 -33.94 33.60 -23.92
N LEU B 900 -33.30 32.42 -23.84
CA LEU B 900 -33.05 31.61 -25.03
C LEU B 900 -34.28 30.91 -25.58
N GLY B 901 -35.24 30.54 -24.70
CA GLY B 901 -36.51 29.93 -25.11
C GLY B 901 -37.33 30.91 -25.97
N LYS B 902 -37.20 32.22 -25.70
CA LYS B 902 -37.85 33.30 -26.44
C LYS B 902 -37.12 33.56 -27.76
N THR B 903 -37.78 34.31 -28.66
CA THR B 903 -37.20 34.69 -29.95
C THR B 903 -36.46 36.01 -29.76
N GLU B 904 -35.85 36.54 -30.84
CA GLU B 904 -35.13 37.81 -30.78
C GLU B 904 -36.08 38.97 -30.49
N GLU B 905 -37.22 38.97 -31.19
CA GLU B 905 -38.30 39.96 -31.08
C GLU B 905 -38.81 40.08 -29.63
N GLU B 906 -39.04 38.92 -29.01
CA GLU B 906 -39.56 38.85 -27.64
C GLU B 906 -38.50 39.25 -26.61
N ALA B 907 -37.27 38.73 -26.75
CA ALA B 907 -36.20 39.00 -25.80
C ALA B 907 -35.76 40.47 -25.82
N LEU B 908 -35.74 41.10 -27.00
CA LEU B 908 -35.34 42.50 -27.14
C LEU B 908 -36.40 43.40 -26.57
N LYS B 909 -37.67 43.11 -26.88
CA LYS B 909 -38.84 43.84 -26.38
C LYS B 909 -38.89 43.76 -24.84
N HIS B 910 -38.61 42.56 -24.29
CA HIS B 910 -38.56 42.30 -22.84
C HIS B 910 -37.40 43.05 -22.20
N PHE B 911 -36.23 43.11 -22.90
CA PHE B 911 -35.04 43.81 -22.42
C PHE B 911 -35.25 45.33 -22.41
N ARG B 912 -35.97 45.91 -23.40
CA ARG B 912 -36.25 47.36 -23.42
C ARG B 912 -37.03 47.80 -22.18
N VAL B 913 -37.96 46.95 -21.70
CA VAL B 913 -38.75 47.20 -20.50
C VAL B 913 -37.81 47.17 -19.29
N LYS B 914 -36.92 46.14 -19.20
CA LYS B 914 -35.94 46.00 -18.10
C LYS B 914 -35.01 47.21 -18.07
N PHE B 915 -34.55 47.67 -19.25
CA PHE B 915 -33.69 48.85 -19.40
C PHE B 915 -34.42 50.09 -18.90
N ASN B 916 -35.71 50.25 -19.29
CA ASN B 916 -36.52 51.38 -18.87
C ASN B 916 -36.71 51.33 -17.36
N GLU B 917 -37.06 50.14 -16.82
CA GLU B 917 -37.24 49.94 -15.38
C GLU B 917 -36.01 50.34 -14.57
N ALA B 918 -34.80 50.05 -15.07
CA ALA B 918 -33.55 50.44 -14.41
C ALA B 918 -33.38 51.96 -14.44
N LEU B 919 -33.86 52.62 -15.52
CA LEU B 919 -33.79 54.07 -15.71
C LEU B 919 -34.79 54.80 -14.78
N ARG B 920 -36.00 54.21 -14.56
CA ARG B 920 -37.02 54.79 -13.66
C ARG B 920 -36.55 54.77 -12.20
N GLU B 921 -35.96 53.62 -11.77
CA GLU B 921 -35.43 53.45 -10.41
C GLU B 921 -34.20 54.35 -10.16
N SER B 922 -33.47 54.72 -11.22
CA SER B 922 -32.31 55.59 -11.13
C SER B 922 -32.75 57.05 -10.87
N TRP B 923 -33.19 57.34 -9.62
CA TRP B 923 -33.68 58.65 -9.15
C TRP B 923 -34.68 59.29 -10.11
#